data_1WQA
#
_entry.id   1WQA
#
_cell.length_a   77.653
_cell.length_b   137.916
_cell.length_c   98.409
_cell.angle_alpha   90.00
_cell.angle_beta   93.27
_cell.angle_gamma   90.00
#
_symmetry.space_group_name_H-M   'P 1 21 1'
#
loop_
_entity.id
_entity.type
_entity.pdbx_description
1 polymer 'phospho-sugar mutase'
2 non-polymer 'MAGNESIUM ION'
3 water water
#
_entity_poly.entity_id   1
_entity_poly.type   'polypeptide(L)'
_entity_poly.pdbx_seq_one_letter_code
;MGKLFGTFGVRGIANEKITPEFAMKIGMAFGTLLKREGRKKPLVVVGRDTRVSGEMLKEALISGLLSVGCDVIDVGIAPT
PAVQWATKHFNADGGAVITASHNPPEYNGIKLLEPNGMGLKKEREAIVEELFFKEDFDRAKWYEIGEVRREDIIKPYIEA
IKSKVDVEAIKKRKPFVVVDTSNGAGSLTLPYLLRELGCKVITVNAQPDGYFPARNPEPNEENLKEFMEIVKALGADFGV
AQDGDADRAVFIDENGRFIQGDKTFALVADAVLKEKGGGLLVTTVATSNLLDDIAKKHGAKVMRTKVGDLIVARALYENN
GTIGGEENGGVIFPEHVLGRDGAMTVAKVVEIFAKSGKKFSELIDELPKYYQIKTKRHVEGDRHAIVNKVAEMARERGYT
VDTTDGAKIIFEDGWVLVRASGTEPIIRIFSEAKSKEKAQEYLNLGIELLEKALS
;
_entity_poly.pdbx_strand_id   A,B,C,D
#
# COMPACT_ATOMS: atom_id res chain seq x y z
N MET A 1 36.04 15.03 -31.07
CA MET A 1 36.81 14.01 -31.85
C MET A 1 37.34 14.53 -33.20
N GLY A 2 37.52 15.84 -33.33
CA GLY A 2 37.93 16.47 -34.58
C GLY A 2 36.85 17.51 -34.58
N LYS A 3 36.83 18.25 -33.49
CA LYS A 3 35.76 19.13 -33.20
C LYS A 3 34.70 18.07 -33.24
N LEU A 4 33.64 18.22 -34.00
CA LEU A 4 32.57 17.22 -33.96
C LEU A 4 32.78 15.69 -34.18
N PHE A 5 33.01 15.26 -35.41
CA PHE A 5 33.13 13.83 -35.75
C PHE A 5 34.47 13.12 -35.58
N GLY A 6 34.37 11.82 -35.32
CA GLY A 6 35.52 10.95 -35.17
C GLY A 6 35.82 10.31 -36.52
N THR A 7 36.41 9.11 -36.53
CA THR A 7 36.75 8.41 -37.78
C THR A 7 35.54 8.01 -38.63
N PHE A 8 34.47 7.57 -37.99
CA PHE A 8 33.25 7.21 -38.67
C PHE A 8 32.08 7.53 -37.74
N GLY A 9 31.65 8.79 -37.75
CA GLY A 9 30.57 9.21 -36.87
C GLY A 9 31.07 9.80 -35.56
N VAL A 10 30.15 10.09 -34.67
CA VAL A 10 30.48 10.67 -33.39
C VAL A 10 29.74 9.91 -32.31
N ARG A 11 30.35 9.78 -31.13
CA ARG A 11 29.71 9.10 -30.03
C ARG A 11 30.06 9.80 -28.74
N GLY A 12 29.30 9.46 -27.70
CA GLY A 12 29.51 10.04 -26.39
C GLY A 12 28.41 9.51 -25.49
N ILE A 13 28.36 9.97 -24.26
CA ILE A 13 27.34 9.52 -23.34
C ILE A 13 26.00 10.21 -23.61
N ALA A 14 24.92 9.42 -23.63
CA ALA A 14 23.58 9.95 -23.89
C ALA A 14 23.24 10.94 -22.79
N ASN A 15 22.65 12.07 -23.18
CA ASN A 15 22.26 13.14 -22.27
C ASN A 15 23.44 13.91 -21.66
N GLU A 16 24.64 13.66 -22.16
CA GLU A 16 25.78 14.45 -21.70
C GLU A 16 26.26 15.10 -22.99
N LYS A 17 27.15 14.45 -23.72
CA LYS A 17 27.51 15.02 -25.01
C LYS A 17 26.37 14.75 -26.05
N ILE A 18 25.85 13.54 -26.06
CA ILE A 18 24.84 13.21 -27.06
C ILE A 18 23.45 13.46 -26.52
N THR A 19 23.03 14.71 -26.62
CA THR A 19 21.71 15.12 -26.13
C THR A 19 20.75 15.20 -27.32
N PRO A 20 19.47 15.47 -27.05
CA PRO A 20 18.47 15.58 -28.12
C PRO A 20 18.83 16.82 -28.94
N GLU A 21 19.29 17.89 -28.28
CA GLU A 21 19.65 19.11 -29.04
C GLU A 21 20.80 18.77 -30.02
N PHE A 22 21.75 17.97 -29.56
CA PHE A 22 22.88 17.58 -30.38
C PHE A 22 22.39 16.81 -31.62
N ALA A 23 21.53 15.81 -31.41
CA ALA A 23 20.99 15.02 -32.51
C ALA A 23 20.18 15.89 -33.47
N MET A 24 19.36 16.77 -32.92
CA MET A 24 18.55 17.66 -33.77
C MET A 24 19.42 18.57 -34.63
N LYS A 25 20.48 19.13 -34.04
CA LYS A 25 21.36 20.03 -34.80
C LYS A 25 22.09 19.25 -35.89
N ILE A 26 22.49 18.01 -35.60
CA ILE A 26 23.14 17.20 -36.61
C ILE A 26 22.15 17.01 -37.78
N GLY A 27 20.89 16.73 -37.46
CA GLY A 27 19.92 16.56 -38.53
C GLY A 27 19.73 17.85 -39.35
N MET A 28 19.65 18.99 -38.67
CA MET A 28 19.46 20.24 -39.41
C MET A 28 20.69 20.60 -40.28
N ALA A 29 21.88 20.30 -39.78
CA ALA A 29 23.09 20.60 -40.53
C ALA A 29 23.19 19.68 -41.75
N PHE A 30 22.93 18.38 -41.55
CA PHE A 30 23.01 17.42 -42.65
C PHE A 30 21.97 17.76 -43.72
N GLY A 31 20.75 18.03 -43.30
CA GLY A 31 19.69 18.37 -44.25
C GLY A 31 20.02 19.64 -45.02
N THR A 32 20.59 20.63 -44.33
CA THR A 32 20.94 21.89 -44.99
C THR A 32 22.03 21.59 -46.03
N LEU A 33 23.04 20.81 -45.67
CA LEU A 33 24.08 20.46 -46.64
C LEU A 33 23.46 19.80 -47.88
N LEU A 34 22.60 18.82 -47.66
CA LEU A 34 21.97 18.12 -48.77
C LEU A 34 21.24 19.06 -49.69
N LYS A 35 20.58 20.07 -49.14
CA LYS A 35 19.85 21.02 -49.97
C LYS A 35 20.81 21.95 -50.72
N ARG A 36 21.81 22.46 -50.03
CA ARG A 36 22.78 23.36 -50.68
C ARG A 36 23.59 22.69 -51.78
N GLU A 37 23.66 21.37 -51.77
CA GLU A 37 24.37 20.65 -52.82
C GLU A 37 23.49 20.59 -54.07
N GLY A 38 22.27 21.13 -53.99
CA GLY A 38 21.39 21.15 -55.16
C GLY A 38 20.16 20.27 -55.15
N ARG A 39 19.73 19.83 -53.98
CA ARG A 39 18.53 18.99 -53.91
C ARG A 39 17.39 19.79 -53.31
N LYS A 40 16.28 19.88 -54.02
CA LYS A 40 15.11 20.65 -53.56
C LYS A 40 14.51 20.03 -52.30
N LYS A 41 14.37 18.71 -52.33
CA LYS A 41 13.78 17.98 -51.19
C LYS A 41 14.51 16.67 -50.99
N PRO A 42 15.58 16.71 -50.19
CA PRO A 42 16.38 15.51 -49.91
C PRO A 42 15.56 14.39 -49.27
N LEU A 43 15.98 13.15 -49.52
CA LEU A 43 15.36 11.96 -48.91
C LEU A 43 16.46 11.36 -48.07
N VAL A 44 16.21 11.21 -46.77
CA VAL A 44 17.18 10.65 -45.86
C VAL A 44 16.63 9.42 -45.10
N VAL A 45 17.42 8.35 -45.10
CA VAL A 45 17.07 7.11 -44.39
C VAL A 45 17.66 7.21 -42.98
N VAL A 46 16.86 6.86 -41.99
CA VAL A 46 17.30 6.92 -40.60
C VAL A 46 16.98 5.59 -39.92
N GLY A 47 18.00 5.05 -39.26
CA GLY A 47 17.86 3.81 -38.52
C GLY A 47 18.63 3.89 -37.20
N ARG A 48 18.50 2.85 -36.37
CA ARG A 48 19.17 2.88 -35.09
C ARG A 48 19.42 1.49 -34.54
N ASP A 49 20.24 1.36 -33.50
CA ASP A 49 20.43 0.02 -32.92
C ASP A 49 19.46 -0.18 -31.75
N THR A 50 19.74 -1.11 -30.85
CA THR A 50 18.84 -1.39 -29.72
C THR A 50 19.02 -0.52 -28.47
N ARG A 51 19.94 0.46 -28.50
CA ARG A 51 20.19 1.28 -27.31
C ARG A 51 18.95 1.98 -26.76
N VAL A 52 18.91 2.07 -25.43
CA VAL A 52 17.78 2.68 -24.73
C VAL A 52 17.54 4.14 -25.03
N SER A 53 18.58 4.86 -25.41
CA SER A 53 18.44 6.27 -25.75
C SER A 53 18.18 6.49 -27.25
N GLY A 54 18.18 5.41 -28.02
CA GLY A 54 17.97 5.52 -29.46
C GLY A 54 16.67 6.16 -29.92
N GLU A 55 15.54 5.75 -29.33
CA GLU A 55 14.27 6.33 -29.75
C GLU A 55 14.21 7.84 -29.56
N MET A 56 14.65 8.29 -28.39
CA MET A 56 14.63 9.71 -28.10
C MET A 56 15.53 10.53 -29.04
N LEU A 57 16.72 10.02 -29.33
CA LEU A 57 17.64 10.71 -30.22
C LEU A 57 17.17 10.64 -31.67
N LYS A 58 16.51 9.53 -32.03
CA LYS A 58 15.98 9.39 -33.39
C LYS A 58 14.88 10.41 -33.63
N GLU A 59 14.01 10.63 -32.65
CA GLU A 59 12.95 11.61 -32.82
C GLU A 59 13.55 13.01 -32.99
N ALA A 60 14.56 13.32 -32.19
CA ALA A 60 15.22 14.63 -32.29
C ALA A 60 15.86 14.80 -33.66
N LEU A 61 16.61 13.80 -34.11
CA LEU A 61 17.28 13.88 -35.41
C LEU A 61 16.26 14.04 -36.53
N ILE A 62 15.23 13.20 -36.53
CA ILE A 62 14.21 13.30 -37.57
C ILE A 62 13.49 14.64 -37.52
N SER A 63 13.16 15.12 -36.32
CA SER A 63 12.51 16.43 -36.23
C SER A 63 13.40 17.47 -36.92
N GLY A 64 14.71 17.41 -36.64
CA GLY A 64 15.61 18.37 -37.28
C GLY A 64 15.56 18.29 -38.82
N LEU A 65 15.68 17.07 -39.34
CA LEU A 65 15.66 16.86 -40.79
C LEU A 65 14.35 17.37 -41.42
N LEU A 66 13.21 17.02 -40.83
CA LEU A 66 11.97 17.48 -41.42
C LEU A 66 11.88 19.01 -41.40
N SER A 67 12.37 19.62 -40.32
CA SER A 67 12.30 21.08 -40.18
C SER A 67 13.10 21.81 -41.24
N VAL A 68 14.10 21.14 -41.81
CA VAL A 68 14.89 21.78 -42.88
C VAL A 68 14.48 21.31 -44.27
N GLY A 69 13.30 20.73 -44.36
CA GLY A 69 12.79 20.32 -45.65
C GLY A 69 13.14 18.97 -46.22
N CYS A 70 13.65 18.06 -45.41
CA CYS A 70 13.98 16.73 -45.91
C CYS A 70 12.90 15.71 -45.60
N ASP A 71 12.60 14.85 -46.58
CA ASP A 71 11.69 13.74 -46.37
C ASP A 71 12.56 12.66 -45.67
N VAL A 72 11.92 11.84 -44.83
CA VAL A 72 12.63 10.83 -44.08
C VAL A 72 11.99 9.45 -44.13
N ILE A 73 12.82 8.44 -44.23
CA ILE A 73 12.36 7.07 -44.15
C ILE A 73 12.97 6.52 -42.86
N ASP A 74 12.11 6.22 -41.89
CA ASP A 74 12.56 5.68 -40.61
C ASP A 74 12.53 4.17 -40.74
N VAL A 75 13.71 3.53 -40.78
CA VAL A 75 13.76 2.08 -40.90
C VAL A 75 13.79 1.37 -39.54
N GLY A 76 13.55 2.13 -38.48
CA GLY A 76 13.51 1.56 -37.15
C GLY A 76 14.82 0.97 -36.65
N ILE A 77 14.73 -0.18 -35.99
CA ILE A 77 15.91 -0.85 -35.44
C ILE A 77 16.50 -1.85 -36.43
N ALA A 78 17.75 -1.63 -36.80
CA ALA A 78 18.41 -2.54 -37.73
C ALA A 78 19.93 -2.43 -37.65
N PRO A 79 20.63 -3.48 -38.09
CA PRO A 79 22.10 -3.45 -38.07
C PRO A 79 22.55 -2.25 -38.91
N THR A 80 23.67 -1.67 -38.53
CA THR A 80 24.23 -0.54 -39.26
C THR A 80 24.35 -0.83 -40.76
N PRO A 81 24.90 -2.00 -41.14
CA PRO A 81 25.04 -2.35 -42.55
C PRO A 81 23.67 -2.44 -43.25
N ALA A 82 22.61 -2.73 -42.50
CA ALA A 82 21.26 -2.83 -43.09
C ALA A 82 20.76 -1.42 -43.38
N VAL A 83 21.10 -0.49 -42.52
CA VAL A 83 20.70 0.90 -42.71
C VAL A 83 21.48 1.46 -43.90
N GLN A 84 22.74 1.06 -44.04
CA GLN A 84 23.54 1.52 -45.17
C GLN A 84 22.96 0.90 -46.43
N TRP A 85 22.62 -0.38 -46.33
CA TRP A 85 22.01 -1.08 -47.48
C TRP A 85 20.71 -0.40 -47.88
N ALA A 86 19.91 -0.02 -46.89
CA ALA A 86 18.62 0.63 -47.14
C ALA A 86 18.76 2.00 -47.76
N THR A 87 19.79 2.74 -47.36
CA THR A 87 20.03 4.07 -47.92
C THR A 87 20.18 3.95 -49.43
N LYS A 88 20.96 2.98 -49.88
CA LYS A 88 21.13 2.76 -51.32
C LYS A 88 19.84 2.20 -51.92
N HIS A 89 19.25 1.22 -51.24
CA HIS A 89 18.03 0.57 -51.68
C HIS A 89 16.91 1.56 -52.01
N PHE A 90 16.67 2.54 -51.13
CA PHE A 90 15.60 3.49 -51.35
C PHE A 90 16.02 4.71 -52.19
N ASN A 91 17.23 4.65 -52.74
CA ASN A 91 17.71 5.75 -53.57
C ASN A 91 17.66 7.05 -52.80
N ALA A 92 18.08 7.00 -51.55
CA ALA A 92 18.07 8.20 -50.71
C ALA A 92 19.26 9.11 -51.04
N ASP A 93 19.22 10.34 -50.55
CA ASP A 93 20.31 11.27 -50.78
C ASP A 93 21.31 11.16 -49.66
N GLY A 94 20.90 10.47 -48.59
CA GLY A 94 21.81 10.28 -47.48
C GLY A 94 21.16 9.41 -46.44
N GLY A 95 21.95 9.05 -45.42
CA GLY A 95 21.43 8.22 -44.35
C GLY A 95 22.07 8.58 -43.02
N ALA A 96 21.45 8.14 -41.93
CA ALA A 96 21.96 8.41 -40.59
C ALA A 96 21.66 7.20 -39.73
N VAL A 97 22.64 6.80 -38.92
CA VAL A 97 22.49 5.65 -38.03
C VAL A 97 22.75 6.14 -36.60
N ILE A 98 21.77 5.92 -35.71
CA ILE A 98 21.91 6.31 -34.31
C ILE A 98 22.47 5.09 -33.60
N THR A 99 23.75 5.12 -33.28
CA THR A 99 24.37 3.95 -32.65
C THR A 99 25.74 4.34 -32.06
N ALA A 100 26.20 3.58 -31.07
CA ALA A 100 27.53 3.74 -30.45
C ALA A 100 28.23 2.37 -30.56
N SER A 101 27.72 1.54 -31.46
CA SER A 101 28.31 0.23 -31.77
C SER A 101 28.55 -0.85 -30.70
N HIS A 102 29.77 -0.90 -30.18
CA HIS A 102 30.12 -1.92 -29.19
C HIS A 102 30.26 -1.33 -27.79
N ASN A 103 30.01 -0.04 -27.64
CA ASN A 103 30.18 0.62 -26.36
C ASN A 103 29.13 0.28 -25.31
N PRO A 104 29.41 0.59 -24.03
CA PRO A 104 28.49 0.31 -22.92
C PRO A 104 27.14 1.01 -23.20
N PRO A 105 26.06 0.54 -22.53
CA PRO A 105 24.67 1.03 -22.65
C PRO A 105 24.44 2.54 -22.58
N GLU A 106 25.22 3.27 -21.77
CA GLU A 106 25.04 4.72 -21.61
C GLU A 106 25.48 5.52 -22.84
N TYR A 107 26.23 4.89 -23.73
CA TYR A 107 26.71 5.60 -24.93
C TYR A 107 25.76 5.50 -26.11
N ASN A 108 25.85 6.50 -26.98
CA ASN A 108 25.12 6.47 -28.24
C ASN A 108 25.86 7.42 -29.17
N GLY A 109 25.43 7.50 -30.43
CA GLY A 109 26.12 8.37 -31.36
C GLY A 109 25.39 8.42 -32.69
N ILE A 110 26.01 9.07 -33.66
CA ILE A 110 25.42 9.21 -34.99
C ILE A 110 26.48 9.01 -36.08
N LYS A 111 26.11 8.26 -37.11
CA LYS A 111 26.95 8.01 -38.28
C LYS A 111 26.17 8.54 -39.46
N LEU A 112 26.78 9.39 -40.29
CA LEU A 112 26.11 9.93 -41.47
C LEU A 112 26.60 9.16 -42.68
N LEU A 113 25.73 9.01 -43.67
CA LEU A 113 26.02 8.23 -44.86
C LEU A 113 25.82 8.94 -46.19
N GLU A 114 26.63 8.52 -47.17
CA GLU A 114 26.57 9.02 -48.55
C GLU A 114 25.30 8.40 -49.16
N PRO A 115 24.89 8.89 -50.35
CA PRO A 115 23.69 8.36 -51.02
C PRO A 115 23.82 6.84 -51.24
N ASN A 116 25.05 6.34 -51.45
CA ASN A 116 25.16 4.89 -51.66
C ASN A 116 25.29 4.09 -50.39
N GLY A 117 25.14 4.75 -49.24
CA GLY A 117 25.25 4.03 -47.98
C GLY A 117 26.62 4.05 -47.30
N MET A 118 27.68 4.43 -47.98
CA MET A 118 28.95 4.41 -47.28
C MET A 118 29.14 5.60 -46.34
N GLY A 119 30.03 5.42 -45.36
CA GLY A 119 30.30 6.50 -44.42
C GLY A 119 30.47 7.81 -45.18
N LEU A 120 29.97 8.91 -44.60
CA LEU A 120 30.02 10.23 -45.23
C LEU A 120 31.46 10.63 -45.55
N LYS A 121 31.69 11.20 -46.72
CA LYS A 121 33.05 11.63 -47.12
C LYS A 121 33.53 12.77 -46.23
N LYS A 122 34.83 12.76 -45.91
CA LYS A 122 35.40 13.79 -45.04
C LYS A 122 35.13 15.20 -45.46
N GLU A 123 35.20 15.48 -46.76
CA GLU A 123 34.96 16.84 -47.22
C GLU A 123 33.53 17.31 -46.94
N ARG A 124 32.58 16.40 -47.07
CA ARG A 124 31.19 16.77 -46.80
C ARG A 124 30.96 16.83 -45.31
N GLU A 125 31.59 15.94 -44.57
CA GLU A 125 31.47 15.94 -43.14
C GLU A 125 32.00 17.26 -42.55
N ALA A 126 33.00 17.85 -43.21
CA ALA A 126 33.61 19.13 -42.76
C ALA A 126 32.57 20.24 -42.83
N ILE A 127 31.78 20.21 -43.89
CA ILE A 127 30.72 21.20 -44.05
C ILE A 127 29.63 20.97 -43.00
N VAL A 128 29.27 19.72 -42.77
CA VAL A 128 28.25 19.44 -41.74
C VAL A 128 28.70 20.04 -40.39
N GLU A 129 29.97 19.82 -40.00
CA GLU A 129 30.50 20.35 -38.75
C GLU A 129 30.39 21.85 -38.71
N GLU A 130 30.77 22.47 -39.81
CA GLU A 130 30.72 23.92 -39.89
C GLU A 130 29.29 24.43 -39.69
N LEU A 131 28.31 23.82 -40.37
CA LEU A 131 26.92 24.26 -40.22
C LEU A 131 26.43 23.98 -38.79
N PHE A 132 26.84 22.85 -38.22
CA PHE A 132 26.47 22.48 -36.85
C PHE A 132 26.97 23.54 -35.84
N PHE A 133 28.21 23.96 -35.96
CA PHE A 133 28.73 24.97 -35.02
C PHE A 133 28.14 26.35 -35.22
N LYS A 134 28.05 26.78 -36.47
CA LYS A 134 27.47 28.10 -36.74
C LYS A 134 25.95 28.11 -36.57
N GLU A 135 25.34 26.93 -36.57
CA GLU A 135 23.87 26.79 -36.54
C GLU A 135 23.34 27.55 -37.75
N ASP A 136 24.00 27.33 -38.88
CA ASP A 136 23.62 27.93 -40.15
C ASP A 136 22.72 26.90 -40.84
N PHE A 137 21.43 26.96 -40.52
CA PHE A 137 20.47 26.01 -41.08
C PHE A 137 19.44 26.64 -42.02
N ASP A 138 19.11 25.93 -43.10
CA ASP A 138 18.10 26.42 -44.02
C ASP A 138 16.76 25.84 -43.61
N ARG A 139 16.11 26.51 -42.66
CA ARG A 139 14.82 26.07 -42.16
C ARG A 139 13.77 26.13 -43.28
N ALA A 140 12.94 25.10 -43.36
CA ALA A 140 11.93 25.08 -44.41
C ALA A 140 10.80 26.05 -44.18
N LYS A 141 10.17 26.48 -45.27
CA LYS A 141 8.96 27.29 -45.17
C LYS A 141 7.92 26.28 -44.68
N TRP A 142 6.85 26.74 -44.05
CA TRP A 142 5.83 25.84 -43.52
C TRP A 142 5.31 24.80 -44.49
N TYR A 143 5.07 25.20 -45.74
CA TYR A 143 4.57 24.26 -46.74
C TYR A 143 5.64 23.40 -47.39
N GLU A 144 6.90 23.52 -46.95
CA GLU A 144 8.01 22.70 -47.50
C GLU A 144 8.59 21.78 -46.38
N ILE A 145 7.96 21.75 -45.21
CA ILE A 145 8.47 20.90 -44.14
C ILE A 145 8.42 19.44 -44.63
N GLY A 146 9.46 18.66 -44.37
CA GLY A 146 9.44 17.28 -44.86
C GLY A 146 8.43 16.35 -44.21
N GLU A 147 8.28 15.16 -44.78
CA GLU A 147 7.38 14.15 -44.26
C GLU A 147 8.17 12.89 -43.93
N VAL A 148 7.67 12.12 -42.99
CA VAL A 148 8.34 10.91 -42.61
C VAL A 148 7.45 9.69 -42.78
N ARG A 149 8.04 8.56 -43.16
CA ARG A 149 7.28 7.32 -43.27
C ARG A 149 8.18 6.22 -42.73
N ARG A 150 7.56 5.11 -42.31
CA ARG A 150 8.29 3.99 -41.78
C ARG A 150 8.39 2.86 -42.80
N GLU A 151 9.54 2.19 -42.80
CA GLU A 151 9.76 1.05 -43.68
C GLU A 151 10.42 -0.05 -42.85
N ASP A 152 9.95 -1.28 -43.02
CA ASP A 152 10.52 -2.42 -42.32
C ASP A 152 11.47 -3.04 -43.37
N ILE A 153 12.76 -3.08 -43.07
CA ILE A 153 13.75 -3.57 -44.05
C ILE A 153 14.38 -4.92 -43.72
N ILE A 154 13.93 -5.54 -42.65
CA ILE A 154 14.51 -6.79 -42.22
C ILE A 154 14.44 -7.87 -43.31
N LYS A 155 13.23 -8.15 -43.80
CA LYS A 155 13.13 -9.18 -44.82
C LYS A 155 13.87 -8.81 -46.11
N PRO A 156 13.70 -7.58 -46.59
CA PRO A 156 14.40 -7.18 -47.82
C PRO A 156 15.94 -7.32 -47.67
N TYR A 157 16.45 -6.98 -46.50
CA TYR A 157 17.89 -7.05 -46.26
C TYR A 157 18.33 -8.51 -46.27
N ILE A 158 17.61 -9.35 -45.52
CA ILE A 158 17.96 -10.76 -45.48
C ILE A 158 17.90 -11.34 -46.90
N GLU A 159 16.84 -11.05 -47.65
CA GLU A 159 16.73 -11.56 -49.02
C GLU A 159 17.88 -11.05 -49.91
N ALA A 160 18.33 -9.82 -49.69
CA ALA A 160 19.45 -9.30 -50.50
C ALA A 160 20.73 -10.11 -50.23
N ILE A 161 20.95 -10.51 -48.98
CA ILE A 161 22.13 -11.29 -48.66
C ILE A 161 22.00 -12.72 -49.26
N LYS A 162 20.85 -13.35 -49.06
CA LYS A 162 20.65 -14.71 -49.57
C LYS A 162 20.89 -14.84 -51.06
N SER A 163 20.48 -13.83 -51.82
CA SER A 163 20.64 -13.85 -53.26
C SER A 163 22.10 -13.92 -53.67
N LYS A 164 22.97 -13.68 -52.71
CA LYS A 164 24.40 -13.68 -53.00
C LYS A 164 25.09 -15.01 -52.79
N VAL A 165 24.44 -15.94 -52.12
CA VAL A 165 25.08 -17.22 -51.87
C VAL A 165 24.30 -18.44 -52.36
N ASP A 166 24.98 -19.57 -52.36
CA ASP A 166 24.44 -20.84 -52.81
C ASP A 166 23.60 -21.49 -51.71
N VAL A 167 22.35 -21.07 -51.61
CA VAL A 167 21.45 -21.60 -50.58
C VAL A 167 21.22 -23.11 -50.70
N GLU A 168 21.13 -23.64 -51.91
CA GLU A 168 20.88 -25.06 -52.04
C GLU A 168 22.06 -25.86 -51.48
N ALA A 169 23.27 -25.36 -51.72
CA ALA A 169 24.44 -26.05 -51.21
C ALA A 169 24.44 -26.05 -49.66
N ILE A 170 24.06 -24.92 -49.08
CA ILE A 170 24.02 -24.79 -47.64
C ILE A 170 22.94 -25.68 -47.02
N LYS A 171 21.75 -25.69 -47.62
CA LYS A 171 20.64 -26.51 -47.12
C LYS A 171 21.05 -27.98 -47.17
N LYS A 172 21.79 -28.35 -48.22
CA LYS A 172 22.22 -29.74 -48.38
C LYS A 172 23.14 -30.17 -47.24
N ARG A 173 24.05 -29.30 -46.87
CA ARG A 173 24.98 -29.61 -45.80
C ARG A 173 24.33 -29.46 -44.42
N LYS A 174 23.46 -28.46 -44.29
CA LYS A 174 22.78 -28.15 -43.04
C LYS A 174 23.78 -27.88 -41.91
N PRO A 175 24.62 -26.85 -42.08
CA PRO A 175 25.58 -26.61 -41.00
C PRO A 175 24.91 -26.23 -39.68
N PHE A 176 25.54 -26.62 -38.57
CA PHE A 176 25.01 -26.34 -37.26
C PHE A 176 25.82 -25.16 -36.72
N VAL A 177 25.19 -23.98 -36.67
CA VAL A 177 25.86 -22.78 -36.22
C VAL A 177 25.24 -22.19 -34.96
N VAL A 178 26.10 -21.78 -34.02
CA VAL A 178 25.65 -21.16 -32.78
C VAL A 178 26.00 -19.69 -32.96
N VAL A 179 25.08 -18.81 -32.61
CA VAL A 179 25.28 -17.37 -32.78
C VAL A 179 24.91 -16.55 -31.58
N ASP A 180 25.79 -15.61 -31.24
CA ASP A 180 25.60 -14.69 -30.13
C ASP A 180 25.54 -13.30 -30.72
N THR A 181 24.36 -12.66 -30.63
CA THR A 181 24.15 -11.33 -31.19
C THR A 181 24.23 -10.20 -30.16
N SER A 182 24.69 -10.57 -28.98
CA SER A 182 24.92 -9.64 -27.90
C SER A 182 23.79 -8.64 -27.63
N ASN A 183 22.55 -9.14 -27.63
CA ASN A 183 21.37 -8.30 -27.38
C ASN A 183 21.29 -7.11 -28.36
N GLY A 184 22.05 -7.17 -29.45
CA GLY A 184 22.09 -6.06 -30.39
C GLY A 184 21.16 -6.11 -31.58
N ALA A 185 21.40 -5.22 -32.52
CA ALA A 185 20.57 -5.12 -33.71
C ALA A 185 20.63 -6.38 -34.58
N GLY A 186 21.71 -7.13 -34.46
CA GLY A 186 21.85 -8.36 -35.22
C GLY A 186 20.89 -9.42 -34.72
N SER A 187 20.30 -9.21 -33.53
CA SER A 187 19.34 -10.15 -32.98
C SER A 187 18.13 -10.26 -33.89
N LEU A 188 17.85 -9.19 -34.64
CA LEU A 188 16.70 -9.18 -35.54
C LEU A 188 16.96 -9.77 -36.91
N THR A 189 18.23 -10.06 -37.21
CA THR A 189 18.57 -10.53 -38.54
C THR A 189 19.35 -11.82 -38.68
N LEU A 190 20.52 -11.89 -38.04
CA LEU A 190 21.36 -13.07 -38.24
C LEU A 190 20.73 -14.45 -37.96
N PRO A 191 20.00 -14.61 -36.84
CA PRO A 191 19.39 -15.92 -36.55
C PRO A 191 18.43 -16.38 -37.66
N TYR A 192 17.74 -15.40 -38.25
CA TYR A 192 16.75 -15.68 -39.29
C TYR A 192 17.43 -15.95 -40.62
N LEU A 193 18.46 -15.17 -40.93
CA LEU A 193 19.22 -15.39 -42.13
C LEU A 193 19.83 -16.81 -42.11
N LEU A 194 20.44 -17.18 -40.98
CA LEU A 194 21.07 -18.50 -40.89
C LEU A 194 20.06 -19.63 -41.07
N ARG A 195 18.89 -19.51 -40.42
CA ARG A 195 17.88 -20.55 -40.58
C ARG A 195 17.42 -20.63 -42.03
N GLU A 196 17.17 -19.48 -42.65
CA GLU A 196 16.71 -19.46 -44.05
C GLU A 196 17.76 -19.98 -45.01
N LEU A 197 19.03 -19.86 -44.66
CA LEU A 197 20.09 -20.36 -45.54
C LEU A 197 20.11 -21.89 -45.50
N GLY A 198 19.51 -22.45 -44.45
CA GLY A 198 19.46 -23.89 -44.31
C GLY A 198 20.25 -24.44 -43.13
N CYS A 199 20.64 -23.56 -42.21
CA CYS A 199 21.41 -24.00 -41.04
C CYS A 199 20.54 -24.39 -39.86
N LYS A 200 21.10 -25.23 -38.99
CA LYS A 200 20.44 -25.60 -37.74
C LYS A 200 20.98 -24.44 -36.88
N VAL A 201 20.11 -23.71 -36.20
CA VAL A 201 20.56 -22.55 -35.43
C VAL A 201 20.20 -22.52 -33.96
N ILE A 202 21.19 -22.23 -33.13
CA ILE A 202 21.00 -22.10 -31.68
C ILE A 202 21.51 -20.70 -31.41
N THR A 203 20.82 -19.94 -30.57
CA THR A 203 21.27 -18.58 -30.30
C THR A 203 21.53 -18.32 -28.84
N VAL A 204 22.43 -17.37 -28.60
CA VAL A 204 22.79 -16.93 -27.26
C VAL A 204 22.60 -15.41 -27.25
N ASN A 205 21.89 -14.89 -26.24
CA ASN A 205 21.65 -13.47 -26.10
C ASN A 205 21.05 -12.83 -27.35
N ALA A 206 20.02 -13.47 -27.91
CA ALA A 206 19.41 -12.97 -29.13
C ALA A 206 18.13 -12.16 -28.90
N GLN A 207 17.85 -11.80 -27.65
CA GLN A 207 16.71 -10.96 -27.39
C GLN A 207 17.29 -9.53 -27.46
N PRO A 208 16.69 -8.67 -28.30
CA PRO A 208 17.15 -7.28 -28.44
C PRO A 208 16.96 -6.59 -27.10
N ASP A 209 18.01 -6.01 -26.53
CA ASP A 209 17.86 -5.35 -25.22
C ASP A 209 18.98 -4.35 -25.08
N GLY A 210 18.61 -3.07 -25.16
CA GLY A 210 19.57 -1.99 -25.05
C GLY A 210 20.33 -1.93 -23.73
N TYR A 211 19.88 -2.69 -22.74
CA TYR A 211 20.57 -2.71 -21.46
C TYR A 211 21.80 -3.61 -21.55
N PHE A 212 21.92 -4.35 -22.65
CA PHE A 212 23.00 -5.29 -22.89
C PHE A 212 23.29 -6.16 -21.66
N PRO A 213 22.28 -6.90 -21.18
CA PRO A 213 22.40 -7.77 -20.00
C PRO A 213 23.56 -8.76 -20.03
N ALA A 214 23.86 -9.32 -21.21
CA ALA A 214 24.92 -10.31 -21.27
C ALA A 214 26.28 -9.70 -20.98
N ARG A 215 26.58 -8.56 -21.60
CA ARG A 215 27.87 -7.87 -21.43
C ARG A 215 27.91 -6.72 -22.40
N ASN A 216 28.91 -5.85 -22.27
CA ASN A 216 29.05 -4.75 -23.20
C ASN A 216 29.14 -5.49 -24.51
N PRO A 217 28.46 -5.01 -25.55
CA PRO A 217 28.41 -5.61 -26.87
C PRO A 217 29.68 -5.55 -27.76
N GLU A 218 30.78 -6.05 -27.23
CA GLU A 218 32.05 -6.07 -27.95
C GLU A 218 32.52 -7.53 -27.97
N PRO A 219 32.56 -8.13 -29.17
CA PRO A 219 32.96 -9.52 -29.36
C PRO A 219 34.47 -9.83 -29.33
N ASN A 220 35.19 -9.33 -28.34
CA ASN A 220 36.62 -9.64 -28.26
C ASN A 220 36.77 -11.01 -27.59
N GLU A 221 37.95 -11.63 -27.75
CA GLU A 221 38.15 -12.94 -27.18
C GLU A 221 37.84 -13.04 -25.69
N GLU A 222 38.22 -12.04 -24.92
CA GLU A 222 37.96 -12.04 -23.48
C GLU A 222 36.46 -12.20 -23.18
N ASN A 223 35.64 -11.39 -23.83
CA ASN A 223 34.19 -11.43 -23.60
C ASN A 223 33.51 -12.70 -24.10
N LEU A 224 34.12 -13.39 -25.05
CA LEU A 224 33.53 -14.59 -25.60
C LEU A 224 34.01 -15.88 -24.93
N LYS A 225 34.69 -15.75 -23.79
CA LYS A 225 35.22 -16.93 -23.10
C LYS A 225 34.14 -18.00 -22.91
N GLU A 226 32.99 -17.61 -22.38
CA GLU A 226 31.88 -18.52 -22.15
C GLU A 226 31.27 -19.00 -23.47
N PHE A 227 31.10 -18.07 -24.42
CA PHE A 227 30.54 -18.44 -25.72
C PHE A 227 31.36 -19.53 -26.39
N MET A 228 32.67 -19.41 -26.33
CA MET A 228 33.58 -20.39 -26.93
C MET A 228 33.33 -21.77 -26.33
N GLU A 229 33.17 -21.82 -25.02
CA GLU A 229 32.92 -23.08 -24.34
C GLU A 229 31.59 -23.66 -24.81
N ILE A 230 30.59 -22.79 -24.96
CA ILE A 230 29.27 -23.21 -25.42
C ILE A 230 29.31 -23.79 -26.82
N VAL A 231 30.16 -23.22 -27.68
CA VAL A 231 30.28 -23.71 -29.05
C VAL A 231 30.75 -25.15 -29.04
N LYS A 232 31.72 -25.42 -28.19
CA LYS A 232 32.30 -26.75 -28.09
C LYS A 232 31.33 -27.71 -27.38
N ALA A 233 30.68 -27.22 -26.33
CA ALA A 233 29.74 -28.04 -25.60
C ALA A 233 28.57 -28.51 -26.46
N LEU A 234 28.04 -27.64 -27.30
CA LEU A 234 26.92 -27.99 -28.17
C LEU A 234 27.36 -28.90 -29.31
N GLY A 235 28.66 -28.90 -29.60
CA GLY A 235 29.14 -29.72 -30.70
C GLY A 235 28.75 -29.09 -32.02
N ALA A 236 28.72 -27.75 -32.07
CA ALA A 236 28.36 -27.05 -33.30
C ALA A 236 29.53 -27.05 -34.28
N ASP A 237 29.23 -26.90 -35.56
CA ASP A 237 30.27 -26.86 -36.61
C ASP A 237 31.12 -25.60 -36.42
N PHE A 238 30.51 -24.56 -35.87
CA PHE A 238 31.23 -23.32 -35.57
C PHE A 238 30.30 -22.28 -34.96
N GLY A 239 30.88 -21.22 -34.39
CA GLY A 239 30.08 -20.21 -33.74
C GLY A 239 30.39 -18.85 -34.31
N VAL A 240 29.43 -17.93 -34.19
CA VAL A 240 29.59 -16.57 -34.70
C VAL A 240 29.02 -15.61 -33.67
N ALA A 241 29.73 -14.50 -33.45
CA ALA A 241 29.31 -13.48 -32.50
C ALA A 241 29.41 -12.13 -33.21
N GLN A 242 28.42 -11.26 -32.97
CA GLN A 242 28.41 -9.91 -33.55
C GLN A 242 28.47 -8.88 -32.45
N ASP A 243 28.85 -7.65 -32.82
CA ASP A 243 28.88 -6.53 -31.88
C ASP A 243 27.48 -5.90 -31.86
N GLY A 244 27.31 -4.91 -30.98
CA GLY A 244 26.04 -4.22 -30.81
C GLY A 244 25.27 -3.78 -32.05
N ASP A 245 25.93 -3.13 -33.00
CA ASP A 245 25.19 -2.69 -34.19
C ASP A 245 25.32 -3.66 -35.37
N ALA A 246 25.91 -4.82 -35.10
CA ALA A 246 26.06 -5.89 -36.05
C ALA A 246 26.80 -5.65 -37.37
N ASP A 247 27.79 -4.76 -37.37
CA ASP A 247 28.57 -4.59 -38.57
C ASP A 247 29.70 -5.64 -38.50
N ARG A 248 30.06 -6.07 -37.29
CA ARG A 248 31.12 -7.05 -37.11
C ARG A 248 30.67 -8.49 -36.90
N ALA A 249 31.50 -9.44 -37.31
CA ALA A 249 31.22 -10.85 -37.09
C ALA A 249 32.53 -11.53 -36.72
N VAL A 250 32.50 -12.22 -35.59
CA VAL A 250 33.67 -12.93 -35.09
C VAL A 250 33.36 -14.42 -35.10
N PHE A 251 34.30 -15.22 -35.63
CA PHE A 251 34.12 -16.67 -35.73
C PHE A 251 34.91 -17.51 -34.73
N ILE A 252 34.30 -18.61 -34.31
CA ILE A 252 34.86 -19.56 -33.33
C ILE A 252 34.74 -20.94 -33.99
N ASP A 253 35.83 -21.71 -34.10
CA ASP A 253 35.75 -23.03 -34.74
C ASP A 253 35.14 -24.08 -33.83
N GLU A 254 34.98 -25.30 -34.34
CA GLU A 254 34.34 -26.39 -33.58
C GLU A 254 35.07 -26.76 -32.31
N ASN A 255 36.30 -26.32 -32.15
CA ASN A 255 37.06 -26.64 -30.96
C ASN A 255 37.00 -25.54 -29.93
N GLY A 256 36.18 -24.52 -30.21
CA GLY A 256 36.05 -23.41 -29.29
C GLY A 256 37.22 -22.44 -29.44
N ARG A 257 37.91 -22.49 -30.58
CA ARG A 257 39.04 -21.59 -30.80
C ARG A 257 38.61 -20.29 -31.49
N PHE A 258 39.10 -19.17 -30.95
CA PHE A 258 38.82 -17.85 -31.48
C PHE A 258 39.62 -17.68 -32.75
N ILE A 259 38.95 -17.43 -33.87
CA ILE A 259 39.64 -17.22 -35.15
C ILE A 259 39.89 -15.73 -35.43
N GLN A 260 41.11 -15.42 -35.83
CA GLN A 260 41.46 -14.03 -36.13
C GLN A 260 40.71 -13.56 -37.37
N GLY A 261 40.22 -12.31 -37.33
CA GLY A 261 39.47 -11.73 -38.43
C GLY A 261 40.12 -11.84 -39.80
N ASP A 262 41.43 -11.65 -39.87
CA ASP A 262 42.12 -11.73 -41.16
C ASP A 262 42.04 -13.13 -41.80
N LYS A 263 41.85 -14.17 -41.00
CA LYS A 263 41.73 -15.53 -41.54
C LYS A 263 40.41 -15.73 -42.29
N THR A 264 39.30 -15.30 -41.69
CA THR A 264 38.01 -15.44 -42.36
C THR A 264 37.98 -14.45 -43.54
N PHE A 265 38.66 -13.32 -43.41
CA PHE A 265 38.75 -12.38 -44.54
C PHE A 265 39.44 -13.11 -45.73
N ALA A 266 40.55 -13.80 -45.43
CA ALA A 266 41.30 -14.54 -46.45
C ALA A 266 40.43 -15.63 -47.08
N LEU A 267 39.72 -16.34 -46.21
CA LEU A 267 38.84 -17.42 -46.61
C LEU A 267 37.79 -16.89 -47.62
N VAL A 268 37.20 -15.72 -47.33
CA VAL A 268 36.21 -15.12 -48.20
C VAL A 268 36.82 -14.54 -49.47
N ALA A 269 37.94 -13.85 -49.34
CA ALA A 269 38.62 -13.30 -50.50
C ALA A 269 39.01 -14.42 -51.48
N ASP A 270 39.43 -15.56 -50.93
CA ASP A 270 39.85 -16.70 -51.76
C ASP A 270 38.71 -17.14 -52.66
N ALA A 271 37.52 -17.32 -52.08
CA ALA A 271 36.35 -17.71 -52.84
C ALA A 271 35.90 -16.64 -53.85
N VAL A 272 35.87 -15.39 -53.41
CA VAL A 272 35.44 -14.28 -54.24
C VAL A 272 36.37 -14.03 -55.43
N LEU A 273 37.66 -13.97 -55.15
CA LEU A 273 38.64 -13.76 -56.21
C LEU A 273 38.67 -14.92 -57.20
N LYS A 274 38.42 -16.14 -56.73
CA LYS A 274 38.40 -17.32 -57.61
C LYS A 274 37.19 -17.21 -58.55
N GLU A 275 36.06 -16.78 -58.00
CA GLU A 275 34.85 -16.60 -58.77
C GLU A 275 35.04 -15.60 -59.90
N LYS A 276 35.68 -14.47 -59.60
CA LYS A 276 35.92 -13.44 -60.61
C LYS A 276 37.14 -13.76 -61.47
N GLY A 277 37.97 -14.68 -61.00
CA GLY A 277 39.14 -15.03 -61.78
C GLY A 277 40.09 -13.86 -61.83
N GLY A 278 40.28 -13.25 -60.66
CA GLY A 278 41.17 -12.11 -60.58
C GLY A 278 40.43 -10.97 -59.91
N GLY A 279 40.82 -9.75 -60.26
CA GLY A 279 40.17 -8.58 -59.69
C GLY A 279 41.13 -7.77 -58.83
N LEU A 280 40.57 -7.03 -57.87
CA LEU A 280 41.38 -6.20 -57.01
C LEU A 280 40.97 -6.32 -55.54
N LEU A 281 41.92 -6.69 -54.69
CA LEU A 281 41.67 -6.82 -53.28
C LEU A 281 42.23 -5.58 -52.63
N VAL A 282 41.45 -4.95 -51.77
CA VAL A 282 41.87 -3.72 -51.11
C VAL A 282 41.94 -3.95 -49.61
N THR A 283 43.05 -3.54 -49.00
CA THR A 283 43.18 -3.71 -47.59
C THR A 283 44.19 -2.69 -47.11
N THR A 284 44.57 -2.75 -45.85
CA THR A 284 45.51 -1.77 -45.31
C THR A 284 46.95 -2.29 -45.25
N VAL A 285 47.88 -1.38 -44.96
CA VAL A 285 49.29 -1.77 -44.84
C VAL A 285 49.53 -2.66 -43.63
N ALA A 286 48.59 -2.69 -42.68
CA ALA A 286 48.74 -3.51 -41.48
C ALA A 286 48.15 -4.93 -41.59
N THR A 287 47.58 -5.25 -42.74
CA THR A 287 46.99 -6.57 -42.92
C THR A 287 48.03 -7.64 -43.25
N SER A 288 47.79 -8.86 -42.79
CA SER A 288 48.72 -9.97 -43.02
C SER A 288 49.04 -10.23 -44.49
N ASN A 289 50.26 -10.70 -44.75
CA ASN A 289 50.71 -11.04 -46.11
C ASN A 289 49.86 -12.19 -46.64
N LEU A 290 49.19 -12.91 -45.75
CA LEU A 290 48.31 -13.99 -46.14
C LEU A 290 47.38 -13.51 -47.27
N LEU A 291 46.92 -12.26 -47.17
CA LEU A 291 46.02 -11.72 -48.18
C LEU A 291 46.74 -11.52 -49.51
N ASP A 292 48.03 -11.24 -49.47
CA ASP A 292 48.75 -11.07 -50.72
C ASP A 292 48.82 -12.44 -51.38
N ASP A 293 49.00 -13.47 -50.57
CA ASP A 293 49.09 -14.83 -51.10
C ASP A 293 47.79 -15.23 -51.78
N ILE A 294 46.66 -14.88 -51.16
CA ILE A 294 45.37 -15.25 -51.70
C ILE A 294 45.17 -14.53 -53.02
N ALA A 295 45.55 -13.27 -53.05
CA ALA A 295 45.38 -12.47 -54.26
C ALA A 295 46.23 -13.02 -55.42
N LYS A 296 47.51 -13.31 -55.12
CA LYS A 296 48.45 -13.84 -56.12
C LYS A 296 47.85 -15.12 -56.69
N LYS A 297 47.46 -16.00 -55.79
CA LYS A 297 46.86 -17.26 -56.14
C LYS A 297 45.83 -17.15 -57.27
N HIS A 298 45.10 -16.05 -57.31
CA HIS A 298 44.07 -15.88 -58.33
C HIS A 298 44.39 -14.81 -59.35
N GLY A 299 45.64 -14.33 -59.34
CA GLY A 299 46.04 -13.30 -60.28
C GLY A 299 45.34 -11.97 -60.05
N ALA A 300 45.03 -11.66 -58.80
CA ALA A 300 44.35 -10.40 -58.49
C ALA A 300 45.35 -9.37 -57.97
N LYS A 301 45.09 -8.09 -58.23
CA LYS A 301 45.98 -7.05 -57.76
C LYS A 301 45.65 -6.74 -56.29
N VAL A 302 46.60 -6.16 -55.57
CA VAL A 302 46.36 -5.80 -54.18
C VAL A 302 46.67 -4.31 -53.99
N MET A 303 45.81 -3.61 -53.27
CA MET A 303 46.02 -2.19 -52.96
C MET A 303 46.11 -2.09 -51.44
N ARG A 304 47.18 -1.47 -50.96
CA ARG A 304 47.44 -1.29 -49.54
C ARG A 304 47.25 0.18 -49.18
N THR A 305 46.19 0.47 -48.42
CA THR A 305 45.89 1.86 -48.04
C THR A 305 46.35 2.13 -46.62
N LYS A 306 46.21 3.38 -46.20
CA LYS A 306 46.57 3.75 -44.83
C LYS A 306 45.58 3.05 -43.90
N VAL A 307 45.91 2.99 -42.62
CA VAL A 307 45.03 2.36 -41.65
C VAL A 307 43.99 3.39 -41.24
N GLY A 308 42.76 2.94 -41.02
CA GLY A 308 41.71 3.87 -40.62
C GLY A 308 40.35 3.53 -41.18
N ASP A 309 39.31 3.98 -40.47
CA ASP A 309 37.94 3.74 -40.88
C ASP A 309 37.58 4.43 -42.19
N LEU A 310 36.76 3.73 -42.99
CA LEU A 310 36.26 4.22 -44.28
C LEU A 310 37.31 4.30 -45.38
N ILE A 311 38.57 4.19 -45.03
CA ILE A 311 39.61 4.27 -46.04
C ILE A 311 39.51 3.16 -47.06
N VAL A 312 39.41 1.92 -46.57
CA VAL A 312 39.29 0.77 -47.45
C VAL A 312 38.02 0.87 -48.30
N ALA A 313 36.91 1.19 -47.65
CA ALA A 313 35.62 1.32 -48.36
C ALA A 313 35.71 2.39 -49.46
N ARG A 314 36.31 3.52 -49.13
CA ARG A 314 36.47 4.60 -50.09
C ARG A 314 37.36 4.17 -51.28
N ALA A 315 38.43 3.43 -50.99
CA ALA A 315 39.35 2.96 -52.04
C ALA A 315 38.65 1.91 -52.92
N LEU A 316 37.89 1.01 -52.29
CA LEU A 316 37.15 -0.01 -53.04
C LEU A 316 36.23 0.68 -54.02
N TYR A 317 35.55 1.70 -53.53
CA TYR A 317 34.61 2.47 -54.33
C TYR A 317 35.28 3.25 -55.49
N GLU A 318 36.32 4.02 -55.17
CA GLU A 318 37.04 4.80 -56.18
C GLU A 318 37.76 3.96 -57.24
N ASN A 319 38.12 2.72 -56.90
CA ASN A 319 38.87 1.84 -57.82
C ASN A 319 38.09 0.63 -58.30
N ASN A 320 36.79 0.63 -58.04
CA ASN A 320 35.94 -0.47 -58.45
C ASN A 320 36.58 -1.80 -58.02
N GLY A 321 37.02 -1.85 -56.76
CA GLY A 321 37.65 -3.03 -56.22
C GLY A 321 36.69 -4.19 -56.15
N THR A 322 37.25 -5.39 -56.00
CA THR A 322 36.45 -6.60 -55.96
C THR A 322 36.02 -7.00 -54.55
N ILE A 323 36.97 -6.95 -53.61
CA ILE A 323 36.71 -7.34 -52.24
C ILE A 323 37.64 -6.52 -51.38
N GLY A 324 37.21 -6.20 -50.17
CA GLY A 324 38.04 -5.41 -49.28
C GLY A 324 37.97 -5.89 -47.85
N GLY A 325 38.93 -5.46 -47.05
CA GLY A 325 38.94 -5.86 -45.65
C GLY A 325 40.08 -5.22 -44.92
N GLU A 326 40.25 -5.59 -43.65
CA GLU A 326 41.33 -5.03 -42.84
C GLU A 326 41.95 -6.01 -41.84
N GLU A 327 42.86 -5.49 -41.02
CA GLU A 327 43.56 -6.29 -40.01
C GLU A 327 42.65 -7.25 -39.25
N ASN A 328 41.58 -6.71 -38.67
CA ASN A 328 40.65 -7.52 -37.88
C ASN A 328 39.54 -8.15 -38.71
N GLY A 329 39.69 -8.14 -40.03
CA GLY A 329 38.65 -8.72 -40.87
C GLY A 329 37.78 -7.65 -41.50
N GLY A 330 36.59 -7.45 -40.96
CA GLY A 330 35.72 -6.44 -41.51
C GLY A 330 35.71 -6.48 -43.03
N VAL A 331 35.11 -7.53 -43.58
CA VAL A 331 35.05 -7.68 -45.01
C VAL A 331 33.98 -6.78 -45.59
N ILE A 332 34.29 -6.19 -46.74
CA ILE A 332 33.41 -5.33 -47.48
C ILE A 332 33.15 -5.95 -48.86
N PHE A 333 31.86 -6.20 -49.14
CA PHE A 333 31.41 -6.78 -50.39
C PHE A 333 30.78 -5.62 -51.19
N PRO A 334 31.55 -5.05 -52.14
CA PRO A 334 31.13 -3.94 -52.98
C PRO A 334 29.76 -4.06 -53.63
N GLU A 335 29.37 -5.25 -54.05
CA GLU A 335 28.09 -5.45 -54.72
C GLU A 335 26.92 -5.46 -53.75
N HIS A 336 27.24 -5.62 -52.47
CA HIS A 336 26.22 -5.68 -51.41
C HIS A 336 26.07 -4.28 -50.80
N VAL A 337 27.08 -3.85 -50.07
CA VAL A 337 27.13 -2.50 -49.48
C VAL A 337 28.60 -2.09 -49.26
N LEU A 338 28.93 -0.85 -49.58
CA LEU A 338 30.27 -0.31 -49.43
C LEU A 338 30.52 0.02 -47.96
N GLY A 339 30.46 -1.03 -47.16
CA GLY A 339 30.66 -0.91 -45.73
C GLY A 339 30.82 -2.29 -45.16
N ARG A 340 31.47 -2.40 -44.03
CA ARG A 340 31.66 -3.71 -43.41
C ARG A 340 30.30 -4.34 -43.04
N ASP A 341 30.07 -5.60 -43.43
CA ASP A 341 28.79 -6.23 -43.08
C ASP A 341 29.01 -7.66 -42.64
N GLY A 342 29.12 -7.82 -41.32
CA GLY A 342 29.32 -9.15 -40.77
C GLY A 342 28.28 -10.17 -41.16
N ALA A 343 27.01 -9.79 -41.34
CA ALA A 343 26.02 -10.79 -41.76
C ALA A 343 26.33 -11.37 -43.15
N MET A 344 26.80 -10.53 -44.06
CA MET A 344 27.14 -10.98 -45.43
C MET A 344 28.38 -11.88 -45.33
N THR A 345 29.30 -11.50 -44.45
CA THR A 345 30.48 -12.29 -44.26
C THR A 345 30.10 -13.66 -43.74
N VAL A 346 29.22 -13.72 -42.74
CA VAL A 346 28.80 -15.02 -42.21
C VAL A 346 28.13 -15.87 -43.29
N ALA A 347 27.26 -15.24 -44.09
CA ALA A 347 26.58 -16.00 -45.15
C ALA A 347 27.61 -16.62 -46.09
N LYS A 348 28.62 -15.85 -46.48
CA LYS A 348 29.64 -16.32 -47.43
C LYS A 348 30.49 -17.43 -46.81
N VAL A 349 30.80 -17.29 -45.52
CA VAL A 349 31.57 -18.29 -44.82
C VAL A 349 30.73 -19.56 -44.68
N VAL A 350 29.44 -19.41 -44.39
CA VAL A 350 28.55 -20.57 -44.28
C VAL A 350 28.53 -21.34 -45.64
N GLU A 351 28.47 -20.59 -46.73
CA GLU A 351 28.46 -21.20 -48.06
C GLU A 351 29.79 -21.94 -48.32
N ILE A 352 30.91 -21.28 -48.01
CA ILE A 352 32.22 -21.87 -48.22
C ILE A 352 32.33 -23.17 -47.40
N PHE A 353 31.89 -23.12 -46.15
CA PHE A 353 31.91 -24.31 -45.28
C PHE A 353 31.05 -25.44 -45.88
N ALA A 354 29.84 -25.11 -46.27
CA ALA A 354 28.92 -26.11 -46.83
C ALA A 354 29.46 -26.76 -48.11
N LYS A 355 30.31 -26.06 -48.86
CA LYS A 355 30.88 -26.58 -50.10
C LYS A 355 32.25 -27.26 -49.95
N SER A 356 32.89 -27.02 -48.82
CA SER A 356 34.23 -27.56 -48.57
C SER A 356 34.27 -29.03 -48.20
N GLY A 357 33.26 -29.49 -47.46
CA GLY A 357 33.26 -30.86 -47.00
C GLY A 357 34.31 -31.04 -45.92
N LYS A 358 34.72 -29.94 -45.30
CA LYS A 358 35.74 -29.98 -44.25
C LYS A 358 35.23 -29.44 -42.93
N LYS A 359 36.07 -29.46 -41.92
CA LYS A 359 35.71 -28.90 -40.62
C LYS A 359 36.17 -27.46 -40.61
N PHE A 360 35.46 -26.59 -39.88
CA PHE A 360 35.83 -25.18 -39.85
C PHE A 360 37.31 -24.99 -39.52
N SER A 361 37.79 -25.70 -38.50
CA SER A 361 39.21 -25.60 -38.11
C SER A 361 40.16 -25.91 -39.29
N GLU A 362 39.79 -26.88 -40.12
CA GLU A 362 40.63 -27.26 -41.26
C GLU A 362 40.69 -26.14 -42.30
N LEU A 363 39.53 -25.54 -42.59
CA LEU A 363 39.49 -24.43 -43.54
C LEU A 363 40.46 -23.35 -43.09
N ILE A 364 40.53 -23.10 -41.78
CA ILE A 364 41.42 -22.07 -41.27
C ILE A 364 42.88 -22.50 -41.28
N ASP A 365 43.15 -23.67 -40.73
CA ASP A 365 44.52 -24.18 -40.66
C ASP A 365 45.19 -24.46 -42.00
N GLU A 366 44.39 -24.69 -43.03
CA GLU A 366 44.92 -24.96 -44.37
C GLU A 366 45.43 -23.70 -45.06
N LEU A 367 45.14 -22.54 -44.49
CA LEU A 367 45.59 -21.28 -45.07
C LEU A 367 47.07 -21.09 -44.74
N PRO A 368 47.83 -20.43 -45.65
CA PRO A 368 49.27 -20.18 -45.43
C PRO A 368 49.48 -19.65 -44.01
N LYS A 369 50.42 -20.24 -43.28
CA LYS A 369 50.69 -19.85 -41.91
C LYS A 369 51.64 -18.68 -41.76
N TYR A 370 51.29 -17.79 -40.83
CA TYR A 370 52.08 -16.60 -40.52
C TYR A 370 52.04 -16.39 -39.01
N TYR A 371 53.06 -15.75 -38.47
CA TYR A 371 53.11 -15.46 -37.04
C TYR A 371 53.34 -13.96 -36.87
N GLN A 372 52.64 -13.35 -35.93
CA GLN A 372 52.79 -11.92 -35.71
C GLN A 372 52.85 -11.56 -34.23
N ILE A 373 53.53 -10.44 -33.94
CA ILE A 373 53.66 -9.96 -32.57
C ILE A 373 53.38 -8.45 -32.57
N LYS A 374 52.88 -7.95 -31.44
CA LYS A 374 52.55 -6.53 -31.33
C LYS A 374 53.10 -5.92 -30.06
N THR A 375 53.38 -4.62 -30.12
CA THR A 375 53.91 -3.88 -28.98
C THR A 375 53.51 -2.42 -29.11
N LYS A 376 53.39 -1.74 -27.97
CA LYS A 376 53.04 -0.33 -27.97
C LYS A 376 53.95 0.42 -27.00
N ARG A 377 54.55 1.50 -27.47
CA ARG A 377 55.44 2.31 -26.64
C ARG A 377 54.95 3.75 -26.60
N HIS A 378 54.88 4.31 -25.39
CA HIS A 378 54.43 5.69 -25.20
C HIS A 378 55.44 6.69 -25.74
N VAL A 379 54.99 7.57 -26.62
CA VAL A 379 55.86 8.58 -27.21
C VAL A 379 55.16 9.93 -27.31
N GLU A 380 55.86 10.96 -26.88
CA GLU A 380 55.32 12.31 -26.93
C GLU A 380 56.09 13.15 -27.94
N GLY A 381 55.71 14.41 -28.07
CA GLY A 381 56.37 15.28 -29.01
C GLY A 381 55.94 15.00 -30.44
N ASP A 382 56.87 15.17 -31.38
CA ASP A 382 56.58 14.93 -32.79
C ASP A 382 56.63 13.43 -33.08
N ARG A 383 55.84 12.69 -32.32
CA ARG A 383 55.71 11.24 -32.43
C ARG A 383 55.76 10.74 -33.87
N HIS A 384 55.23 11.53 -34.79
CA HIS A 384 55.21 11.16 -36.20
C HIS A 384 56.58 11.33 -36.86
N ALA A 385 57.28 12.41 -36.54
CA ALA A 385 58.60 12.66 -37.10
C ALA A 385 59.57 11.56 -36.64
N ILE A 386 59.26 10.99 -35.48
CA ILE A 386 60.07 9.93 -34.93
C ILE A 386 60.01 8.71 -35.85
N VAL A 387 58.83 8.40 -36.36
CA VAL A 387 58.64 7.27 -37.26
C VAL A 387 59.36 7.53 -38.57
N ASN A 388 59.38 8.79 -38.99
CA ASN A 388 60.05 9.19 -40.23
C ASN A 388 61.54 8.92 -40.13
N LYS A 389 62.10 9.14 -38.95
CA LYS A 389 63.52 8.92 -38.71
C LYS A 389 63.84 7.42 -38.79
N VAL A 390 62.97 6.60 -38.20
CA VAL A 390 63.15 5.16 -38.22
C VAL A 390 63.23 4.67 -39.66
N ALA A 391 62.46 5.31 -40.54
CA ALA A 391 62.43 4.97 -41.95
C ALA A 391 63.78 5.32 -42.60
N GLU A 392 64.25 6.54 -42.36
CA GLU A 392 65.54 6.99 -42.91
C GLU A 392 66.63 6.00 -42.55
N MET A 393 66.81 5.77 -41.25
CA MET A 393 67.81 4.84 -40.77
C MET A 393 67.67 3.50 -41.48
N ALA A 394 66.49 2.91 -41.38
CA ALA A 394 66.23 1.61 -42.01
C ALA A 394 66.71 1.62 -43.45
N ARG A 395 66.37 2.65 -44.20
CA ARG A 395 66.78 2.76 -45.58
C ARG A 395 68.31 2.84 -45.64
N GLU A 396 68.89 3.70 -44.81
CA GLU A 396 70.35 3.87 -44.77
C GLU A 396 71.08 2.56 -44.50
N ARG A 397 70.44 1.69 -43.72
CA ARG A 397 71.03 0.40 -43.38
C ARG A 397 70.75 -0.67 -44.41
N GLY A 398 70.19 -0.27 -45.55
CA GLY A 398 69.91 -1.20 -46.63
C GLY A 398 68.55 -1.87 -46.61
N TYR A 399 67.67 -1.44 -45.72
CA TYR A 399 66.32 -2.02 -45.61
C TYR A 399 65.31 -1.42 -46.58
N THR A 400 64.40 -2.26 -47.08
CA THR A 400 63.35 -1.81 -47.98
C THR A 400 62.23 -1.29 -47.09
N VAL A 401 61.95 0.00 -47.17
CA VAL A 401 60.90 0.58 -46.33
C VAL A 401 59.73 1.12 -47.13
N ASP A 402 58.52 0.77 -46.67
CA ASP A 402 57.29 1.22 -47.31
C ASP A 402 56.68 2.26 -46.38
N THR A 403 56.61 3.50 -46.83
CA THR A 403 56.07 4.57 -45.99
C THR A 403 54.64 5.00 -46.31
N THR A 404 53.83 4.06 -46.79
CA THR A 404 52.43 4.36 -47.11
C THR A 404 51.72 4.87 -45.86
N ASP A 405 51.96 4.22 -44.73
CA ASP A 405 51.35 4.61 -43.47
C ASP A 405 52.31 4.21 -42.35
N GLY A 406 53.29 5.06 -42.07
CA GLY A 406 54.26 4.73 -41.06
C GLY A 406 55.47 4.12 -41.73
N ALA A 407 56.29 3.41 -40.94
CA ALA A 407 57.50 2.78 -41.45
C ALA A 407 57.37 1.26 -41.48
N LYS A 408 57.18 0.71 -42.67
CA LYS A 408 57.02 -0.73 -42.79
C LYS A 408 58.23 -1.36 -43.46
N ILE A 409 59.10 -1.99 -42.66
CA ILE A 409 60.29 -2.64 -43.18
C ILE A 409 59.87 -3.96 -43.82
N ILE A 410 60.06 -4.03 -45.14
CA ILE A 410 59.66 -5.20 -45.93
C ILE A 410 60.71 -6.26 -46.17
N PHE A 411 60.38 -7.49 -45.79
CA PHE A 411 61.27 -8.63 -45.99
C PHE A 411 60.56 -9.59 -46.95
N GLU A 412 61.23 -10.68 -47.30
CA GLU A 412 60.64 -11.67 -48.20
C GLU A 412 59.69 -12.55 -47.40
N ASP A 413 60.18 -12.94 -46.22
CA ASP A 413 59.49 -13.80 -45.27
C ASP A 413 58.38 -13.05 -44.50
N GLY A 414 58.57 -11.74 -44.30
CA GLY A 414 57.58 -10.99 -43.55
C GLY A 414 57.84 -9.49 -43.52
N TRP A 415 57.57 -8.86 -42.38
CA TRP A 415 57.77 -7.42 -42.26
C TRP A 415 57.64 -6.89 -40.83
N VAL A 416 57.93 -5.59 -40.69
CA VAL A 416 57.83 -4.93 -39.39
C VAL A 416 57.25 -3.54 -39.63
N LEU A 417 56.22 -3.19 -38.88
CA LEU A 417 55.58 -1.88 -39.01
C LEU A 417 55.68 -1.03 -37.76
N VAL A 418 56.15 0.20 -37.95
CA VAL A 418 56.29 1.17 -36.87
C VAL A 418 55.40 2.34 -37.25
N ARG A 419 54.20 2.38 -36.68
CA ARG A 419 53.24 3.41 -36.99
C ARG A 419 52.80 4.17 -35.73
N ALA A 420 52.66 5.48 -35.87
CA ALA A 420 52.25 6.31 -34.76
C ALA A 420 50.73 6.49 -34.74
N SER A 421 50.13 6.20 -33.60
CA SER A 421 48.68 6.33 -33.45
C SER A 421 48.30 7.75 -33.81
N GLY A 422 47.12 7.92 -34.40
CA GLY A 422 46.68 9.25 -34.77
C GLY A 422 45.90 9.91 -33.65
N THR A 423 45.73 9.21 -32.54
CA THR A 423 44.99 9.74 -31.40
C THR A 423 45.79 9.70 -30.10
N GLU A 424 46.18 8.50 -29.67
CA GLU A 424 46.94 8.35 -28.44
C GLU A 424 48.44 8.51 -28.67
N PRO A 425 49.17 9.03 -27.67
CA PRO A 425 50.64 9.24 -27.74
C PRO A 425 51.40 7.92 -27.78
N ILE A 426 51.06 7.08 -28.77
CA ILE A 426 51.69 5.78 -28.92
C ILE A 426 52.29 5.62 -30.32
N ILE A 427 53.22 4.68 -30.44
CA ILE A 427 53.89 4.41 -31.69
C ILE A 427 54.06 2.90 -31.83
N ARG A 428 52.94 2.19 -31.86
CA ARG A 428 52.88 0.74 -31.99
C ARG A 428 53.88 0.08 -32.95
N ILE A 429 54.21 -1.17 -32.64
CA ILE A 429 55.15 -1.96 -33.44
C ILE A 429 54.55 -3.32 -33.76
N PHE A 430 54.26 -3.56 -35.03
CA PHE A 430 53.69 -4.84 -35.46
C PHE A 430 54.67 -5.59 -36.33
N SER A 431 54.71 -6.90 -36.21
CA SER A 431 55.61 -7.70 -37.01
C SER A 431 54.95 -9.02 -37.43
N GLU A 432 55.39 -9.56 -38.56
CA GLU A 432 54.86 -10.83 -39.04
C GLU A 432 55.91 -11.59 -39.84
N ALA A 433 55.89 -12.90 -39.73
CA ALA A 433 56.84 -13.74 -40.43
C ALA A 433 56.22 -15.13 -40.54
N LYS A 434 56.94 -16.05 -41.18
CA LYS A 434 56.43 -17.40 -41.33
C LYS A 434 56.90 -18.30 -40.19
N SER A 435 57.57 -17.70 -39.19
CA SER A 435 58.06 -18.42 -38.02
C SER A 435 58.10 -17.45 -36.85
N LYS A 436 57.91 -17.98 -35.64
CA LYS A 436 57.93 -17.14 -34.44
C LYS A 436 59.27 -16.42 -34.29
N GLU A 437 60.35 -17.10 -34.67
CA GLU A 437 61.71 -16.54 -34.57
C GLU A 437 61.85 -15.28 -35.40
N LYS A 438 61.59 -15.39 -36.71
CA LYS A 438 61.69 -14.23 -37.59
C LYS A 438 60.78 -13.10 -37.12
N ALA A 439 59.57 -13.45 -36.69
CA ALA A 439 58.61 -12.45 -36.22
C ALA A 439 59.25 -11.69 -35.07
N GLN A 440 59.86 -12.42 -34.14
CA GLN A 440 60.52 -11.82 -32.99
C GLN A 440 61.67 -10.94 -33.46
N GLU A 441 62.52 -11.47 -34.33
CA GLU A 441 63.66 -10.73 -34.88
C GLU A 441 63.19 -9.41 -35.50
N TYR A 442 62.24 -9.51 -36.41
CA TYR A 442 61.70 -8.34 -37.09
C TYR A 442 61.13 -7.37 -36.06
N LEU A 443 60.43 -7.89 -35.06
CA LEU A 443 59.85 -7.04 -34.02
C LEU A 443 60.96 -6.26 -33.33
N ASN A 444 61.98 -6.99 -32.89
CA ASN A 444 63.12 -6.38 -32.20
C ASN A 444 63.79 -5.37 -33.12
N LEU A 445 63.91 -5.71 -34.40
CA LEU A 445 64.53 -4.80 -35.34
C LEU A 445 63.83 -3.44 -35.27
N GLY A 446 62.50 -3.48 -35.17
CA GLY A 446 61.71 -2.25 -35.09
C GLY A 446 61.95 -1.51 -33.79
N ILE A 447 61.89 -2.23 -32.68
CA ILE A 447 62.12 -1.62 -31.38
C ILE A 447 63.49 -0.95 -31.38
N GLU A 448 64.48 -1.66 -31.91
CA GLU A 448 65.85 -1.17 -31.99
C GLU A 448 65.93 0.20 -32.65
N LEU A 449 65.44 0.28 -33.89
CA LEU A 449 65.45 1.52 -34.65
C LEU A 449 64.64 2.61 -33.97
N LEU A 450 63.58 2.23 -33.27
CA LEU A 450 62.73 3.20 -32.57
C LEU A 450 63.54 3.88 -31.47
N GLU A 451 64.14 3.07 -30.60
CA GLU A 451 64.92 3.60 -29.49
C GLU A 451 66.09 4.47 -29.93
N LYS A 452 66.83 4.05 -30.95
CA LYS A 452 67.96 4.84 -31.42
C LYS A 452 67.45 6.14 -32.03
N ALA A 453 66.17 6.16 -32.40
CA ALA A 453 65.55 7.33 -33.00
C ALA A 453 65.09 8.26 -31.88
N LEU A 454 64.93 7.68 -30.70
CA LEU A 454 64.51 8.42 -29.51
C LEU A 454 65.73 8.85 -28.72
N SER A 455 66.92 8.67 -29.30
CA SER A 455 68.17 9.03 -28.65
C SER A 455 69.23 9.45 -29.68
N MET B 1 -45.62 -0.69 41.61
CA MET B 1 -45.15 0.38 42.55
C MET B 1 -46.33 1.06 43.32
N GLY B 2 -46.84 0.42 44.37
CA GLY B 2 -47.97 1.00 45.08
C GLY B 2 -48.92 1.41 43.97
N LYS B 3 -49.19 0.44 43.11
CA LYS B 3 -49.97 0.65 41.91
C LYS B 3 -49.06 1.66 41.23
N LEU B 4 -49.50 2.87 40.95
CA LEU B 4 -48.65 3.83 40.24
C LEU B 4 -47.18 4.18 40.68
N PHE B 5 -47.00 5.01 41.71
CA PHE B 5 -45.64 5.41 42.15
C PHE B 5 -44.91 4.50 43.16
N GLY B 6 -43.58 4.54 43.10
CA GLY B 6 -42.77 3.78 44.02
C GLY B 6 -42.35 4.69 45.19
N THR B 7 -41.19 4.43 45.79
CA THR B 7 -40.73 5.23 46.92
C THR B 7 -40.49 6.71 46.58
N PHE B 8 -39.91 6.97 45.41
CA PHE B 8 -39.63 8.34 44.95
C PHE B 8 -39.78 8.33 43.41
N GLY B 9 -41.01 8.49 42.93
CA GLY B 9 -41.24 8.46 41.49
C GLY B 9 -41.59 7.07 40.98
N VAL B 10 -41.70 6.95 39.67
CA VAL B 10 -42.05 5.70 39.04
C VAL B 10 -41.08 5.45 37.90
N ARG B 11 -40.75 4.20 37.62
CA ARG B 11 -39.87 3.85 36.52
C ARG B 11 -40.35 2.59 35.86
N GLY B 12 -39.80 2.34 34.67
CA GLY B 12 -40.16 1.14 33.91
C GLY B 12 -39.43 1.24 32.58
N ILE B 13 -39.72 0.31 31.69
CA ILE B 13 -39.09 0.30 30.39
C ILE B 13 -39.78 1.29 29.45
N ALA B 14 -38.98 2.11 28.78
CA ALA B 14 -39.51 3.11 27.86
C ALA B 14 -40.31 2.42 26.75
N ASN B 15 -41.47 2.98 26.41
CA ASN B 15 -42.37 2.42 25.39
C ASN B 15 -43.05 1.09 25.78
N GLU B 16 -42.96 0.71 27.04
CA GLU B 16 -43.67 -0.47 27.54
C GLU B 16 -44.54 0.12 28.64
N LYS B 17 -44.05 0.18 29.86
CA LYS B 17 -44.85 0.83 30.89
C LYS B 17 -44.78 2.38 30.71
N ILE B 18 -43.56 2.87 30.49
CA ILE B 18 -43.35 4.31 30.36
C ILE B 18 -43.46 4.77 28.94
N THR B 19 -44.70 5.00 28.53
CA THR B 19 -45.02 5.42 27.19
C THR B 19 -45.26 6.93 27.19
N PRO B 20 -45.40 7.53 25.99
CA PRO B 20 -45.66 8.97 25.91
C PRO B 20 -47.04 9.22 26.55
N GLU B 21 -48.01 8.32 26.34
CA GLU B 21 -49.35 8.52 26.94
C GLU B 21 -49.26 8.56 28.47
N PHE B 22 -48.44 7.68 29.03
CA PHE B 22 -48.25 7.61 30.47
C PHE B 22 -47.69 8.96 30.97
N ALA B 23 -46.61 9.41 30.35
CA ALA B 23 -45.97 10.68 30.71
C ALA B 23 -46.97 11.84 30.62
N MET B 24 -47.73 11.89 29.54
CA MET B 24 -48.71 12.96 29.34
C MET B 24 -49.81 12.94 30.41
N LYS B 25 -50.31 11.75 30.75
CA LYS B 25 -51.34 11.63 31.79
C LYS B 25 -50.79 12.08 33.15
N ILE B 26 -49.53 11.76 33.44
CA ILE B 26 -48.91 12.16 34.70
C ILE B 26 -48.91 13.68 34.71
N GLY B 27 -48.52 14.29 33.60
CA GLY B 27 -48.50 15.74 33.53
C GLY B 27 -49.87 16.36 33.73
N MET B 28 -50.90 15.80 33.08
CA MET B 28 -52.26 16.33 33.23
C MET B 28 -52.78 16.15 34.66
N ALA B 29 -52.43 15.03 35.26
CA ALA B 29 -52.86 14.73 36.63
C ALA B 29 -52.18 15.70 37.61
N PHE B 30 -50.86 15.82 37.49
CA PHE B 30 -50.10 16.72 38.37
C PHE B 30 -50.61 18.15 38.23
N GLY B 31 -50.72 18.63 36.98
CA GLY B 31 -51.20 19.98 36.77
C GLY B 31 -52.60 20.19 37.34
N THR B 32 -53.46 19.18 37.21
CA THR B 32 -54.82 19.31 37.74
C THR B 32 -54.76 19.46 39.27
N LEU B 33 -53.96 18.64 39.93
CA LEU B 33 -53.82 18.74 41.39
C LEU B 33 -53.34 20.15 41.80
N LEU B 34 -52.30 20.64 41.11
CA LEU B 34 -51.74 21.95 41.42
C LEU B 34 -52.80 23.05 41.32
N LYS B 35 -53.72 22.94 40.35
CA LYS B 35 -54.78 23.93 40.19
C LYS B 35 -55.86 23.74 41.27
N ARG B 36 -56.24 22.50 41.55
CA ARG B 36 -57.26 22.24 42.54
C ARG B 36 -56.83 22.66 43.94
N GLU B 37 -55.53 22.77 44.17
CA GLU B 37 -55.04 23.19 45.46
C GLU B 37 -55.19 24.70 45.62
N GLY B 38 -55.71 25.36 44.58
CA GLY B 38 -55.93 26.79 44.67
C GLY B 38 -55.09 27.74 43.84
N ARG B 39 -54.46 27.23 42.77
CA ARG B 39 -53.60 28.05 41.91
C ARG B 39 -54.26 28.21 40.55
N LYS B 40 -54.39 29.45 40.12
CA LYS B 40 -54.99 29.76 38.82
C LYS B 40 -54.09 29.26 37.67
N LYS B 41 -52.79 29.52 37.76
CA LYS B 41 -51.90 29.09 36.69
C LYS B 41 -50.59 28.62 37.30
N PRO B 42 -50.53 27.33 37.64
CA PRO B 42 -49.32 26.76 38.24
C PRO B 42 -48.06 26.93 37.36
N LEU B 43 -46.89 26.95 38.00
CA LEU B 43 -45.62 27.05 37.28
C LEU B 43 -44.88 25.77 37.64
N VAL B 44 -44.49 24.99 36.65
CA VAL B 44 -43.81 23.73 36.89
C VAL B 44 -42.48 23.66 36.14
N VAL B 45 -41.44 23.24 36.85
CA VAL B 45 -40.11 23.08 36.28
C VAL B 45 -39.96 21.63 35.81
N VAL B 46 -39.44 21.43 34.60
CA VAL B 46 -39.28 20.09 34.05
C VAL B 46 -37.85 19.89 33.55
N GLY B 47 -37.21 18.82 34.00
CA GLY B 47 -35.85 18.53 33.58
C GLY B 47 -35.76 17.03 33.32
N ARG B 48 -34.60 16.59 32.84
CA ARG B 48 -34.40 15.17 32.55
C ARG B 48 -32.92 14.82 32.56
N ASP B 49 -32.62 13.52 32.52
CA ASP B 49 -31.22 13.11 32.50
C ASP B 49 -30.81 12.86 31.05
N THR B 50 -29.72 12.12 30.82
CA THR B 50 -29.26 11.90 29.44
C THR B 50 -29.93 10.78 28.66
N ARG B 51 -30.89 10.09 29.25
CA ARG B 51 -31.51 8.96 28.57
C ARG B 51 -32.07 9.29 27.18
N VAL B 52 -31.92 8.33 26.27
CA VAL B 52 -32.35 8.45 24.88
C VAL B 52 -33.86 8.60 24.73
N SER B 53 -34.63 8.13 25.70
CA SER B 53 -36.06 8.27 25.60
C SER B 53 -36.54 9.52 26.32
N GLY B 54 -35.62 10.28 26.93
CA GLY B 54 -36.00 11.48 27.68
C GLY B 54 -36.71 12.60 26.94
N GLU B 55 -36.18 12.99 25.79
CA GLU B 55 -36.81 14.06 25.01
C GLU B 55 -38.26 13.75 24.62
N MET B 56 -38.49 12.55 24.09
CA MET B 56 -39.84 12.17 23.71
C MET B 56 -40.81 12.19 24.93
N LEU B 57 -40.38 11.67 26.07
CA LEU B 57 -41.24 11.67 27.24
C LEU B 57 -41.45 13.08 27.80
N LYS B 58 -40.39 13.89 27.76
CA LYS B 58 -40.46 15.27 28.23
C LYS B 58 -41.49 16.06 27.42
N GLU B 59 -41.49 15.87 26.09
CA GLU B 59 -42.44 16.57 25.24
C GLU B 59 -43.88 16.17 25.61
N ALA B 60 -44.07 14.88 25.87
CA ALA B 60 -45.37 14.34 26.24
C ALA B 60 -45.81 14.90 27.61
N LEU B 61 -44.93 14.88 28.61
CA LEU B 61 -45.28 15.43 29.93
C LEU B 61 -45.61 16.94 29.84
N ILE B 62 -44.78 17.70 29.13
CA ILE B 62 -45.01 19.12 29.00
C ILE B 62 -46.32 19.42 28.27
N SER B 63 -46.58 18.68 27.19
CA SER B 63 -47.81 18.89 26.46
C SER B 63 -48.99 18.70 27.46
N GLY B 64 -48.92 17.65 28.26
CA GLY B 64 -49.96 17.41 29.25
C GLY B 64 -50.15 18.57 30.22
N LEU B 65 -49.04 19.05 30.79
CA LEU B 65 -49.07 20.19 31.74
C LEU B 65 -49.60 21.43 31.05
N LEU B 66 -49.10 21.74 29.86
CA LEU B 66 -49.64 22.95 29.20
C LEU B 66 -51.14 22.80 28.95
N SER B 67 -51.58 21.61 28.54
CA SER B 67 -53.00 21.40 28.23
C SER B 67 -53.95 21.59 29.42
N VAL B 68 -53.42 21.48 30.64
CA VAL B 68 -54.27 21.68 31.81
C VAL B 68 -54.02 23.06 32.44
N GLY B 69 -53.39 23.95 31.68
CA GLY B 69 -53.22 25.28 32.18
C GLY B 69 -52.01 25.64 33.03
N CYS B 70 -50.98 24.83 33.00
CA CYS B 70 -49.76 25.13 33.75
C CYS B 70 -48.70 25.72 32.84
N ASP B 71 -47.97 26.72 33.35
CA ASP B 71 -46.84 27.28 32.62
C ASP B 71 -45.69 26.33 32.98
N VAL B 72 -44.74 26.19 32.08
CA VAL B 72 -43.63 25.28 32.30
C VAL B 72 -42.28 25.95 32.02
N ILE B 73 -41.28 25.56 32.79
CA ILE B 73 -39.90 25.99 32.58
C ILE B 73 -39.18 24.67 32.33
N ASP B 74 -38.70 24.49 31.11
CA ASP B 74 -37.95 23.31 30.70
C ASP B 74 -36.47 23.61 30.94
N VAL B 75 -35.87 22.96 31.94
CA VAL B 75 -34.45 23.23 32.23
C VAL B 75 -33.53 22.25 31.49
N GLY B 76 -34.09 21.56 30.50
CA GLY B 76 -33.31 20.61 29.69
C GLY B 76 -32.68 19.45 30.47
N ILE B 77 -31.44 19.13 30.13
CA ILE B 77 -30.73 18.01 30.76
C ILE B 77 -29.92 18.50 31.98
N ALA B 78 -30.18 17.90 33.15
CA ALA B 78 -29.48 18.34 34.35
C ALA B 78 -29.62 17.30 35.45
N PRO B 79 -28.66 17.27 36.39
CA PRO B 79 -28.73 16.32 37.48
C PRO B 79 -30.08 16.45 38.21
N THR B 80 -30.60 15.35 38.73
CA THR B 80 -31.86 15.43 39.44
C THR B 80 -31.82 16.54 40.52
N PRO B 81 -30.77 16.57 41.39
CA PRO B 81 -30.67 17.61 42.43
C PRO B 81 -30.70 19.04 41.84
N ALA B 82 -30.17 19.21 40.61
CA ALA B 82 -30.19 20.52 39.98
C ALA B 82 -31.63 20.88 39.59
N VAL B 83 -32.40 19.87 39.17
CA VAL B 83 -33.78 20.14 38.81
C VAL B 83 -34.55 20.48 40.09
N GLN B 84 -34.25 19.78 41.18
CA GLN B 84 -34.92 20.10 42.44
C GLN B 84 -34.53 21.52 42.87
N TRP B 85 -33.25 21.83 42.74
CA TRP B 85 -32.76 23.17 43.09
C TRP B 85 -33.47 24.24 42.25
N ALA B 86 -33.62 23.96 40.96
CA ALA B 86 -34.29 24.89 40.03
C ALA B 86 -35.75 25.13 40.38
N THR B 87 -36.41 24.06 40.84
CA THR B 87 -37.82 24.15 41.21
C THR B 87 -37.97 25.19 42.31
N LYS B 88 -37.05 25.17 43.27
CA LYS B 88 -37.07 26.16 44.36
C LYS B 88 -36.57 27.51 43.85
N HIS B 89 -35.50 27.50 43.08
CA HIS B 89 -34.91 28.73 42.53
C HIS B 89 -35.89 29.58 41.73
N PHE B 90 -36.69 28.94 40.88
CA PHE B 90 -37.63 29.70 40.08
C PHE B 90 -38.96 29.95 40.74
N ASN B 91 -39.06 29.60 42.01
CA ASN B 91 -40.30 29.80 42.76
C ASN B 91 -41.46 29.08 42.08
N ALA B 92 -41.21 27.85 41.63
CA ALA B 92 -42.22 27.07 40.93
C ALA B 92 -43.14 26.37 41.93
N ASP B 93 -44.35 26.04 41.47
CA ASP B 93 -45.32 25.35 42.35
C ASP B 93 -45.02 23.86 42.40
N GLY B 94 -44.20 23.38 41.48
CA GLY B 94 -43.81 21.99 41.50
C GLY B 94 -42.78 21.69 40.43
N GLY B 95 -42.34 20.44 40.35
CA GLY B 95 -41.37 20.09 39.33
C GLY B 95 -41.49 18.63 38.97
N ALA B 96 -40.79 18.24 37.92
CA ALA B 96 -40.81 16.87 37.46
C ALA B 96 -39.47 16.59 36.82
N VAL B 97 -38.97 15.39 37.08
CA VAL B 97 -37.69 14.97 36.54
C VAL B 97 -37.91 13.68 35.76
N ILE B 98 -37.53 13.69 34.49
CA ILE B 98 -37.69 12.48 33.66
C ILE B 98 -36.37 11.74 33.80
N THR B 99 -36.37 10.67 34.58
CA THR B 99 -35.15 9.89 34.82
C THR B 99 -35.45 8.52 35.40
N ALA B 100 -34.52 7.57 35.19
CA ALA B 100 -34.60 6.24 35.79
C ALA B 100 -33.29 6.04 36.58
N SER B 101 -32.62 7.15 36.90
CA SER B 101 -31.41 7.13 37.73
C SER B 101 -30.20 6.29 37.35
N HIS B 102 -30.07 5.11 37.96
CA HIS B 102 -28.94 4.22 37.73
C HIS B 102 -29.26 3.00 36.87
N ASN B 103 -30.50 2.91 36.40
CA ASN B 103 -30.91 1.76 35.62
C ASN B 103 -30.40 1.69 34.19
N PRO B 104 -30.48 0.49 33.58
CA PRO B 104 -30.03 0.28 32.19
C PRO B 104 -30.71 1.30 31.23
N PRO B 105 -30.10 1.55 30.07
CA PRO B 105 -30.55 2.49 29.01
C PRO B 105 -32.02 2.42 28.58
N GLU B 106 -32.63 1.23 28.60
CA GLU B 106 -34.01 1.07 28.18
C GLU B 106 -35.02 1.59 29.21
N TYR B 107 -34.55 1.87 30.43
CA TYR B 107 -35.48 2.38 31.43
C TYR B 107 -35.60 3.89 31.47
N ASN B 108 -36.75 4.35 31.96
CA ASN B 108 -36.94 5.77 32.22
C ASN B 108 -38.04 5.89 33.27
N GLY B 109 -38.31 7.09 33.71
CA GLY B 109 -39.32 7.26 34.77
C GLY B 109 -39.56 8.72 35.01
N ILE B 110 -40.34 9.00 36.05
CA ILE B 110 -40.70 10.36 36.41
C ILE B 110 -40.77 10.48 37.93
N LYS B 111 -40.20 11.58 38.41
CA LYS B 111 -40.24 11.94 39.81
C LYS B 111 -40.95 13.30 39.85
N LEU B 112 -41.92 13.46 40.75
CA LEU B 112 -42.64 14.72 40.86
C LEU B 112 -42.11 15.40 42.12
N LEU B 113 -42.13 16.72 42.13
CA LEU B 113 -41.57 17.49 43.23
C LEU B 113 -42.52 18.53 43.84
N GLU B 114 -42.31 18.78 45.14
CA GLU B 114 -43.01 19.79 45.94
C GLU B 114 -42.50 21.14 45.44
N PRO B 115 -43.16 22.23 45.86
CA PRO B 115 -42.81 23.61 45.50
C PRO B 115 -41.35 23.91 45.86
N ASN B 116 -40.86 23.32 46.95
CA ASN B 116 -39.47 23.58 47.36
C ASN B 116 -38.46 22.61 46.73
N GLY B 117 -38.94 21.77 45.79
CA GLY B 117 -38.09 20.82 45.11
C GLY B 117 -37.93 19.43 45.71
N MET B 118 -38.41 19.22 46.95
CA MET B 118 -38.24 17.89 47.49
C MET B 118 -39.23 16.91 46.85
N GLY B 119 -38.96 15.61 46.97
CA GLY B 119 -39.86 14.64 46.38
C GLY B 119 -41.29 14.85 46.83
N LEU B 120 -42.25 14.65 45.94
CA LEU B 120 -43.67 14.86 46.25
C LEU B 120 -44.14 14.16 47.53
N LYS B 121 -44.97 14.84 48.33
CA LYS B 121 -45.48 14.21 49.56
C LYS B 121 -46.43 13.08 49.21
N LYS B 122 -46.44 12.04 50.04
CA LYS B 122 -47.29 10.89 49.79
C LYS B 122 -48.78 11.20 49.65
N GLU B 123 -49.29 12.11 50.46
CA GLU B 123 -50.71 12.47 50.40
C GLU B 123 -51.04 13.11 49.03
N ARG B 124 -50.15 13.96 48.56
CA ARG B 124 -50.38 14.60 47.27
C ARG B 124 -50.20 13.59 46.16
N GLU B 125 -49.22 12.72 46.32
CA GLU B 125 -48.96 11.69 45.33
C GLU B 125 -50.19 10.75 45.22
N ALA B 126 -50.91 10.54 46.32
CA ALA B 126 -52.09 9.67 46.27
C ALA B 126 -53.17 10.32 45.41
N ILE B 127 -53.29 11.64 45.48
CA ILE B 127 -54.27 12.31 44.67
C ILE B 127 -53.87 12.21 43.19
N VAL B 128 -52.59 12.40 42.89
CA VAL B 128 -52.15 12.33 41.50
C VAL B 128 -52.50 10.97 40.90
N GLU B 129 -52.24 9.89 41.65
CA GLU B 129 -52.53 8.55 41.19
C GLU B 129 -54.01 8.43 40.88
N GLU B 130 -54.82 8.95 41.78
CA GLU B 130 -56.27 8.87 41.62
C GLU B 130 -56.69 9.59 40.34
N LEU B 131 -56.16 10.79 40.12
CA LEU B 131 -56.52 11.55 38.93
C LEU B 131 -56.02 10.84 37.68
N PHE B 132 -54.87 10.20 37.79
CA PHE B 132 -54.29 9.48 36.66
C PHE B 132 -55.18 8.29 36.27
N PHE B 133 -55.58 7.51 37.26
CA PHE B 133 -56.40 6.36 36.98
C PHE B 133 -57.79 6.67 36.50
N LYS B 134 -58.40 7.72 37.04
CA LYS B 134 -59.75 8.12 36.62
C LYS B 134 -59.71 9.04 35.41
N GLU B 135 -58.52 9.52 35.06
CA GLU B 135 -58.35 10.47 33.98
C GLU B 135 -59.29 11.64 34.24
N ASP B 136 -59.25 12.11 35.48
CA ASP B 136 -60.04 13.25 35.92
C ASP B 136 -59.10 14.47 35.81
N PHE B 137 -59.07 15.07 34.62
CA PHE B 137 -58.19 16.22 34.36
C PHE B 137 -58.96 17.50 34.12
N ASP B 138 -58.42 18.62 34.62
CA ASP B 138 -59.05 19.92 34.39
C ASP B 138 -58.38 20.58 33.17
N ARG B 139 -58.89 20.23 31.99
CA ARG B 139 -58.36 20.74 30.73
C ARG B 139 -58.61 22.23 30.65
N ALA B 140 -57.59 22.96 30.20
CA ALA B 140 -57.71 24.41 30.13
C ALA B 140 -58.56 24.88 28.96
N LYS B 141 -59.17 26.04 29.15
CA LYS B 141 -59.92 26.67 28.08
C LYS B 141 -58.82 27.11 27.12
N TRP B 142 -59.13 27.26 25.84
CA TRP B 142 -58.12 27.61 24.85
C TRP B 142 -57.22 28.79 25.22
N TYR B 143 -57.83 29.86 25.75
CA TYR B 143 -57.07 31.03 26.13
C TYR B 143 -56.38 30.90 27.50
N GLU B 144 -56.46 29.73 28.13
CA GLU B 144 -55.77 29.52 29.41
C GLU B 144 -54.69 28.42 29.24
N ILE B 145 -54.46 27.93 28.03
CA ILE B 145 -53.44 26.90 27.87
C ILE B 145 -52.09 27.48 28.35
N GLY B 146 -51.30 26.68 29.04
CA GLY B 146 -50.02 27.17 29.54
C GLY B 146 -48.95 27.48 28.50
N GLU B 147 -47.89 28.16 28.92
CA GLU B 147 -46.80 28.47 28.02
C GLU B 147 -45.51 27.87 28.57
N VAL B 148 -44.56 27.62 27.68
CA VAL B 148 -43.31 27.02 28.08
C VAL B 148 -42.12 27.85 27.65
N ARG B 149 -41.09 27.89 28.49
CA ARG B 149 -39.87 28.58 28.13
C ARG B 149 -38.71 27.68 28.61
N ARG B 150 -37.52 27.89 28.03
CA ARG B 150 -36.34 27.12 28.38
C ARG B 150 -35.41 27.96 29.23
N GLU B 151 -34.76 27.31 30.19
CA GLU B 151 -33.81 27.96 31.06
C GLU B 151 -32.60 27.03 31.17
N ASP B 152 -31.40 27.59 31.09
CA ASP B 152 -30.17 26.82 31.22
C ASP B 152 -29.77 27.04 32.68
N ILE B 153 -29.79 25.98 33.48
CA ILE B 153 -29.48 26.12 34.89
C ILE B 153 -28.11 25.63 35.35
N ILE B 154 -27.29 25.17 34.41
CA ILE B 154 -25.98 24.65 34.77
C ILE B 154 -25.11 25.64 35.54
N LYS B 155 -24.83 26.81 34.96
CA LYS B 155 -24.00 27.80 35.65
C LYS B 155 -24.59 28.26 36.99
N PRO B 156 -25.90 28.59 37.03
CA PRO B 156 -26.52 29.02 38.29
C PRO B 156 -26.41 27.94 39.38
N TYR B 157 -26.59 26.69 38.98
CA TYR B 157 -26.51 25.59 39.93
C TYR B 157 -25.08 25.45 40.44
N ILE B 158 -24.11 25.50 39.54
CA ILE B 158 -22.71 25.37 39.96
C ILE B 158 -22.34 26.53 40.90
N GLU B 159 -22.79 27.74 40.57
CA GLU B 159 -22.50 28.88 41.42
C GLU B 159 -23.16 28.75 42.78
N ALA B 160 -24.37 28.18 42.82
CA ALA B 160 -25.07 28.02 44.10
C ALA B 160 -24.29 27.08 45.01
N ILE B 161 -23.67 26.05 44.45
CA ILE B 161 -22.86 25.12 45.23
C ILE B 161 -21.55 25.81 45.70
N LYS B 162 -20.86 26.46 44.76
CA LYS B 162 -19.62 27.16 45.10
C LYS B 162 -19.79 28.18 46.22
N SER B 163 -20.90 28.93 46.22
CA SER B 163 -21.14 29.93 47.25
C SER B 163 -21.16 29.33 48.66
N LYS B 164 -21.25 28.02 48.76
CA LYS B 164 -21.33 27.33 50.05
C LYS B 164 -19.99 26.88 50.64
N VAL B 165 -18.95 26.86 49.83
CA VAL B 165 -17.66 26.39 50.31
C VAL B 165 -16.54 27.42 50.19
N ASP B 166 -15.43 27.13 50.87
CA ASP B 166 -14.26 27.99 50.92
C ASP B 166 -13.41 27.77 49.66
N VAL B 167 -13.79 28.45 48.58
CA VAL B 167 -13.06 28.30 47.31
C VAL B 167 -11.58 28.68 47.40
N GLU B 168 -11.27 29.75 48.12
CA GLU B 168 -9.87 30.16 48.24
C GLU B 168 -9.02 29.06 48.88
N ALA B 169 -9.55 28.43 49.92
CA ALA B 169 -8.83 27.36 50.57
C ALA B 169 -8.60 26.21 49.60
N ILE B 170 -9.61 25.90 48.80
CA ILE B 170 -9.48 24.81 47.85
C ILE B 170 -8.46 25.17 46.76
N LYS B 171 -8.56 26.38 46.20
CA LYS B 171 -7.61 26.80 45.17
C LYS B 171 -6.18 26.73 45.69
N LYS B 172 -6.00 27.14 46.95
CA LYS B 172 -4.68 27.13 47.58
C LYS B 172 -4.08 25.72 47.63
N ARG B 173 -4.91 24.74 47.97
CA ARG B 173 -4.43 23.36 48.06
C ARG B 173 -4.31 22.72 46.66
N LYS B 174 -5.23 23.09 45.78
CA LYS B 174 -5.30 22.53 44.41
C LYS B 174 -5.36 21.00 44.45
N PRO B 175 -6.42 20.42 45.05
CA PRO B 175 -6.50 18.96 45.07
C PRO B 175 -6.65 18.39 43.68
N PHE B 176 -6.12 17.19 43.49
CA PHE B 176 -6.16 16.49 42.21
C PHE B 176 -7.24 15.42 42.35
N VAL B 177 -8.36 15.66 41.66
CA VAL B 177 -9.50 14.76 41.71
C VAL B 177 -9.82 14.14 40.37
N VAL B 178 -10.07 12.83 40.37
CA VAL B 178 -10.44 12.08 39.16
C VAL B 178 -11.93 11.80 39.32
N VAL B 179 -12.71 12.04 38.28
CA VAL B 179 -14.16 11.88 38.35
C VAL B 179 -14.74 11.06 37.22
N ASP B 180 -15.70 10.19 37.55
CA ASP B 180 -16.38 9.38 36.56
C ASP B 180 -17.85 9.72 36.71
N THR B 181 -18.44 10.31 35.67
CA THR B 181 -19.85 10.69 35.73
C THR B 181 -20.77 9.73 35.00
N SER B 182 -20.19 8.57 34.65
CA SER B 182 -20.93 7.50 34.02
C SER B 182 -21.83 7.91 32.84
N ASN B 183 -21.31 8.77 31.96
CA ASN B 183 -22.05 9.25 30.77
C ASN B 183 -23.40 9.91 31.15
N GLY B 184 -23.57 10.25 32.42
CA GLY B 184 -24.84 10.83 32.88
C GLY B 184 -24.94 12.34 32.96
N ALA B 185 -26.04 12.79 33.58
CA ALA B 185 -26.31 14.20 33.74
C ALA B 185 -25.20 14.91 34.49
N GLY B 186 -24.51 14.20 35.40
CA GLY B 186 -23.41 14.82 36.15
C GLY B 186 -22.25 15.21 35.24
N SER B 187 -22.24 14.70 34.00
CA SER B 187 -21.18 15.04 33.05
C SER B 187 -21.21 16.54 32.70
N LEU B 188 -22.37 17.16 32.84
CA LEU B 188 -22.53 18.58 32.51
C LEU B 188 -22.17 19.52 33.64
N THR B 189 -21.97 18.96 34.83
CA THR B 189 -21.75 19.78 36.01
C THR B 189 -20.52 19.54 36.87
N LEU B 190 -20.37 18.32 37.35
CA LEU B 190 -19.29 18.02 38.29
C LEU B 190 -17.87 18.36 37.83
N PRO B 191 -17.52 18.02 36.59
CA PRO B 191 -16.15 18.34 36.14
C PRO B 191 -15.85 19.82 36.19
N TYR B 192 -16.85 20.62 35.82
CA TYR B 192 -16.73 22.07 35.79
C TYR B 192 -16.72 22.65 37.21
N LEU B 193 -17.64 22.17 38.05
CA LEU B 193 -17.66 22.59 39.45
C LEU B 193 -16.24 22.37 40.06
N LEU B 194 -15.70 21.18 39.91
CA LEU B 194 -14.38 20.87 40.49
C LEU B 194 -13.27 21.77 39.97
N ARG B 195 -13.28 22.04 38.67
CA ARG B 195 -12.26 22.91 38.10
C ARG B 195 -12.43 24.31 38.66
N GLU B 196 -13.67 24.77 38.78
CA GLU B 196 -13.93 26.11 39.28
C GLU B 196 -13.62 26.27 40.76
N LEU B 197 -13.70 25.17 41.52
CA LEU B 197 -13.37 25.23 42.94
C LEU B 197 -11.85 25.40 43.11
N GLY B 198 -11.11 25.00 42.08
CA GLY B 198 -9.64 25.11 42.13
C GLY B 198 -8.92 23.78 42.06
N CYS B 199 -9.61 22.72 41.66
CA CYS B 199 -8.99 21.41 41.56
C CYS B 199 -8.39 21.14 40.20
N LYS B 200 -7.48 20.18 40.17
CA LYS B 200 -6.89 19.71 38.91
C LYS B 200 -7.85 18.56 38.65
N VAL B 201 -8.43 18.53 37.46
CA VAL B 201 -9.43 17.52 37.12
C VAL B 201 -9.16 16.63 35.92
N ILE B 202 -9.35 15.34 36.13
CA ILE B 202 -9.24 14.35 35.10
C ILE B 202 -10.60 13.64 35.16
N THR B 203 -11.17 13.35 33.99
CA THR B 203 -12.49 12.72 33.94
C THR B 203 -12.49 11.40 33.19
N VAL B 204 -13.42 10.53 33.56
CA VAL B 204 -13.59 9.23 32.93
C VAL B 204 -15.08 9.15 32.59
N ASN B 205 -15.38 8.86 31.33
CA ASN B 205 -16.76 8.77 30.85
C ASN B 205 -17.59 10.04 31.11
N ALA B 206 -17.00 11.21 30.84
CA ALA B 206 -17.72 12.45 31.05
C ALA B 206 -18.44 12.99 29.83
N GLN B 207 -18.56 12.20 28.76
CA GLN B 207 -19.31 12.65 27.61
C GLN B 207 -20.75 12.16 27.88
N PRO B 208 -21.74 13.08 27.86
CA PRO B 208 -23.15 12.71 28.12
C PRO B 208 -23.58 11.75 27.02
N ASP B 209 -24.11 10.58 27.38
CA ASP B 209 -24.54 9.62 26.38
C ASP B 209 -25.54 8.64 26.98
N GLY B 210 -26.81 8.77 26.59
CA GLY B 210 -27.88 7.93 27.11
C GLY B 210 -27.76 6.45 26.81
N TYR B 211 -26.79 6.09 25.97
CA TYR B 211 -26.57 4.69 25.67
C TYR B 211 -25.71 4.09 26.80
N PHE B 212 -25.17 4.95 27.66
CA PHE B 212 -24.31 4.52 28.78
C PHE B 212 -23.26 3.50 28.31
N PRO B 213 -22.41 3.90 27.35
CA PRO B 213 -21.36 3.03 26.80
C PRO B 213 -20.44 2.42 27.84
N ALA B 214 -20.05 3.19 28.86
CA ALA B 214 -19.13 2.66 29.87
C ALA B 214 -19.70 1.48 30.62
N ARG B 215 -20.94 1.62 31.08
CA ARG B 215 -21.64 0.57 31.83
C ARG B 215 -22.95 1.13 32.36
N ASN B 216 -23.82 0.25 32.89
CA ASN B 216 -25.06 0.73 33.47
C ASN B 216 -24.57 1.73 34.47
N PRO B 217 -25.20 2.90 34.55
CA PRO B 217 -24.81 3.99 35.43
C PRO B 217 -25.05 3.86 36.94
N GLU B 218 -24.54 2.79 37.54
CA GLU B 218 -24.66 2.53 38.97
C GLU B 218 -23.25 2.44 39.54
N PRO B 219 -22.86 3.38 40.41
CA PRO B 219 -21.52 3.42 41.01
C PRO B 219 -21.25 2.45 42.16
N ASN B 220 -21.61 1.17 42.03
CA ASN B 220 -21.32 0.23 43.11
C ASN B 220 -19.85 -0.20 42.99
N GLU B 221 -19.28 -0.75 44.05
CA GLU B 221 -17.89 -1.16 44.02
C GLU B 221 -17.52 -2.10 42.87
N GLU B 222 -18.40 -3.05 42.55
CA GLU B 222 -18.15 -3.97 41.44
C GLU B 222 -17.89 -3.21 40.12
N ASN B 223 -18.80 -2.28 39.78
CA ASN B 223 -18.68 -1.50 38.54
C ASN B 223 -17.52 -0.53 38.51
N LEU B 224 -17.02 -0.14 39.67
CA LEU B 224 -15.91 0.80 39.72
C LEU B 224 -14.54 0.14 39.86
N LYS B 225 -14.46 -1.16 39.60
CA LYS B 225 -13.19 -1.87 39.73
C LYS B 225 -12.08 -1.19 38.94
N GLU B 226 -12.35 -0.90 37.67
CA GLU B 226 -11.37 -0.25 36.80
C GLU B 226 -11.11 1.20 37.26
N PHE B 227 -12.17 1.91 37.63
CA PHE B 227 -12.03 3.29 38.06
C PHE B 227 -11.10 3.40 39.27
N MET B 228 -11.25 2.47 40.21
CA MET B 228 -10.42 2.48 41.39
C MET B 228 -8.95 2.33 41.02
N GLU B 229 -8.67 1.47 40.06
CA GLU B 229 -7.30 1.27 39.60
C GLU B 229 -6.76 2.56 38.99
N ILE B 230 -7.60 3.22 38.19
CA ILE B 230 -7.24 4.45 37.53
C ILE B 230 -6.90 5.55 38.53
N VAL B 231 -7.65 5.62 39.62
CA VAL B 231 -7.42 6.62 40.66
C VAL B 231 -6.01 6.48 41.22
N LYS B 232 -5.62 5.22 41.44
CA LYS B 232 -4.32 4.92 42.00
C LYS B 232 -3.23 5.12 40.94
N ALA B 233 -3.50 4.67 39.72
CA ALA B 233 -2.54 4.82 38.63
C ALA B 233 -2.18 6.29 38.39
N LEU B 234 -3.19 7.15 38.33
CA LEU B 234 -2.97 8.59 38.11
C LEU B 234 -2.34 9.29 39.30
N GLY B 235 -2.36 8.63 40.46
CA GLY B 235 -1.80 9.26 41.65
C GLY B 235 -2.66 10.44 42.10
N ALA B 236 -3.98 10.32 41.95
CA ALA B 236 -4.87 11.41 42.36
C ALA B 236 -5.05 11.41 43.88
N ASP B 237 -5.42 12.58 44.44
CA ASP B 237 -5.69 12.70 45.87
C ASP B 237 -6.91 11.87 46.26
N PHE B 238 -7.82 11.68 45.30
CA PHE B 238 -9.00 10.85 45.48
C PHE B 238 -9.89 10.85 44.23
N GLY B 239 -10.82 9.91 44.17
CA GLY B 239 -11.70 9.82 43.02
C GLY B 239 -13.15 9.92 43.45
N VAL B 240 -14.00 10.32 42.51
CA VAL B 240 -15.42 10.44 42.78
C VAL B 240 -16.18 9.88 41.60
N ALA B 241 -17.22 9.09 41.86
CA ALA B 241 -18.06 8.54 40.77
C ALA B 241 -19.52 8.90 41.07
N GLN B 242 -20.30 9.25 40.04
CA GLN B 242 -21.72 9.57 40.23
C GLN B 242 -22.58 8.58 39.49
N ASP B 243 -23.87 8.49 39.86
CA ASP B 243 -24.77 7.60 39.12
C ASP B 243 -25.35 8.41 37.94
N GLY B 244 -26.22 7.77 37.17
CA GLY B 244 -26.83 8.37 35.98
C GLY B 244 -27.46 9.76 36.10
N ASP B 245 -28.27 10.00 37.13
CA ASP B 245 -28.89 11.29 37.25
C ASP B 245 -28.15 12.19 38.24
N ALA B 246 -27.00 11.72 38.70
CA ALA B 246 -26.13 12.50 39.55
C ALA B 246 -26.63 13.04 40.90
N ASP B 247 -27.45 12.25 41.59
CA ASP B 247 -27.87 12.65 42.93
C ASP B 247 -26.85 11.96 43.86
N ARG B 248 -26.27 10.86 43.42
CA ARG B 248 -25.28 10.13 44.22
C ARG B 248 -23.82 10.48 43.92
N ALA B 249 -22.96 10.32 44.93
CA ALA B 249 -21.51 10.54 44.77
C ALA B 249 -20.83 9.49 45.62
N VAL B 250 -19.92 8.73 45.01
CA VAL B 250 -19.18 7.68 45.67
C VAL B 250 -17.69 8.07 45.66
N PHE B 251 -17.03 7.94 46.82
CA PHE B 251 -15.62 8.32 46.93
C PHE B 251 -14.63 7.16 46.99
N ILE B 252 -13.48 7.37 46.38
CA ILE B 252 -12.39 6.38 46.33
C ILE B 252 -11.16 7.14 46.87
N ASP B 253 -10.42 6.55 47.81
CA ASP B 253 -9.24 7.26 48.35
C ASP B 253 -8.02 7.11 47.45
N GLU B 254 -6.92 7.77 47.80
CA GLU B 254 -5.70 7.70 46.97
C GLU B 254 -5.13 6.31 46.76
N ASN B 255 -5.57 5.34 47.57
CA ASN B 255 -5.06 3.99 47.41
C ASN B 255 -5.98 3.12 46.57
N GLY B 256 -7.01 3.74 45.99
CA GLY B 256 -7.95 3.00 45.16
C GLY B 256 -8.96 2.24 46.01
N ARG B 257 -9.10 2.65 47.27
CA ARG B 257 -10.04 1.99 48.16
C ARG B 257 -11.45 2.61 48.10
N PHE B 258 -12.46 1.77 47.98
CA PHE B 258 -13.85 2.20 47.93
C PHE B 258 -14.28 2.61 49.34
N ILE B 259 -14.68 3.87 49.52
CA ILE B 259 -15.10 4.38 50.82
C ILE B 259 -16.62 4.24 50.99
N GLN B 260 -17.04 3.74 52.14
CA GLN B 260 -18.47 3.56 52.39
C GLN B 260 -19.14 4.92 52.57
N GLY B 261 -20.33 5.08 51.99
CA GLY B 261 -21.06 6.33 52.06
C GLY B 261 -21.21 6.97 53.43
N ASP B 262 -21.48 6.14 54.44
CA ASP B 262 -21.65 6.65 55.79
C ASP B 262 -20.40 7.38 56.31
N LYS B 263 -19.21 6.99 55.85
CA LYS B 263 -17.96 7.63 56.27
C LYS B 263 -17.86 9.06 55.74
N THR B 264 -18.18 9.26 54.47
CA THR B 264 -18.10 10.61 53.95
C THR B 264 -19.26 11.42 54.57
N PHE B 265 -20.39 10.76 54.82
CA PHE B 265 -21.48 11.45 55.47
C PHE B 265 -20.94 11.94 56.84
N ALA B 266 -20.26 11.07 57.56
CA ALA B 266 -19.73 11.44 58.87
C ALA B 266 -18.74 12.61 58.76
N LEU B 267 -17.90 12.53 57.73
CA LEU B 267 -16.89 13.53 57.48
C LEU B 267 -17.54 14.90 57.28
N VAL B 268 -18.59 14.94 56.45
CA VAL B 268 -19.30 16.20 56.22
C VAL B 268 -20.09 16.66 57.45
N ALA B 269 -20.75 15.74 58.12
CA ALA B 269 -21.55 16.11 59.30
C ALA B 269 -20.66 16.71 60.38
N ASP B 270 -19.46 16.18 60.49
CA ASP B 270 -18.50 16.65 61.47
C ASP B 270 -18.22 18.13 61.22
N ALA B 271 -17.88 18.45 59.98
CA ALA B 271 -17.60 19.82 59.63
C ALA B 271 -18.80 20.75 59.83
N VAL B 272 -19.96 20.33 59.33
CA VAL B 272 -21.18 21.13 59.40
C VAL B 272 -21.66 21.37 60.84
N LEU B 273 -21.65 20.33 61.64
CA LEU B 273 -22.11 20.45 63.03
C LEU B 273 -21.15 21.33 63.83
N LYS B 274 -19.87 21.24 63.53
CA LYS B 274 -18.87 22.07 64.20
C LYS B 274 -19.15 23.55 63.85
N GLU B 275 -19.40 23.82 62.57
CA GLU B 275 -19.68 25.18 62.12
C GLU B 275 -20.89 25.79 62.85
N LYS B 276 -21.96 25.01 62.97
CA LYS B 276 -23.15 25.50 63.66
C LYS B 276 -23.02 25.41 65.18
N GLY B 277 -22.06 24.62 65.65
CA GLY B 277 -21.88 24.49 67.09
C GLY B 277 -23.07 23.77 67.66
N GLY B 278 -23.46 22.68 67.01
CA GLY B 278 -24.59 21.92 67.47
C GLY B 278 -25.59 21.72 66.35
N GLY B 279 -26.88 21.66 66.70
CA GLY B 279 -27.88 21.46 65.68
C GLY B 279 -28.57 20.11 65.77
N LEU B 280 -29.08 19.65 64.63
CA LEU B 280 -29.77 18.37 64.60
C LEU B 280 -29.33 17.57 63.36
N LEU B 281 -28.91 16.33 63.59
CA LEU B 281 -28.51 15.44 62.51
C LEU B 281 -29.63 14.42 62.30
N VAL B 282 -30.13 14.31 61.07
CA VAL B 282 -31.20 13.37 60.80
C VAL B 282 -30.71 12.21 59.93
N THR B 283 -30.97 11.00 60.40
CA THR B 283 -30.57 9.83 59.64
C THR B 283 -31.55 8.69 59.93
N THR B 284 -31.25 7.49 59.46
CA THR B 284 -32.16 6.36 59.67
C THR B 284 -31.65 5.43 60.74
N VAL B 285 -32.51 4.51 61.16
CA VAL B 285 -32.17 3.57 62.22
C VAL B 285 -31.09 2.60 61.76
N ALA B 286 -30.90 2.49 60.45
CA ALA B 286 -29.89 1.61 59.90
C ALA B 286 -28.52 2.27 59.68
N THR B 287 -28.37 3.52 60.08
CA THR B 287 -27.09 4.21 59.91
C THR B 287 -26.15 3.92 61.08
N SER B 288 -24.86 3.85 60.78
CA SER B 288 -23.82 3.56 61.77
C SER B 288 -23.81 4.48 62.99
N ASN B 289 -23.41 3.93 64.14
CA ASN B 289 -23.33 4.69 65.38
C ASN B 289 -22.30 5.79 65.25
N LEU B 290 -21.44 5.66 64.24
CA LEU B 290 -20.41 6.65 63.98
C LEU B 290 -21.06 8.02 63.94
N LEU B 291 -22.23 8.12 63.32
CA LEU B 291 -22.92 9.40 63.22
C LEU B 291 -23.40 9.91 64.58
N ASP B 292 -23.71 9.01 65.50
CA ASP B 292 -24.10 9.45 66.85
C ASP B 292 -22.87 10.06 67.51
N ASP B 293 -21.72 9.46 67.27
CA ASP B 293 -20.47 9.95 67.84
C ASP B 293 -20.19 11.37 67.35
N ILE B 294 -20.35 11.57 66.05
CA ILE B 294 -20.08 12.87 65.48
C ILE B 294 -21.02 13.90 66.08
N ALA B 295 -22.28 13.56 66.19
CA ALA B 295 -23.26 14.51 66.73
C ALA B 295 -22.97 14.84 68.19
N LYS B 296 -22.65 13.82 68.99
CA LYS B 296 -22.34 14.02 70.41
C LYS B 296 -21.18 15.00 70.50
N LYS B 297 -20.13 14.69 69.76
CA LYS B 297 -18.90 15.48 69.70
C LYS B 297 -19.20 16.99 69.63
N HIS B 298 -20.25 17.36 68.89
CA HIS B 298 -20.60 18.78 68.72
C HIS B 298 -21.83 19.22 69.48
N GLY B 299 -22.35 18.33 70.32
CA GLY B 299 -23.51 18.69 71.11
C GLY B 299 -24.77 18.81 70.31
N ALA B 300 -24.84 18.07 69.20
CA ALA B 300 -26.00 18.09 68.34
C ALA B 300 -26.95 16.94 68.68
N LYS B 301 -28.23 17.13 68.41
CA LYS B 301 -29.20 16.06 68.64
C LYS B 301 -29.23 15.17 67.40
N VAL B 302 -29.72 13.94 67.57
CA VAL B 302 -29.85 13.02 66.47
C VAL B 302 -31.29 12.52 66.39
N MET B 303 -31.76 12.29 65.17
CA MET B 303 -33.09 11.76 64.94
C MET B 303 -32.89 10.54 64.03
N ARG B 304 -33.49 9.41 64.41
CA ARG B 304 -33.40 8.16 63.67
C ARG B 304 -34.78 7.77 63.11
N THR B 305 -34.97 7.99 61.81
CA THR B 305 -36.24 7.70 61.17
C THR B 305 -36.29 6.32 60.59
N LYS B 306 -37.44 5.96 60.04
CA LYS B 306 -37.56 4.67 59.43
C LYS B 306 -36.67 4.71 58.18
N VAL B 307 -36.38 3.55 57.64
CA VAL B 307 -35.56 3.48 56.44
C VAL B 307 -36.48 3.70 55.25
N GLY B 308 -35.99 4.43 54.26
CA GLY B 308 -36.81 4.67 53.09
C GLY B 308 -36.52 5.99 52.41
N ASP B 309 -36.85 6.09 51.12
CA ASP B 309 -36.61 7.30 50.36
C ASP B 309 -37.46 8.46 50.83
N LEU B 310 -36.86 9.65 50.80
CA LEU B 310 -37.53 10.88 51.19
C LEU B 310 -37.88 11.01 52.66
N ILE B 311 -37.75 9.92 53.40
CA ILE B 311 -38.10 9.99 54.84
C ILE B 311 -37.16 10.94 55.58
N VAL B 312 -35.85 10.79 55.34
CA VAL B 312 -34.86 11.67 55.96
C VAL B 312 -35.06 13.12 55.53
N ALA B 313 -35.21 13.35 54.21
CA ALA B 313 -35.41 14.71 53.71
C ALA B 313 -36.66 15.33 54.36
N ARG B 314 -37.74 14.55 54.46
CA ARG B 314 -38.97 15.05 55.07
C ARG B 314 -38.76 15.36 56.56
N ALA B 315 -38.05 14.50 57.25
CA ALA B 315 -37.78 14.74 58.66
C ALA B 315 -36.90 15.98 58.85
N LEU B 316 -35.92 16.16 57.97
CA LEU B 316 -35.04 17.32 58.02
C LEU B 316 -35.83 18.61 57.86
N TYR B 317 -36.73 18.60 56.88
CA TYR B 317 -37.59 19.73 56.59
C TYR B 317 -38.54 20.06 57.76
N GLU B 318 -39.29 19.06 58.20
CA GLU B 318 -40.24 19.25 59.28
C GLU B 318 -39.61 19.61 60.65
N ASN B 319 -38.34 19.31 60.83
CA ASN B 319 -37.70 19.60 62.12
C ASN B 319 -36.60 20.63 62.00
N ASN B 320 -36.54 21.27 60.83
CA ASN B 320 -35.52 22.29 60.58
C ASN B 320 -34.14 21.72 60.96
N GLY B 321 -33.87 20.51 60.51
CA GLY B 321 -32.60 19.88 60.82
C GLY B 321 -31.40 20.58 60.18
N THR B 322 -30.22 20.25 60.68
CA THR B 322 -29.00 20.87 60.20
C THR B 322 -28.34 20.10 59.05
N ILE B 323 -28.35 18.78 59.13
CA ILE B 323 -27.71 17.95 58.10
C ILE B 323 -28.37 16.59 58.15
N GLY B 324 -28.43 15.91 57.02
CA GLY B 324 -29.05 14.60 57.03
C GLY B 324 -28.33 13.67 56.09
N GLY B 325 -28.59 12.38 56.24
CA GLY B 325 -27.97 11.39 55.39
C GLY B 325 -28.50 10.02 55.76
N GLU B 326 -27.99 9.00 55.08
CA GLU B 326 -28.42 7.64 55.33
C GLU B 326 -27.31 6.60 55.26
N GLU B 327 -27.70 5.34 55.42
CA GLU B 327 -26.76 4.21 55.42
C GLU B 327 -25.67 4.34 54.36
N ASN B 328 -26.08 4.54 53.11
CA ASN B 328 -25.14 4.64 52.00
C ASN B 328 -24.62 6.04 51.74
N GLY B 329 -24.85 6.95 52.68
CA GLY B 329 -24.40 8.31 52.49
C GLY B 329 -25.54 9.24 52.10
N GLY B 330 -25.64 9.56 50.82
CA GLY B 330 -26.70 10.44 50.38
C GLY B 330 -26.94 11.60 51.34
N VAL B 331 -25.98 12.51 51.41
CA VAL B 331 -26.09 13.65 52.30
C VAL B 331 -27.04 14.71 51.77
N ILE B 332 -27.80 15.33 52.66
CA ILE B 332 -28.75 16.35 52.30
C ILE B 332 -28.36 17.61 53.06
N PHE B 333 -28.15 18.69 52.31
CA PHE B 333 -27.80 20.01 52.83
C PHE B 333 -29.07 20.87 52.72
N PRO B 334 -29.81 21.02 53.84
CA PRO B 334 -31.05 21.79 53.91
C PRO B 334 -31.02 23.17 53.28
N GLU B 335 -29.91 23.88 53.42
CA GLU B 335 -29.81 25.23 52.88
C GLU B 335 -29.64 25.25 51.37
N HIS B 336 -29.24 24.11 50.82
CA HIS B 336 -28.99 23.96 49.38
C HIS B 336 -30.27 23.46 48.70
N VAL B 337 -30.61 22.20 48.95
CA VAL B 337 -31.81 21.58 48.44
C VAL B 337 -32.20 20.40 49.35
N LEU B 338 -33.49 20.30 49.66
CA LEU B 338 -34.00 19.22 50.52
C LEU B 338 -34.06 17.89 49.76
N GLY B 339 -32.91 17.46 49.29
CA GLY B 339 -32.80 16.21 48.59
C GLY B 339 -31.33 15.89 48.50
N ARG B 340 -31.01 14.62 48.32
CA ARG B 340 -29.64 14.15 48.22
C ARG B 340 -28.95 14.84 47.03
N ASP B 341 -27.79 15.44 47.25
CA ASP B 341 -27.06 16.06 46.14
C ASP B 341 -25.56 15.72 46.22
N GLY B 342 -25.16 14.70 45.48
CA GLY B 342 -23.77 14.30 45.43
C GLY B 342 -22.79 15.40 45.04
N ALA B 343 -23.15 16.31 44.12
CA ALA B 343 -22.22 17.40 43.76
C ALA B 343 -21.95 18.33 44.96
N MET B 344 -22.97 18.62 45.74
CA MET B 344 -22.78 19.47 46.92
C MET B 344 -21.87 18.72 47.92
N THR B 345 -22.11 17.42 48.08
CA THR B 345 -21.30 16.60 48.98
C THR B 345 -19.84 16.58 48.48
N VAL B 346 -19.62 16.42 47.18
CA VAL B 346 -18.25 16.44 46.69
C VAL B 346 -17.63 17.81 47.01
N ALA B 347 -18.35 18.89 46.76
CA ALA B 347 -17.78 20.21 47.04
C ALA B 347 -17.36 20.38 48.51
N LYS B 348 -18.19 19.91 49.43
CA LYS B 348 -17.91 20.02 50.85
C LYS B 348 -16.71 19.15 51.25
N VAL B 349 -16.65 17.94 50.69
CA VAL B 349 -15.55 17.03 50.97
C VAL B 349 -14.24 17.62 50.43
N VAL B 350 -14.30 18.25 49.26
CA VAL B 350 -13.12 18.85 48.65
C VAL B 350 -12.64 19.96 49.57
N GLU B 351 -13.57 20.72 50.12
CA GLU B 351 -13.23 21.79 51.02
C GLU B 351 -12.59 21.24 52.28
N ILE B 352 -13.17 20.18 52.83
CA ILE B 352 -12.65 19.56 54.05
C ILE B 352 -11.22 19.05 53.78
N PHE B 353 -11.04 18.34 52.67
CA PHE B 353 -9.74 17.83 52.28
C PHE B 353 -8.71 18.98 52.16
N ALA B 354 -9.09 20.04 51.46
CA ALA B 354 -8.20 21.18 51.24
C ALA B 354 -7.77 21.88 52.53
N LYS B 355 -8.58 21.74 53.57
CA LYS B 355 -8.30 22.37 54.85
C LYS B 355 -7.59 21.46 55.87
N SER B 356 -7.69 20.16 55.66
CA SER B 356 -7.12 19.18 56.56
C SER B 356 -5.61 19.03 56.53
N GLY B 357 -5.01 19.17 55.35
CA GLY B 357 -3.58 19.00 55.23
C GLY B 357 -3.26 17.52 55.38
N LYS B 358 -4.25 16.65 55.15
CA LYS B 358 -4.05 15.21 55.27
C LYS B 358 -4.38 14.48 53.98
N LYS B 359 -4.14 13.18 53.97
CA LYS B 359 -4.46 12.39 52.80
C LYS B 359 -5.91 11.96 52.97
N PHE B 360 -6.61 11.74 51.85
CA PHE B 360 -8.01 11.33 51.92
C PHE B 360 -8.19 10.11 52.82
N SER B 361 -7.34 9.10 52.63
CA SER B 361 -7.40 7.87 53.45
C SER B 361 -7.30 8.17 54.94
N GLU B 362 -6.50 9.15 55.32
CA GLU B 362 -6.32 9.51 56.73
C GLU B 362 -7.61 10.14 57.28
N LEU B 363 -8.24 11.00 56.49
CA LEU B 363 -9.49 11.61 56.91
C LEU B 363 -10.51 10.54 57.25
N ILE B 364 -10.51 9.47 56.47
CA ILE B 364 -11.45 8.38 56.69
C ILE B 364 -11.06 7.51 57.89
N ASP B 365 -9.83 7.01 57.88
CA ASP B 365 -9.35 6.15 58.94
C ASP B 365 -9.33 6.79 60.33
N GLU B 366 -9.22 8.11 60.39
CA GLU B 366 -9.21 8.80 61.67
C GLU B 366 -10.58 8.85 62.36
N LEU B 367 -11.62 8.46 61.63
CA LEU B 367 -12.97 8.45 62.18
C LEU B 367 -13.12 7.22 63.10
N PRO B 368 -13.95 7.33 64.17
CA PRO B 368 -14.18 6.22 65.09
C PRO B 368 -14.47 4.97 64.29
N LYS B 369 -13.77 3.87 64.59
CA LYS B 369 -13.94 2.61 63.87
C LYS B 369 -15.10 1.76 64.34
N TYR B 370 -15.79 1.14 63.38
CA TYR B 370 -16.93 0.26 63.63
C TYR B 370 -16.87 -0.87 62.61
N TYR B 371 -17.46 -2.01 62.94
CA TYR B 371 -17.48 -3.15 62.04
C TYR B 371 -18.93 -3.60 61.90
N GLN B 372 -19.34 -3.93 60.69
CA GLN B 372 -20.71 -4.38 60.45
C GLN B 372 -20.82 -5.57 59.50
N ILE B 373 -21.89 -6.36 59.69
CA ILE B 373 -22.12 -7.52 58.85
C ILE B 373 -23.58 -7.52 58.45
N LYS B 374 -23.88 -8.09 57.28
CA LYS B 374 -25.24 -8.14 56.76
C LYS B 374 -25.57 -9.52 56.23
N THR B 375 -26.85 -9.81 56.13
CA THR B 375 -27.32 -11.10 55.65
C THR B 375 -28.80 -10.97 55.32
N LYS B 376 -29.28 -11.81 54.41
CA LYS B 376 -30.68 -11.77 54.00
C LYS B 376 -31.27 -13.18 53.88
N ARG B 377 -32.32 -13.42 54.66
CA ARG B 377 -33.01 -14.72 54.65
C ARG B 377 -34.41 -14.56 54.05
N HIS B 378 -34.72 -15.36 53.03
CA HIS B 378 -36.03 -15.31 52.37
C HIS B 378 -37.15 -15.76 53.30
N VAL B 379 -38.18 -14.92 53.43
CA VAL B 379 -39.33 -15.22 54.28
C VAL B 379 -40.61 -14.81 53.57
N GLU B 380 -41.60 -15.70 53.59
CA GLU B 380 -42.88 -15.44 52.95
C GLU B 380 -43.96 -15.30 54.02
N GLY B 381 -45.14 -14.88 53.60
CA GLY B 381 -46.24 -14.71 54.53
C GLY B 381 -46.20 -13.38 55.27
N ASP B 382 -46.60 -13.40 56.54
CA ASP B 382 -46.60 -12.20 57.36
C ASP B 382 -45.17 -11.85 57.77
N ARG B 383 -44.30 -11.80 56.78
CA ARG B 383 -42.89 -11.49 56.95
C ARG B 383 -42.63 -10.43 58.00
N HIS B 384 -43.52 -9.44 58.07
CA HIS B 384 -43.39 -8.35 59.04
C HIS B 384 -43.71 -8.77 60.46
N ALA B 385 -44.85 -9.42 60.67
CA ALA B 385 -45.24 -9.88 62.00
C ALA B 385 -44.15 -10.74 62.64
N ILE B 386 -43.37 -11.40 61.80
CA ILE B 386 -42.27 -12.24 62.27
C ILE B 386 -41.25 -11.40 63.03
N VAL B 387 -40.85 -10.29 62.41
CA VAL B 387 -39.89 -9.39 63.03
C VAL B 387 -40.43 -8.88 64.36
N ASN B 388 -41.74 -8.64 64.42
CA ASN B 388 -42.37 -8.16 65.64
C ASN B 388 -42.21 -9.17 66.77
N LYS B 389 -42.30 -10.45 66.41
CA LYS B 389 -42.15 -11.52 67.39
C LYS B 389 -40.74 -11.46 67.95
N VAL B 390 -39.79 -11.26 67.04
CA VAL B 390 -38.38 -11.17 67.41
C VAL B 390 -38.21 -10.08 68.46
N ALA B 391 -38.89 -8.96 68.25
CA ALA B 391 -38.83 -7.83 69.17
C ALA B 391 -39.27 -8.23 70.58
N GLU B 392 -40.37 -8.97 70.66
CA GLU B 392 -40.88 -9.42 71.96
C GLU B 392 -39.89 -10.39 72.62
N MET B 393 -39.55 -11.47 71.91
CA MET B 393 -38.62 -12.44 72.44
C MET B 393 -37.38 -11.74 72.96
N ALA B 394 -36.86 -10.82 72.16
CA ALA B 394 -35.68 -10.06 72.54
C ALA B 394 -35.91 -9.35 73.87
N ARG B 395 -37.05 -8.66 73.98
CA ARG B 395 -37.38 -7.94 75.21
C ARG B 395 -37.55 -8.94 76.36
N GLU B 396 -38.26 -10.04 76.09
CA GLU B 396 -38.49 -11.09 77.06
C GLU B 396 -37.16 -11.61 77.60
N ARG B 397 -36.19 -11.74 76.70
CA ARG B 397 -34.86 -12.22 77.05
C ARG B 397 -33.96 -11.12 77.64
N GLY B 398 -34.59 -10.04 78.10
CA GLY B 398 -33.86 -8.94 78.69
C GLY B 398 -33.25 -7.92 77.75
N TYR B 399 -33.33 -8.18 76.44
CA TYR B 399 -32.77 -7.28 75.41
C TYR B 399 -33.58 -6.01 75.21
N THR B 400 -32.88 -4.89 75.08
CA THR B 400 -33.52 -3.59 74.84
C THR B 400 -33.65 -3.46 73.33
N VAL B 401 -34.87 -3.30 72.84
CA VAL B 401 -35.10 -3.19 71.40
C VAL B 401 -35.81 -1.90 70.98
N ASP B 402 -35.44 -1.42 69.80
CA ASP B 402 -36.03 -0.23 69.21
C ASP B 402 -36.88 -0.73 68.04
N THR B 403 -38.16 -0.40 68.07
CA THR B 403 -39.07 -0.84 67.03
C THR B 403 -39.54 0.28 66.09
N THR B 404 -38.70 1.31 65.94
CA THR B 404 -39.02 2.43 65.06
C THR B 404 -39.27 1.91 63.65
N ASP B 405 -38.44 0.96 63.24
CA ASP B 405 -38.56 0.37 61.91
C ASP B 405 -38.04 -1.06 62.02
N GLY B 406 -38.93 -1.97 62.41
CA GLY B 406 -38.52 -3.35 62.57
C GLY B 406 -38.00 -3.57 63.99
N ALA B 407 -37.10 -4.52 64.14
CA ALA B 407 -36.54 -4.83 65.45
C ALA B 407 -35.04 -4.59 65.47
N LYS B 408 -34.63 -3.64 66.30
CA LYS B 408 -33.22 -3.31 66.42
C LYS B 408 -32.78 -3.52 67.85
N ILE B 409 -32.13 -4.65 68.12
CA ILE B 409 -31.65 -4.96 69.46
C ILE B 409 -30.43 -4.08 69.73
N ILE B 410 -30.47 -3.35 70.84
CA ILE B 410 -29.40 -2.44 71.18
C ILE B 410 -28.47 -2.92 72.29
N PHE B 411 -27.17 -2.86 72.00
CA PHE B 411 -26.13 -3.24 72.94
C PHE B 411 -25.27 -2.00 73.09
N GLU B 412 -24.56 -1.88 74.21
CA GLU B 412 -23.71 -0.72 74.42
C GLU B 412 -22.55 -0.75 73.43
N ASP B 413 -22.18 -1.95 72.98
CA ASP B 413 -21.08 -2.10 72.04
C ASP B 413 -21.55 -2.04 70.58
N GLY B 414 -22.86 -2.09 70.38
CA GLY B 414 -23.38 -2.05 69.01
C GLY B 414 -24.83 -2.45 68.90
N TRP B 415 -25.18 -3.09 67.79
CA TRP B 415 -26.57 -3.48 67.60
C TRP B 415 -26.79 -4.52 66.51
N VAL B 416 -28.04 -4.97 66.44
CA VAL B 416 -28.48 -5.95 65.46
C VAL B 416 -29.85 -5.51 64.94
N LEU B 417 -29.94 -5.34 63.63
CA LEU B 417 -31.19 -4.90 63.03
C LEU B 417 -31.88 -5.98 62.20
N VAL B 418 -33.09 -6.33 62.61
CA VAL B 418 -33.88 -7.31 61.89
C VAL B 418 -35.00 -6.51 61.24
N ARG B 419 -34.98 -6.46 59.91
CA ARG B 419 -35.97 -5.71 59.17
C ARG B 419 -36.40 -6.43 57.89
N ALA B 420 -37.69 -6.32 57.57
CA ALA B 420 -38.25 -6.94 56.37
C ALA B 420 -38.34 -5.93 55.23
N SER B 421 -37.99 -6.37 54.02
CA SER B 421 -38.05 -5.51 52.84
C SER B 421 -39.49 -5.24 52.44
N GLY B 422 -39.76 -4.01 52.02
CA GLY B 422 -41.12 -3.66 51.61
C GLY B 422 -41.41 -4.21 50.24
N THR B 423 -40.40 -4.80 49.60
CA THR B 423 -40.57 -5.37 48.26
C THR B 423 -40.47 -6.89 48.27
N GLU B 424 -39.26 -7.41 48.10
CA GLU B 424 -39.03 -8.85 48.09
C GLU B 424 -39.21 -9.49 49.47
N PRO B 425 -39.73 -10.72 49.51
CA PRO B 425 -39.98 -11.48 50.75
C PRO B 425 -38.68 -11.80 51.47
N ILE B 426 -37.96 -10.76 51.87
CA ILE B 426 -36.68 -10.92 52.58
C ILE B 426 -36.79 -10.31 53.98
N ILE B 427 -35.88 -10.71 54.86
CA ILE B 427 -35.88 -10.19 56.21
C ILE B 427 -34.43 -9.92 56.64
N ARG B 428 -33.77 -9.05 55.88
CA ARG B 428 -32.38 -8.70 56.12
C ARG B 428 -31.97 -8.55 57.58
N ILE B 429 -30.70 -8.83 57.85
CA ILE B 429 -30.15 -8.75 59.19
C ILE B 429 -28.83 -7.97 59.17
N PHE B 430 -28.79 -6.87 59.92
CA PHE B 430 -27.61 -6.03 59.99
C PHE B 430 -27.07 -5.99 61.42
N SER B 431 -25.76 -5.85 61.54
CA SER B 431 -25.12 -5.78 62.85
C SER B 431 -23.91 -4.87 62.78
N GLU B 432 -23.61 -4.22 63.89
CA GLU B 432 -22.47 -3.33 63.97
C GLU B 432 -21.90 -3.33 65.40
N ALA B 433 -20.58 -3.25 65.49
CA ALA B 433 -19.91 -3.24 66.78
C ALA B 433 -18.54 -2.62 66.65
N LYS B 434 -17.86 -2.42 67.77
CA LYS B 434 -16.54 -1.82 67.74
C LYS B 434 -15.46 -2.89 67.58
N SER B 435 -15.87 -4.09 67.19
CA SER B 435 -14.97 -5.21 66.97
C SER B 435 -15.65 -6.28 66.12
N LYS B 436 -14.88 -6.95 65.26
CA LYS B 436 -15.44 -7.98 64.39
C LYS B 436 -16.11 -9.07 65.22
N GLU B 437 -15.52 -9.38 66.37
CA GLU B 437 -16.05 -10.42 67.25
C GLU B 437 -17.45 -10.09 67.70
N LYS B 438 -17.61 -8.94 68.36
CA LYS B 438 -18.92 -8.54 68.82
C LYS B 438 -19.89 -8.42 67.65
N ALA B 439 -19.39 -7.92 66.52
CA ALA B 439 -20.22 -7.76 65.33
C ALA B 439 -20.77 -9.10 64.89
N GLN B 440 -19.93 -10.13 64.98
CA GLN B 440 -20.32 -11.47 64.60
C GLN B 440 -21.34 -12.02 65.62
N GLU B 441 -21.09 -11.76 66.89
CA GLU B 441 -21.98 -12.21 67.96
C GLU B 441 -23.37 -11.66 67.73
N TYR B 442 -23.47 -10.34 67.81
CA TYR B 442 -24.73 -9.63 67.63
C TYR B 442 -25.48 -10.12 66.40
N LEU B 443 -24.76 -10.31 65.29
CA LEU B 443 -25.38 -10.78 64.06
C LEU B 443 -26.09 -12.11 64.31
N ASN B 444 -25.37 -13.06 64.90
CA ASN B 444 -25.94 -14.38 65.20
C ASN B 444 -27.17 -14.27 66.08
N LEU B 445 -27.08 -13.51 67.17
CA LEU B 445 -28.19 -13.33 68.10
C LEU B 445 -29.46 -13.02 67.32
N GLY B 446 -29.29 -12.31 66.20
CA GLY B 446 -30.43 -11.96 65.37
C GLY B 446 -30.92 -13.16 64.56
N ILE B 447 -30.00 -13.80 63.84
CA ILE B 447 -30.35 -14.97 63.03
C ILE B 447 -31.04 -16.02 63.92
N GLU B 448 -30.66 -16.04 65.20
CA GLU B 448 -31.22 -16.97 66.16
C GLU B 448 -32.68 -16.62 66.46
N LEU B 449 -32.90 -15.44 67.06
CA LEU B 449 -34.26 -15.00 67.38
C LEU B 449 -35.18 -15.08 66.17
N LEU B 450 -34.61 -14.89 64.98
CA LEU B 450 -35.39 -14.93 63.74
C LEU B 450 -35.91 -16.35 63.48
N GLU B 451 -34.99 -17.32 63.45
CA GLU B 451 -35.36 -18.71 63.20
C GLU B 451 -36.37 -19.23 64.22
N LYS B 452 -36.13 -18.95 65.50
CA LYS B 452 -37.03 -19.39 66.57
C LYS B 452 -38.32 -18.59 66.52
N ALA B 453 -38.29 -17.44 65.85
CA ALA B 453 -39.47 -16.59 65.73
C ALA B 453 -40.51 -17.25 64.81
N LEU B 454 -40.00 -17.84 63.74
CA LEU B 454 -40.85 -18.52 62.77
C LEU B 454 -40.71 -20.05 62.90
N SER B 455 -41.02 -20.77 61.82
CA SER B 455 -40.95 -22.22 61.80
C SER B 455 -41.70 -22.88 62.96
N MET C 1 4.43 35.85 12.20
CA MET C 1 4.62 34.67 11.30
C MET C 1 4.39 34.98 9.81
N GLY C 2 5.47 35.16 9.04
CA GLY C 2 5.35 35.50 7.63
C GLY C 2 4.61 36.82 7.53
N LYS C 3 5.01 37.74 8.42
CA LYS C 3 4.29 38.98 8.62
C LYS C 3 3.09 38.21 9.10
N LEU C 4 1.88 38.55 8.66
CA LEU C 4 0.66 37.85 9.10
C LEU C 4 0.48 36.31 9.35
N PHE C 5 0.06 35.56 8.32
CA PHE C 5 -0.18 34.10 8.47
C PHE C 5 1.05 33.17 8.51
N GLY C 6 0.88 32.04 9.20
CA GLY C 6 1.93 31.02 9.28
C GLY C 6 1.67 29.96 8.21
N THR C 7 2.08 28.72 8.47
CA THR C 7 1.91 27.62 7.49
C THR C 7 0.44 27.27 7.16
N PHE C 8 -0.41 27.29 8.20
CA PHE C 8 -1.85 27.03 8.04
C PHE C 8 -2.61 27.85 9.07
N GLY C 9 -2.81 29.14 8.79
CA GLY C 9 -3.50 30.00 9.72
C GLY C 9 -2.54 30.82 10.57
N VAL C 10 -3.10 31.58 11.51
CA VAL C 10 -2.29 32.41 12.37
C VAL C 10 -2.72 32.17 13.83
N ARG C 11 -1.78 32.26 14.77
CA ARG C 11 -2.14 32.08 16.16
C ARG C 11 -1.35 33.03 17.01
N GLY C 12 -1.76 33.16 18.26
CA GLY C 12 -1.06 34.06 19.17
C GLY C 12 -1.85 34.07 20.45
N ILE C 13 -1.45 34.91 21.39
CA ILE C 13 -2.15 34.98 22.67
C ILE C 13 -3.44 35.81 22.57
N ALA C 14 -4.53 35.27 23.12
CA ALA C 14 -5.80 35.96 23.06
C ALA C 14 -5.71 37.31 23.77
N ASN C 15 -6.22 38.35 23.12
CA ASN C 15 -6.21 39.72 23.67
C ASN C 15 -4.83 40.37 23.67
N GLU C 16 -3.86 39.76 22.99
CA GLU C 16 -2.53 40.38 22.84
C GLU C 16 -2.43 40.48 21.32
N LYS C 17 -1.89 39.49 20.63
CA LYS C 17 -1.88 39.56 19.19
C LYS C 17 -3.31 39.29 18.68
N ILE C 18 -3.96 38.25 19.20
CA ILE C 18 -5.29 37.87 18.72
C ILE C 18 -6.39 38.56 19.48
N THR C 19 -6.64 39.80 19.09
CA THR C 19 -7.66 40.64 19.71
C THR C 19 -8.93 40.53 18.88
N PRO C 20 -10.03 41.13 19.36
CA PRO C 20 -11.31 41.11 18.64
C PRO C 20 -11.09 41.95 17.37
N GLU C 21 -10.31 43.05 17.45
CA GLU C 21 -10.09 43.88 16.24
C GLU C 21 -9.35 43.05 15.18
N PHE C 22 -8.37 42.27 15.59
CA PHE C 22 -7.62 41.42 14.68
C PHE C 22 -8.61 40.44 13.95
N ALA C 23 -9.45 39.78 14.72
CA ALA C 23 -10.42 38.82 14.17
C ALA C 23 -11.38 39.50 13.18
N MET C 24 -11.88 40.66 13.58
CA MET C 24 -12.80 41.42 12.75
C MET C 24 -12.14 41.85 11.44
N LYS C 25 -10.89 42.31 11.51
CA LYS C 25 -10.18 42.72 10.30
C LYS C 25 -9.95 41.53 9.36
N ILE C 26 -9.58 40.38 9.93
CA ILE C 26 -9.39 39.18 9.14
C ILE C 26 -10.73 38.89 8.43
N GLY C 27 -11.82 38.97 9.16
CA GLY C 27 -13.13 38.73 8.55
C GLY C 27 -13.44 39.69 7.41
N MET C 28 -13.20 40.97 7.62
CA MET C 28 -13.47 41.96 6.57
C MET C 28 -12.54 41.76 5.36
N ALA C 29 -11.29 41.40 5.63
CA ALA C 29 -10.35 41.18 4.52
C ALA C 29 -10.78 39.95 3.72
N PHE C 30 -11.06 38.85 4.42
CA PHE C 30 -11.46 37.63 3.75
C PHE C 30 -12.74 37.84 2.92
N GLY C 31 -13.74 38.49 3.51
CA GLY C 31 -14.98 38.72 2.81
C GLY C 31 -14.78 39.62 1.60
N THR C 32 -13.88 40.59 1.73
CA THR C 32 -13.62 41.50 0.62
C THR C 32 -13.02 40.72 -0.54
N LEU C 33 -12.04 39.86 -0.27
CA LEU C 33 -11.44 39.02 -1.30
C LEU C 33 -12.50 38.14 -2.01
N LEU C 34 -13.33 37.47 -1.21
CA LEU C 34 -14.39 36.63 -1.79
C LEU C 34 -15.29 37.43 -2.73
N LYS C 35 -15.58 38.68 -2.40
CA LYS C 35 -16.41 39.51 -3.28
C LYS C 35 -15.67 39.92 -4.56
N ARG C 36 -14.44 40.40 -4.39
CA ARG C 36 -13.62 40.82 -5.51
C ARG C 36 -13.31 39.69 -6.49
N GLU C 37 -13.37 38.42 -6.05
CA GLU C 37 -13.13 37.31 -6.96
C GLU C 37 -14.36 37.08 -7.86
N GLY C 38 -15.40 37.90 -7.64
CA GLY C 38 -16.59 37.81 -8.49
C GLY C 38 -17.88 37.27 -7.88
N ARG C 39 -18.02 37.37 -6.55
CA ARG C 39 -19.22 36.87 -5.90
C ARG C 39 -19.98 38.04 -5.28
N LYS C 40 -21.25 38.12 -5.63
CA LYS C 40 -22.10 39.19 -5.14
C LYS C 40 -22.32 39.08 -3.63
N LYS C 41 -22.57 37.86 -3.16
CA LYS C 41 -22.83 37.66 -1.73
C LYS C 41 -22.26 36.34 -1.28
N PRO C 42 -20.96 36.35 -0.93
CA PRO C 42 -20.26 35.15 -0.48
C PRO C 42 -20.94 34.46 0.71
N LEU C 43 -20.78 33.15 0.80
CA LEU C 43 -21.35 32.37 1.91
C LEU C 43 -20.11 31.80 2.61
N VAL C 44 -19.98 32.07 3.90
CA VAL C 44 -18.83 31.61 4.64
C VAL C 44 -19.20 30.80 5.88
N VAL C 45 -18.55 29.66 6.04
CA VAL C 45 -18.80 28.79 7.21
C VAL C 45 -17.79 29.14 8.32
N VAL C 46 -18.30 29.33 9.54
CA VAL C 46 -17.44 29.69 10.67
C VAL C 46 -17.65 28.73 11.83
N GLY C 47 -16.54 28.19 12.33
CA GLY C 47 -16.61 27.27 13.48
C GLY C 47 -15.46 27.58 14.41
N ARG C 48 -15.43 26.90 15.55
CA ARG C 48 -14.36 27.12 16.53
C ARG C 48 -14.18 25.90 17.43
N ASP C 49 -13.08 25.88 18.18
CA ASP C 49 -12.84 24.77 19.10
C ASP C 49 -13.41 25.17 20.49
N THR C 50 -12.96 24.51 21.55
CA THR C 50 -13.49 24.78 22.89
C THR C 50 -12.84 25.92 23.67
N ARG C 51 -11.87 26.60 23.06
CA ARG C 51 -11.18 27.66 23.79
C ARG C 51 -12.08 28.73 24.37
N VAL C 52 -11.70 29.20 25.55
CA VAL C 52 -12.44 30.21 26.30
C VAL C 52 -12.57 31.55 25.58
N SER C 53 -11.64 31.84 24.69
CA SER C 53 -11.71 33.10 23.98
C SER C 53 -12.41 32.95 22.64
N GLY C 54 -12.79 31.73 22.29
CA GLY C 54 -13.41 31.49 20.99
C GLY C 54 -14.70 32.21 20.68
N GLU C 55 -15.64 32.23 21.62
CA GLU C 55 -16.90 32.90 21.38
C GLU C 55 -16.70 34.39 21.05
N MET C 56 -15.90 35.07 21.87
CA MET C 56 -15.64 36.49 21.64
C MET C 56 -14.99 36.73 20.27
N LEU C 57 -14.03 35.90 19.90
CA LEU C 57 -13.38 36.11 18.63
C LEU C 57 -14.28 35.76 17.45
N LYS C 58 -15.12 34.75 17.66
CA LYS C 58 -16.06 34.32 16.63
C LYS C 58 -17.05 35.45 16.34
N GLU C 59 -17.50 36.11 17.39
CA GLU C 59 -18.46 37.21 17.18
C GLU C 59 -17.81 38.32 16.39
N ALA C 60 -16.54 38.63 16.72
CA ALA C 60 -15.81 39.68 16.04
C ALA C 60 -15.59 39.34 14.57
N LEU C 61 -15.20 38.11 14.28
CA LEU C 61 -14.97 37.68 12.90
C LEU C 61 -16.27 37.70 12.08
N ILE C 62 -17.35 37.22 12.68
CA ILE C 62 -18.65 37.21 11.98
C ILE C 62 -19.13 38.62 11.74
N SER C 63 -19.04 39.47 12.77
CA SER C 63 -19.45 40.85 12.56
C SER C 63 -18.68 41.43 11.33
N GLY C 64 -17.38 41.21 11.26
CA GLY C 64 -16.64 41.73 10.11
C GLY C 64 -17.16 41.17 8.79
N LEU C 65 -17.38 39.85 8.72
CA LEU C 65 -17.88 39.23 7.47
C LEU C 65 -19.23 39.80 7.06
N LEU C 66 -20.15 39.90 8.02
CA LEU C 66 -21.48 40.44 7.70
C LEU C 66 -21.36 41.87 7.22
N SER C 67 -20.44 42.63 7.83
CA SER C 67 -20.28 44.04 7.48
C SER C 67 -19.78 44.28 6.07
N VAL C 68 -19.10 43.29 5.48
CA VAL C 68 -18.63 43.40 4.11
C VAL C 68 -19.53 42.64 3.13
N GLY C 69 -20.74 42.32 3.57
CA GLY C 69 -21.68 41.66 2.69
C GLY C 69 -21.68 40.15 2.50
N CYS C 70 -21.08 39.40 3.42
CA CYS C 70 -21.09 37.94 3.34
C CYS C 70 -22.14 37.34 4.26
N ASP C 71 -22.83 36.31 3.77
CA ASP C 71 -23.74 35.54 4.61
C ASP C 71 -22.82 34.55 5.36
N VAL C 72 -23.23 34.18 6.57
CA VAL C 72 -22.42 33.30 7.39
C VAL C 72 -23.23 32.14 7.95
N ILE C 73 -22.58 30.99 8.07
CA ILE C 73 -23.20 29.84 8.71
C ILE C 73 -22.27 29.55 9.87
N ASP C 74 -22.79 29.77 11.09
CA ASP C 74 -22.05 29.52 12.31
C ASP C 74 -22.30 28.07 12.73
N VAL C 75 -21.26 27.23 12.63
CA VAL C 75 -21.42 25.83 13.00
C VAL C 75 -21.04 25.56 14.45
N GLY C 76 -20.83 26.63 15.21
CA GLY C 76 -20.50 26.49 16.62
C GLY C 76 -19.19 25.78 16.92
N ILE C 77 -19.18 24.95 17.97
CA ILE C 77 -17.99 24.25 18.37
C ILE C 77 -17.91 22.90 17.66
N ALA C 78 -16.80 22.67 16.94
CA ALA C 78 -16.61 21.44 16.19
C ALA C 78 -15.14 21.25 15.82
N PRO C 79 -14.74 19.99 15.63
CA PRO C 79 -13.37 19.69 15.25
C PRO C 79 -13.04 20.48 13.95
N THR C 80 -11.78 20.88 13.79
CA THR C 80 -11.38 21.61 12.60
C THR C 80 -11.76 20.87 11.30
N PRO C 81 -11.49 19.55 11.21
CA PRO C 81 -11.85 18.80 9.99
C PRO C 81 -13.37 18.82 9.78
N ALA C 82 -14.17 18.93 10.87
CA ALA C 82 -15.64 18.99 10.70
C ALA C 82 -16.04 20.32 10.06
N VAL C 83 -15.33 21.38 10.45
CA VAL C 83 -15.61 22.68 9.90
C VAL C 83 -15.19 22.67 8.40
N GLN C 84 -14.07 22.02 8.08
CA GLN C 84 -13.67 21.94 6.68
C GLN C 84 -14.72 21.14 5.93
N TRP C 85 -15.14 20.01 6.52
CA TRP C 85 -16.18 19.18 5.90
C TRP C 85 -17.46 20.03 5.66
N ALA C 86 -17.87 20.78 6.68
CA ALA C 86 -19.06 21.63 6.57
C ALA C 86 -18.93 22.69 5.47
N THR C 87 -17.74 23.25 5.28
CA THR C 87 -17.55 24.28 4.27
C THR C 87 -17.88 23.71 2.91
N LYS C 88 -17.43 22.47 2.69
CA LYS C 88 -17.75 21.78 1.44
C LYS C 88 -19.24 21.37 1.43
N HIS C 89 -19.70 20.78 2.53
CA HIS C 89 -21.08 20.32 2.64
C HIS C 89 -22.15 21.39 2.34
N PHE C 90 -21.96 22.60 2.87
CA PHE C 90 -22.92 23.68 2.64
C PHE C 90 -22.67 24.47 1.39
N ASN C 91 -21.76 23.99 0.54
CA ASN C 91 -21.45 24.69 -0.71
C ASN C 91 -21.07 26.15 -0.46
N ALA C 92 -20.25 26.38 0.56
CA ALA C 92 -19.82 27.72 0.93
C ALA C 92 -18.68 28.18 0.05
N ASP C 93 -18.45 29.48 0.03
CA ASP C 93 -17.36 29.99 -0.80
C ASP C 93 -16.07 29.98 -0.01
N GLY C 94 -16.17 29.77 1.30
CA GLY C 94 -14.99 29.75 2.11
C GLY C 94 -15.37 29.42 3.53
N GLY C 95 -14.35 29.29 4.38
CA GLY C 95 -14.62 28.97 5.76
C GLY C 95 -13.54 29.53 6.67
N ALA C 96 -13.81 29.52 7.97
CA ALA C 96 -12.86 30.03 8.93
C ALA C 96 -13.00 29.21 10.20
N VAL C 97 -11.88 28.87 10.82
CA VAL C 97 -11.90 28.09 12.05
C VAL C 97 -11.16 28.89 13.11
N ILE C 98 -11.83 29.17 14.24
CA ILE C 98 -11.19 29.92 15.33
C ILE C 98 -10.57 28.87 16.25
N THR C 99 -9.25 28.73 16.18
CA THR C 99 -8.58 27.71 16.97
C THR C 99 -7.07 27.95 17.01
N ALA C 100 -6.44 27.45 18.08
CA ALA C 100 -4.97 27.45 18.24
C ALA C 100 -4.51 25.98 18.42
N SER C 101 -5.37 25.04 17.98
CA SER C 101 -5.02 23.61 17.97
C SER C 101 -4.62 22.88 19.25
N HIS C 102 -3.30 22.72 19.44
CA HIS C 102 -2.77 22.00 20.60
C HIS C 102 -2.11 22.92 21.62
N ASN C 103 -2.17 24.22 21.37
CA ASN C 103 -1.53 25.17 22.25
C ASN C 103 -2.19 25.39 23.60
N PRO C 104 -1.46 26.02 24.54
CA PRO C 104 -2.02 26.29 25.89
C PRO C 104 -3.30 27.14 25.80
N PRO C 105 -4.16 27.10 26.84
CA PRO C 105 -5.44 27.81 26.94
C PRO C 105 -5.48 29.28 26.57
N GLU C 106 -4.39 30.02 26.82
CA GLU C 106 -4.33 31.45 26.50
C GLU C 106 -4.22 31.75 24.99
N TYR C 107 -3.90 30.74 24.19
CA TYR C 107 -3.75 30.98 22.75
C TYR C 107 -5.04 30.75 21.96
N ASN C 108 -5.14 31.41 20.81
CA ASN C 108 -6.21 31.16 19.87
C ASN C 108 -5.68 31.60 18.51
N GLY C 109 -6.46 31.39 17.45
CA GLY C 109 -5.98 31.74 16.12
C GLY C 109 -7.09 31.62 15.10
N ILE C 110 -6.73 31.73 13.83
CA ILE C 110 -7.71 31.66 12.75
C ILE C 110 -7.12 30.96 11.55
N LYS C 111 -7.88 30.00 11.03
CA LYS C 111 -7.50 29.27 9.82
C LYS C 111 -8.56 29.63 8.77
N LEU C 112 -8.14 30.04 7.58
CA LEU C 112 -9.10 30.35 6.53
C LEU C 112 -9.12 29.14 5.58
N LEU C 113 -10.27 28.94 4.94
CA LEU C 113 -10.44 27.79 4.07
C LEU C 113 -10.97 28.14 2.68
N GLU C 114 -10.55 27.33 1.70
CA GLU C 114 -10.97 27.39 0.29
C GLU C 114 -12.44 26.94 0.26
N PRO C 115 -13.11 27.11 -0.90
CA PRO C 115 -14.52 26.69 -1.05
C PRO C 115 -14.72 25.20 -0.76
N ASN C 116 -13.69 24.37 -1.02
CA ASN C 116 -13.86 22.94 -0.76
C ASN C 116 -13.40 22.53 0.64
N GLY C 117 -13.12 23.54 1.48
CA GLY C 117 -12.71 23.30 2.86
C GLY C 117 -11.22 23.15 3.12
N MET C 118 -10.40 23.05 2.08
CA MET C 118 -8.99 22.90 2.38
C MET C 118 -8.36 24.21 2.82
N GLY C 119 -7.21 24.14 3.47
CA GLY C 119 -6.55 25.36 3.92
C GLY C 119 -6.40 26.35 2.78
N LEU C 120 -6.59 27.63 3.06
CA LEU C 120 -6.50 28.69 2.05
C LEU C 120 -5.20 28.65 1.22
N LYS C 121 -5.33 28.83 -0.11
CA LYS C 121 -4.15 28.83 -0.98
C LYS C 121 -3.25 30.03 -0.67
N LYS C 122 -1.95 29.82 -0.78
CA LYS C 122 -0.99 30.89 -0.48
C LYS C 122 -1.22 32.17 -1.25
N GLU C 123 -1.55 32.07 -2.54
CA GLU C 123 -1.77 33.25 -3.37
C GLU C 123 -2.98 34.06 -2.84
N ARG C 124 -4.03 33.36 -2.44
CA ARG C 124 -5.21 34.05 -1.94
C ARG C 124 -4.93 34.62 -0.56
N GLU C 125 -4.18 33.87 0.22
CA GLU C 125 -3.80 34.29 1.54
C GLU C 125 -2.95 35.59 1.44
N ALA C 126 -2.13 35.69 0.40
CA ALA C 126 -1.30 36.90 0.25
C ALA C 126 -2.20 38.11 0.03
N ILE C 127 -3.30 37.94 -0.68
CA ILE C 127 -4.22 39.06 -0.91
C ILE C 127 -4.90 39.42 0.42
N VAL C 128 -5.37 38.42 1.17
CA VAL C 128 -6.00 38.70 2.44
C VAL C 128 -5.06 39.55 3.32
N GLU C 129 -3.78 39.16 3.39
CA GLU C 129 -2.82 39.88 4.21
C GLU C 129 -2.73 41.32 3.79
N GLU C 130 -2.64 41.53 2.48
CA GLU C 130 -2.54 42.85 1.93
C GLU C 130 -3.76 43.69 2.35
N LEU C 131 -4.96 43.14 2.18
CA LEU C 131 -6.18 43.86 2.51
C LEU C 131 -6.27 44.15 3.99
N PHE C 132 -5.74 43.23 4.78
CA PHE C 132 -5.71 43.37 6.23
C PHE C 132 -4.79 44.54 6.62
N PHE C 133 -3.59 44.55 6.05
CA PHE C 133 -2.65 45.61 6.37
C PHE C 133 -3.08 46.96 5.85
N LYS C 134 -3.63 47.02 4.65
CA LYS C 134 -4.08 48.31 4.11
C LYS C 134 -5.47 48.72 4.60
N GLU C 135 -6.16 47.79 5.26
CA GLU C 135 -7.53 47.98 5.69
C GLU C 135 -8.33 48.45 4.48
N ASP C 136 -8.15 47.71 3.39
CA ASP C 136 -8.83 47.96 2.13
C ASP C 136 -10.02 46.99 2.12
N PHE C 137 -11.13 47.42 2.71
CA PHE C 137 -12.32 46.58 2.81
C PHE C 137 -13.50 47.11 2.02
N ASP C 138 -14.27 46.22 1.39
CA ASP C 138 -15.45 46.67 0.64
C ASP C 138 -16.65 46.53 1.56
N ARG C 139 -16.91 47.60 2.32
CA ARG C 139 -18.01 47.64 3.27
C ARG C 139 -19.32 47.59 2.55
N ALA C 140 -20.25 46.78 3.06
CA ALA C 140 -21.54 46.66 2.39
C ALA C 140 -22.45 47.84 2.57
N LYS C 141 -23.30 48.08 1.57
CA LYS C 141 -24.32 49.11 1.69
C LYS C 141 -25.27 48.51 2.72
N TRP C 142 -26.02 49.37 3.42
CA TRP C 142 -26.91 48.90 4.48
C TRP C 142 -27.84 47.75 4.11
N TYR C 143 -28.41 47.80 2.91
CA TYR C 143 -29.32 46.75 2.48
C TYR C 143 -28.62 45.50 1.88
N GLU C 144 -27.29 45.46 1.95
CA GLU C 144 -26.49 44.33 1.47
C GLU C 144 -25.68 43.69 2.61
N ILE C 145 -25.89 44.15 3.85
CA ILE C 145 -25.17 43.57 4.97
C ILE C 145 -25.54 42.08 5.05
N GLY C 146 -24.57 41.21 5.28
CA GLY C 146 -24.88 39.78 5.34
C GLY C 146 -25.75 39.32 6.50
N GLU C 147 -26.24 38.09 6.41
CA GLU C 147 -27.06 37.51 7.46
C GLU C 147 -26.35 36.25 7.96
N VAL C 148 -26.64 35.87 9.20
CA VAL C 148 -26.02 34.69 9.78
C VAL C 148 -27.07 33.71 10.29
N ARG C 149 -26.77 32.42 10.21
CA ARG C 149 -27.66 31.43 10.74
C ARG C 149 -26.77 30.38 11.39
N ARG C 150 -27.34 29.59 12.30
CA ARG C 150 -26.60 28.54 12.99
C ARG C 150 -26.98 27.19 12.45
N GLU C 151 -25.99 26.30 12.40
CA GLU C 151 -26.19 24.93 11.92
C GLU C 151 -25.47 24.01 12.89
N ASP C 152 -26.11 22.91 13.27
CA ASP C 152 -25.47 21.93 14.15
C ASP C 152 -24.95 20.88 13.17
N ILE C 153 -23.64 20.64 13.12
CA ILE C 153 -23.10 19.69 12.14
C ILE C 153 -22.53 18.40 12.74
N ILE C 154 -22.69 18.23 14.04
CA ILE C 154 -22.15 17.05 14.70
C ILE C 154 -22.69 15.74 14.14
N LYS C 155 -24.02 15.57 14.11
CA LYS C 155 -24.58 14.34 13.58
C LYS C 155 -24.25 14.14 12.08
N PRO C 156 -24.44 15.17 11.24
CA PRO C 156 -24.12 15.02 9.82
C PRO C 156 -22.65 14.62 9.59
N TYR C 157 -21.75 15.20 10.37
CA TYR C 157 -20.34 14.91 10.23
C TYR C 157 -20.08 13.46 10.61
N ILE C 158 -20.63 13.04 11.75
CA ILE C 158 -20.46 11.67 12.20
C ILE C 158 -21.02 10.69 11.18
N GLU C 159 -22.19 10.98 10.62
CA GLU C 159 -22.79 10.11 9.63
C GLU C 159 -21.95 10.09 8.36
N ALA C 160 -21.31 11.21 8.01
CA ALA C 160 -20.48 11.22 6.81
C ALA C 160 -19.29 10.27 6.95
N ILE C 161 -18.73 10.18 8.14
CA ILE C 161 -17.61 9.29 8.40
C ILE C 161 -18.09 7.82 8.42
N LYS C 162 -19.19 7.56 9.11
CA LYS C 162 -19.75 6.19 9.18
C LYS C 162 -20.04 5.59 7.81
N SER C 163 -20.60 6.40 6.92
CA SER C 163 -20.93 5.95 5.57
C SER C 163 -19.71 5.42 4.80
N LYS C 164 -18.52 5.71 5.30
CA LYS C 164 -17.29 5.29 4.62
C LYS C 164 -16.74 3.96 5.10
N VAL C 165 -17.22 3.46 6.23
CA VAL C 165 -16.68 2.21 6.73
C VAL C 165 -17.70 1.08 6.89
N ASP C 166 -17.19 -0.13 7.11
CA ASP C 166 -18.00 -1.33 7.26
C ASP C 166 -18.52 -1.45 8.67
N VAL C 167 -19.60 -0.74 8.96
CA VAL C 167 -20.15 -0.75 10.30
C VAL C 167 -20.57 -2.14 10.80
N GLU C 168 -21.16 -2.95 9.94
CA GLU C 168 -21.57 -4.28 10.37
C GLU C 168 -20.37 -5.10 10.84
N ALA C 169 -19.26 -5.00 10.12
CA ALA C 169 -18.08 -5.74 10.51
C ALA C 169 -17.60 -5.28 11.87
N ILE C 170 -17.64 -3.97 12.10
CA ILE C 170 -17.19 -3.43 13.37
C ILE C 170 -18.12 -3.87 14.51
N LYS C 171 -19.43 -3.72 14.30
CA LYS C 171 -20.39 -4.12 15.33
C LYS C 171 -20.19 -5.60 15.66
N LYS C 172 -19.90 -6.41 14.64
CA LYS C 172 -19.71 -7.83 14.86
C LYS C 172 -18.53 -8.10 15.79
N ARG C 173 -17.43 -7.37 15.59
CA ARG C 173 -16.25 -7.56 16.41
C ARG C 173 -16.38 -6.87 17.77
N LYS C 174 -17.09 -5.74 17.80
CA LYS C 174 -17.24 -4.95 19.01
C LYS C 174 -15.90 -4.61 19.67
N PRO C 175 -15.03 -3.88 18.95
CA PRO C 175 -13.73 -3.56 19.58
C PRO C 175 -13.91 -2.65 20.79
N PHE C 176 -13.01 -2.80 21.75
CA PHE C 176 -13.02 -2.03 22.99
C PHE C 176 -11.97 -0.91 22.85
N VAL C 177 -12.44 0.31 22.64
CA VAL C 177 -11.53 1.44 22.46
C VAL C 177 -11.61 2.46 23.59
N VAL C 178 -10.45 2.91 24.07
CA VAL C 178 -10.40 3.93 25.10
C VAL C 178 -9.94 5.22 24.37
N VAL C 179 -10.63 6.32 24.61
CA VAL C 179 -10.31 7.56 23.92
C VAL C 179 -10.12 8.76 24.84
N ASP C 180 -9.13 9.57 24.53
CA ASP C 180 -8.86 10.78 25.32
C ASP C 180 -8.94 11.90 24.28
N THR C 181 -9.92 12.78 24.47
CA THR C 181 -10.13 13.90 23.54
C THR C 181 -9.58 15.22 24.08
N SER C 182 -8.81 15.12 25.14
CA SER C 182 -8.13 16.24 25.77
C SER C 182 -8.99 17.51 25.98
N ASN C 183 -10.23 17.31 26.46
CA ASN C 183 -11.15 18.42 26.72
C ASN C 183 -11.40 19.29 25.47
N GLY C 184 -11.05 18.77 24.29
CA GLY C 184 -11.21 19.54 23.07
C GLY C 184 -12.47 19.31 22.27
N ALA C 185 -12.45 19.87 21.07
CA ALA C 185 -13.58 19.76 20.14
C ALA C 185 -13.94 18.30 19.82
N GLY C 186 -12.94 17.41 19.79
CA GLY C 186 -13.20 16.01 19.52
C GLY C 186 -14.04 15.34 20.62
N SER C 187 -14.24 16.03 21.74
CA SER C 187 -15.08 15.52 22.81
C SER C 187 -16.53 15.42 22.35
N LEU C 188 -16.90 16.24 21.38
CA LEU C 188 -18.26 16.25 20.88
C LEU C 188 -18.55 15.23 19.80
N THR C 189 -17.51 14.63 19.28
CA THR C 189 -17.64 13.72 18.15
C THR C 189 -17.10 12.32 18.26
N LEU C 190 -15.82 12.18 18.56
CA LEU C 190 -15.20 10.84 18.57
C LEU C 190 -15.83 9.77 19.46
N PRO C 191 -16.19 10.13 20.69
CA PRO C 191 -16.80 9.11 21.55
C PRO C 191 -18.09 8.56 20.97
N TYR C 192 -18.86 9.44 20.34
CA TYR C 192 -20.14 9.07 19.75
C TYR C 192 -19.94 8.29 18.46
N LEU C 193 -19.02 8.76 17.63
CA LEU C 193 -18.71 8.04 16.41
C LEU C 193 -18.33 6.58 16.75
N LEU C 194 -17.43 6.39 17.71
CA LEU C 194 -17.00 5.04 18.07
C LEU C 194 -18.13 4.16 18.59
N ARG C 195 -19.01 4.74 19.39
CA ARG C 195 -20.12 3.96 19.91
C ARG C 195 -21.03 3.55 18.76
N GLU C 196 -21.30 4.49 17.86
CA GLU C 196 -22.18 4.23 16.74
C GLU C 196 -21.60 3.23 15.75
N LEU C 197 -20.27 3.14 15.68
CA LEU C 197 -19.64 2.18 14.79
C LEU C 197 -19.82 0.76 15.35
N GLY C 198 -20.04 0.68 16.67
CA GLY C 198 -20.23 -0.61 17.29
C GLY C 198 -19.18 -0.96 18.33
N CYS C 199 -18.39 0.03 18.75
CA CYS C 199 -17.36 -0.20 19.75
C CYS C 199 -17.85 -0.01 21.17
N LYS C 200 -17.15 -0.64 22.11
CA LYS C 200 -17.40 -0.47 23.54
C LYS C 200 -16.47 0.73 23.78
N VAL C 201 -17.00 1.80 24.37
CA VAL C 201 -16.21 3.00 24.56
C VAL C 201 -16.07 3.52 25.98
N ILE C 202 -14.82 3.80 26.35
CA ILE C 202 -14.49 4.39 27.65
C ILE C 202 -13.72 5.66 27.25
N THR C 203 -13.99 6.75 27.94
CA THR C 203 -13.37 8.02 27.61
C THR C 203 -12.63 8.60 28.77
N VAL C 204 -11.61 9.40 28.44
CA VAL C 204 -10.80 10.09 29.43
C VAL C 204 -10.77 11.57 28.99
N ASN C 205 -11.12 12.48 29.89
CA ASN C 205 -11.11 13.91 29.59
C ASN C 205 -12.01 14.29 28.42
N ALA C 206 -13.20 13.68 28.36
CA ALA C 206 -14.14 13.98 27.27
C ALA C 206 -15.16 15.06 27.53
N GLN C 207 -14.98 15.84 28.60
CA GLN C 207 -15.88 16.96 28.86
C GLN C 207 -15.20 18.14 28.15
N PRO C 208 -15.94 18.83 27.27
CA PRO C 208 -15.36 19.97 26.54
C PRO C 208 -15.06 21.04 27.57
N ASP C 209 -13.83 21.54 27.60
CA ASP C 209 -13.47 22.57 28.57
C ASP C 209 -12.22 23.31 28.09
N GLY C 210 -12.42 24.54 27.64
CA GLY C 210 -11.34 25.35 27.12
C GLY C 210 -10.22 25.67 28.09
N TYR C 211 -10.41 25.31 29.36
CA TYR C 211 -9.36 25.54 30.36
C TYR C 211 -8.35 24.39 30.25
N PHE C 212 -8.70 23.36 29.45
CA PHE C 212 -7.84 22.19 29.27
C PHE C 212 -7.27 21.69 30.60
N PRO C 213 -8.16 21.33 31.55
CA PRO C 213 -7.79 20.85 32.89
C PRO C 213 -6.80 19.69 32.89
N ALA C 214 -7.01 18.71 32.01
CA ALA C 214 -6.13 17.55 31.98
C ALA C 214 -4.68 17.91 31.67
N ARG C 215 -4.46 18.76 30.65
CA ARG C 215 -3.12 19.21 30.23
C ARG C 215 -3.22 19.95 28.91
N ASN C 216 -2.13 20.61 28.50
CA ASN C 216 -2.17 21.29 27.23
C ASN C 216 -2.60 20.22 26.27
N PRO C 217 -3.53 20.50 25.36
CA PRO C 217 -4.08 19.58 24.39
C PRO C 217 -3.18 19.10 23.23
N GLU C 218 -2.00 18.57 23.57
CA GLU C 218 -1.05 18.05 22.60
C GLU C 218 -0.81 16.58 22.94
N PRO C 219 -1.23 15.67 22.07
CA PRO C 219 -1.08 14.21 22.27
C PRO C 219 0.30 13.61 22.01
N ASN C 220 1.38 14.21 22.53
CA ASN C 220 2.71 13.62 22.34
C ASN C 220 2.90 12.52 23.37
N GLU C 221 3.85 11.63 23.12
CA GLU C 221 4.09 10.51 24.04
C GLU C 221 4.29 10.92 25.49
N GLU C 222 5.00 12.01 25.73
CA GLU C 222 5.23 12.48 27.10
C GLU C 222 3.92 12.75 27.83
N ASN C 223 3.03 13.49 27.18
CA ASN C 223 1.73 13.83 27.77
C ASN C 223 0.76 12.67 27.93
N LEU C 224 0.98 11.59 27.19
CA LEU C 224 0.08 10.44 27.26
C LEU C 224 0.60 9.33 28.15
N LYS C 225 1.61 9.62 28.95
CA LYS C 225 2.18 8.62 29.85
C LYS C 225 1.09 7.93 30.67
N GLU C 226 0.26 8.72 31.34
CA GLU C 226 -0.82 8.16 32.13
C GLU C 226 -1.87 7.46 31.27
N PHE C 227 -2.21 8.07 30.13
CA PHE C 227 -3.20 7.49 29.23
C PHE C 227 -2.78 6.09 28.78
N MET C 228 -1.50 5.95 28.42
CA MET C 228 -0.98 4.67 27.98
C MET C 228 -1.17 3.60 29.05
N GLU C 229 -0.94 3.98 30.31
CA GLU C 229 -1.09 3.03 31.40
C GLU C 229 -2.56 2.62 31.51
N ILE C 230 -3.45 3.60 31.37
CA ILE C 230 -4.87 3.36 31.46
C ILE C 230 -5.35 2.39 30.40
N VAL C 231 -4.80 2.52 29.20
CA VAL C 231 -5.18 1.65 28.10
C VAL C 231 -4.88 0.21 28.47
N LYS C 232 -3.72 0.00 29.07
CA LYS C 232 -3.30 -1.34 29.46
C LYS C 232 -4.10 -1.83 30.67
N ALA C 233 -4.29 -0.95 31.67
CA ALA C 233 -5.04 -1.30 32.87
C ALA C 233 -6.47 -1.75 32.54
N LEU C 234 -7.15 -1.01 31.67
CA LEU C 234 -8.51 -1.36 31.30
C LEU C 234 -8.59 -2.61 30.41
N GLY C 235 -7.44 -3.02 29.85
CA GLY C 235 -7.46 -4.18 28.99
C GLY C 235 -8.19 -3.90 27.67
N ALA C 236 -8.07 -2.67 27.17
CA ALA C 236 -8.70 -2.28 25.91
C ALA C 236 -7.94 -2.83 24.71
N ASP C 237 -8.62 -2.98 23.57
CA ASP C 237 -7.98 -3.46 22.36
C ASP C 237 -6.97 -2.43 21.86
N PHE C 238 -7.21 -1.17 22.19
CA PHE C 238 -6.30 -0.08 21.85
C PHE C 238 -6.86 1.26 22.31
N GLY C 239 -6.00 2.28 22.33
CA GLY C 239 -6.44 3.59 22.76
C GLY C 239 -6.21 4.63 21.68
N VAL C 240 -6.95 5.74 21.76
CA VAL C 240 -6.80 6.82 20.80
C VAL C 240 -6.86 8.16 21.53
N ALA C 241 -5.97 9.07 21.17
CA ALA C 241 -5.95 10.39 21.77
C ALA C 241 -5.95 11.43 20.65
N GLN C 242 -6.69 12.53 20.86
CA GLN C 242 -6.75 13.60 19.87
C GLN C 242 -6.21 14.89 20.43
N ASP C 243 -5.84 15.84 19.55
CA ASP C 243 -5.37 17.14 20.05
C ASP C 243 -6.58 18.05 20.25
N GLY C 244 -6.33 19.28 20.67
CA GLY C 244 -7.38 20.24 20.95
C GLY C 244 -8.50 20.46 19.93
N ASP C 245 -8.13 20.68 18.66
CA ASP C 245 -9.14 20.90 17.64
C ASP C 245 -9.48 19.62 16.89
N ALA C 246 -8.94 18.51 17.36
CA ALA C 246 -9.23 17.19 16.82
C ALA C 246 -8.98 16.89 15.34
N ASP C 247 -7.92 17.46 14.79
CA ASP C 247 -7.58 17.11 13.42
C ASP C 247 -6.61 15.91 13.56
N ARG C 248 -5.90 15.80 14.68
CA ARG C 248 -4.96 14.66 14.87
C ARG C 248 -5.52 13.48 15.68
N ALA C 249 -4.94 12.30 15.48
CA ALA C 249 -5.35 11.11 16.23
C ALA C 249 -4.07 10.33 16.45
N VAL C 250 -3.80 9.98 17.71
CA VAL C 250 -2.61 9.23 18.08
C VAL C 250 -3.08 7.89 18.65
N PHE C 251 -2.46 6.81 18.22
CA PHE C 251 -2.84 5.45 18.65
C PHE C 251 -1.90 4.80 19.63
N ILE C 252 -2.49 4.03 20.55
CA ILE C 252 -1.76 3.29 21.60
C ILE C 252 -2.25 1.83 21.50
N ASP C 253 -1.35 0.85 21.36
CA ASP C 253 -1.79 -0.56 21.28
C ASP C 253 -2.21 -1.14 22.61
N GLU C 254 -2.67 -2.38 22.62
CA GLU C 254 -3.14 -3.01 23.85
C GLU C 254 -2.10 -3.14 24.95
N ASN C 255 -0.82 -2.99 24.61
CA ASN C 255 0.24 -3.10 25.61
C ASN C 255 0.65 -1.73 26.13
N GLY C 256 -0.13 -0.71 25.79
CA GLY C 256 0.19 0.64 26.24
C GLY C 256 1.38 1.24 25.49
N ARG C 257 1.66 0.70 24.30
CA ARG C 257 2.77 1.21 23.49
C ARG C 257 2.30 2.33 22.53
N PHE C 258 3.05 3.42 22.51
CA PHE C 258 2.76 4.57 21.66
C PHE C 258 3.14 4.20 20.22
N ILE C 259 2.17 4.20 19.30
CA ILE C 259 2.43 3.87 17.90
C ILE C 259 2.74 5.13 17.08
N GLN C 260 3.78 5.06 16.26
CA GLN C 260 4.18 6.20 15.44
C GLN C 260 3.13 6.44 14.34
N GLY C 261 2.83 7.71 14.10
CA GLY C 261 1.84 8.07 13.08
C GLY C 261 1.99 7.41 11.71
N ASP C 262 3.22 7.30 11.24
CA ASP C 262 3.45 6.70 9.93
C ASP C 262 2.97 5.25 9.85
N LYS C 263 2.96 4.55 10.97
CA LYS C 263 2.51 3.16 10.96
C LYS C 263 1.01 3.06 10.70
N THR C 264 0.22 3.86 11.41
CA THR C 264 -1.21 3.83 11.18
C THR C 264 -1.49 4.37 9.79
N PHE C 265 -0.67 5.32 9.33
CA PHE C 265 -0.85 5.82 7.97
C PHE C 265 -0.65 4.62 7.00
N ALA C 266 0.40 3.85 7.23
CA ALA C 266 0.69 2.69 6.37
C ALA C 266 -0.47 1.70 6.44
N LEU C 267 -0.94 1.48 7.65
CA LEU C 267 -2.05 0.57 7.87
C LEU C 267 -3.27 0.98 7.03
N VAL C 268 -3.62 2.26 7.08
CA VAL C 268 -4.77 2.77 6.32
C VAL C 268 -4.50 2.75 4.81
N ALA C 269 -3.31 3.17 4.39
CA ALA C 269 -2.96 3.20 2.98
C ALA C 269 -3.05 1.80 2.37
N ASP C 270 -2.62 0.82 3.15
CA ASP C 270 -2.65 -0.56 2.70
C ASP C 270 -4.07 -0.96 2.35
N ALA C 271 -5.00 -0.70 3.25
CA ALA C 271 -6.39 -1.05 3.03
C ALA C 271 -6.98 -0.29 1.85
N VAL C 272 -6.78 1.03 1.82
CA VAL C 272 -7.31 1.89 0.76
C VAL C 272 -6.77 1.54 -0.62
N LEU C 273 -5.45 1.43 -0.74
CA LEU C 273 -4.85 1.11 -2.03
C LEU C 273 -5.30 -0.25 -2.51
N LYS C 274 -5.51 -1.18 -1.58
CA LYS C 274 -5.97 -2.50 -1.97
C LYS C 274 -7.38 -2.41 -2.55
N GLU C 275 -8.23 -1.63 -1.90
CA GLU C 275 -9.61 -1.42 -2.35
C GLU C 275 -9.66 -0.86 -3.77
N LYS C 276 -8.84 0.15 -4.05
CA LYS C 276 -8.82 0.76 -5.38
C LYS C 276 -8.02 -0.07 -6.38
N GLY C 277 -7.17 -0.95 -5.86
CA GLY C 277 -6.34 -1.77 -6.73
C GLY C 277 -5.33 -0.88 -7.42
N GLY C 278 -4.66 -0.05 -6.64
CA GLY C 278 -3.66 0.85 -7.18
C GLY C 278 -3.96 2.28 -6.78
N GLY C 279 -3.65 3.23 -7.65
CA GLY C 279 -3.94 4.60 -7.29
C GLY C 279 -2.68 5.40 -7.10
N LEU C 280 -2.78 6.46 -6.31
CA LEU C 280 -1.65 7.34 -6.06
C LEU C 280 -1.60 7.69 -4.59
N LEU C 281 -0.46 7.44 -3.97
CA LEU C 281 -0.27 7.79 -2.57
C LEU C 281 0.60 9.04 -2.57
N VAL C 282 0.18 10.07 -1.84
CA VAL C 282 0.95 11.28 -1.76
C VAL C 282 1.49 11.48 -0.35
N THR C 283 2.77 11.78 -0.25
CA THR C 283 3.34 12.02 1.06
C THR C 283 4.54 12.93 0.85
N THR C 284 5.37 13.11 1.87
CA THR C 284 6.53 14.00 1.74
C THR C 284 7.83 13.23 1.60
N VAL C 285 8.91 13.97 1.36
CA VAL C 285 10.21 13.35 1.24
C VAL C 285 10.72 12.77 2.55
N ALA C 286 10.19 13.26 3.68
CA ALA C 286 10.62 12.79 5.00
C ALA C 286 9.88 11.56 5.52
N THR C 287 8.90 11.08 4.77
CA THR C 287 8.13 9.94 5.22
C THR C 287 8.87 8.63 4.98
N SER C 288 8.70 7.70 5.92
CA SER C 288 9.32 6.38 5.84
C SER C 288 9.11 5.62 4.52
N ASN C 289 10.11 4.84 4.13
CA ASN C 289 10.05 4.02 2.93
C ASN C 289 8.96 2.95 3.08
N LEU C 290 8.53 2.73 4.32
CA LEU C 290 7.45 1.78 4.61
C LEU C 290 6.28 2.09 3.68
N LEU C 291 6.01 3.38 3.46
CA LEU C 291 4.90 3.77 2.60
C LEU C 291 5.15 3.42 1.13
N ASP C 292 6.41 3.46 0.70
CA ASP C 292 6.72 3.07 -0.68
C ASP C 292 6.43 1.58 -0.83
N ASP C 293 6.72 0.82 0.22
CA ASP C 293 6.47 -0.62 0.19
C ASP C 293 4.97 -0.89 0.06
N ILE C 294 4.18 -0.15 0.82
CA ILE C 294 2.75 -0.36 0.77
C ILE C 294 2.23 -0.02 -0.61
N ALA C 295 2.72 1.07 -1.19
CA ALA C 295 2.26 1.47 -2.50
C ALA C 295 2.65 0.46 -3.59
N LYS C 296 3.89 -0.02 -3.53
CA LYS C 296 4.40 -0.99 -4.51
C LYS C 296 3.51 -2.23 -4.46
N LYS C 297 3.33 -2.71 -3.23
CA LYS C 297 2.51 -3.87 -2.95
C LYS C 297 1.19 -3.88 -3.72
N HIS C 298 0.57 -2.72 -3.94
CA HIS C 298 -0.71 -2.64 -4.63
C HIS C 298 -0.62 -2.02 -6.01
N GLY C 299 0.60 -1.79 -6.49
CA GLY C 299 0.77 -1.21 -7.80
C GLY C 299 0.39 0.25 -7.87
N ALA C 300 0.50 0.96 -6.76
CA ALA C 300 0.14 2.38 -6.75
C ALA C 300 1.40 3.23 -6.93
N LYS C 301 1.24 4.40 -7.57
CA LYS C 301 2.34 5.34 -7.73
C LYS C 301 2.51 6.11 -6.39
N VAL C 302 3.66 6.75 -6.19
CA VAL C 302 3.91 7.53 -4.99
C VAL C 302 4.41 8.90 -5.43
N MET C 303 4.02 9.93 -4.71
CA MET C 303 4.50 11.27 -5.01
C MET C 303 5.11 11.75 -3.70
N ARG C 304 6.31 12.32 -3.75
CA ARG C 304 7.02 12.84 -2.57
C ARG C 304 7.18 14.34 -2.70
N THR C 305 6.36 15.09 -1.97
CA THR C 305 6.39 16.55 -2.02
C THR C 305 7.35 17.11 -0.98
N LYS C 306 7.49 18.43 -0.96
CA LYS C 306 8.32 19.09 0.04
C LYS C 306 7.56 18.91 1.35
N VAL C 307 8.25 19.13 2.47
CA VAL C 307 7.65 19.01 3.79
C VAL C 307 6.95 20.34 4.07
N GLY C 308 5.82 20.27 4.74
CA GLY C 308 5.11 21.50 5.06
C GLY C 308 3.62 21.30 5.10
N ASP C 309 2.94 22.14 5.87
CA ASP C 309 1.49 22.06 5.99
C ASP C 309 0.82 22.36 4.66
N LEU C 310 -0.28 21.65 4.41
CA LEU C 310 -1.10 21.84 3.22
C LEU C 310 -0.44 21.40 1.90
N ILE C 311 0.85 21.11 1.89
CA ILE C 311 1.49 20.71 0.63
C ILE C 311 0.94 19.35 0.15
N VAL C 312 0.88 18.36 1.03
CA VAL C 312 0.34 17.05 0.67
C VAL C 312 -1.13 17.18 0.22
N ALA C 313 -1.95 17.90 0.99
CA ALA C 313 -3.36 18.08 0.64
C ALA C 313 -3.52 18.68 -0.75
N ARG C 314 -2.77 19.73 -1.05
CA ARG C 314 -2.82 20.38 -2.36
C ARG C 314 -2.36 19.42 -3.46
N ALA C 315 -1.31 18.66 -3.20
CA ALA C 315 -0.82 17.71 -4.20
C ALA C 315 -1.88 16.63 -4.42
N LEU C 316 -2.48 16.13 -3.34
CA LEU C 316 -3.55 15.14 -3.44
C LEU C 316 -4.69 15.66 -4.31
N TYR C 317 -5.07 16.90 -4.06
CA TYR C 317 -6.14 17.58 -4.78
C TYR C 317 -5.83 17.76 -6.27
N GLU C 318 -4.71 18.39 -6.58
CA GLU C 318 -4.35 18.64 -7.97
C GLU C 318 -4.04 17.39 -8.81
N ASN C 319 -3.70 16.29 -8.16
CA ASN C 319 -3.37 15.09 -8.89
C ASN C 319 -4.42 14.00 -8.72
N ASN C 320 -5.53 14.37 -8.09
CA ASN C 320 -6.61 13.43 -7.86
C ASN C 320 -6.05 12.16 -7.21
N GLY C 321 -5.23 12.36 -6.19
CA GLY C 321 -4.63 11.23 -5.48
C GLY C 321 -5.63 10.36 -4.73
N THR C 322 -5.17 9.19 -4.32
CA THR C 322 -6.02 8.24 -3.63
C THR C 322 -5.98 8.34 -2.11
N ILE C 323 -4.80 8.55 -1.55
CA ILE C 323 -4.65 8.66 -0.11
C ILE C 323 -3.41 9.48 0.14
N GLY C 324 -3.35 10.20 1.25
CA GLY C 324 -2.18 11.00 1.54
C GLY C 324 -1.86 11.02 3.02
N GLY C 325 -0.67 11.48 3.36
CA GLY C 325 -0.28 11.53 4.75
C GLY C 325 1.12 12.06 4.85
N GLU C 326 1.65 12.10 6.07
CA GLU C 326 2.98 12.63 6.31
C GLU C 326 3.76 11.86 7.38
N GLU C 327 4.95 12.37 7.70
CA GLU C 327 5.84 11.78 8.69
C GLU C 327 5.12 11.31 9.95
N ASN C 328 4.38 12.21 10.59
CA ASN C 328 3.66 11.90 11.82
C ASN C 328 2.28 11.31 11.62
N GLY C 329 1.98 10.91 10.39
CA GLY C 329 0.67 10.35 10.11
C GLY C 329 -0.21 11.36 9.40
N GLY C 330 -1.15 11.96 10.13
CA GLY C 330 -2.01 12.93 9.50
C GLY C 330 -2.56 12.46 8.16
N VAL C 331 -3.34 11.39 8.17
CA VAL C 331 -3.90 10.87 6.95
C VAL C 331 -4.99 11.75 6.37
N ILE C 332 -5.03 11.81 5.03
CA ILE C 332 -6.00 12.59 4.31
C ILE C 332 -6.79 11.70 3.35
N PHE C 333 -8.10 11.67 3.56
CA PHE C 333 -9.04 10.91 2.75
C PHE C 333 -9.73 11.89 1.79
N PRO C 334 -9.27 11.95 0.53
CA PRO C 334 -9.79 12.84 -0.50
C PRO C 334 -11.29 12.86 -0.69
N GLU C 335 -11.94 11.72 -0.52
CA GLU C 335 -13.39 11.64 -0.69
C GLU C 335 -14.16 12.20 0.50
N HIS C 336 -13.47 12.37 1.62
CA HIS C 336 -14.07 12.86 2.87
C HIS C 336 -13.85 14.38 2.94
N VAL C 337 -12.61 14.78 3.19
CA VAL C 337 -12.23 16.19 3.25
C VAL C 337 -10.74 16.27 2.89
N LEU C 338 -10.36 17.28 2.11
CA LEU C 338 -8.98 17.48 1.70
C LEU C 338 -8.18 18.17 2.80
N GLY C 339 -8.13 17.48 3.93
CA GLY C 339 -7.42 17.93 5.10
C GLY C 339 -7.31 16.75 6.05
N ARG C 340 -6.33 16.82 6.93
CA ARG C 340 -6.11 15.77 7.91
C ARG C 340 -7.33 15.64 8.81
N ASP C 341 -7.88 14.43 8.92
CA ASP C 341 -9.02 14.23 9.82
C ASP C 341 -8.81 12.96 10.65
N GLY C 342 -8.31 13.14 11.86
CA GLY C 342 -8.08 12.02 12.74
C GLY C 342 -9.29 11.15 13.06
N ALA C 343 -10.51 11.71 13.12
CA ALA C 343 -11.71 10.92 13.40
C ALA C 343 -11.91 9.92 12.26
N MET C 344 -11.75 10.36 11.01
CA MET C 344 -11.89 9.46 9.86
C MET C 344 -10.80 8.37 9.92
N THR C 345 -9.58 8.78 10.27
CA THR C 345 -8.48 7.82 10.40
C THR C 345 -8.83 6.78 11.47
N VAL C 346 -9.37 7.23 12.61
CA VAL C 346 -9.76 6.30 13.65
C VAL C 346 -10.85 5.36 13.12
N ALA C 347 -11.88 5.88 12.43
CA ALA C 347 -12.93 4.99 11.92
C ALA C 347 -12.38 3.92 10.97
N LYS C 348 -11.42 4.32 10.12
CA LYS C 348 -10.83 3.37 9.17
C LYS C 348 -9.98 2.32 9.90
N VAL C 349 -9.21 2.77 10.88
CA VAL C 349 -8.39 1.84 11.67
C VAL C 349 -9.26 0.86 12.45
N VAL C 350 -10.36 1.34 13.02
CA VAL C 350 -11.30 0.49 13.77
C VAL C 350 -11.85 -0.59 12.79
N GLU C 351 -12.18 -0.18 11.57
CA GLU C 351 -12.69 -1.11 10.59
C GLU C 351 -11.62 -2.18 10.26
N ILE C 352 -10.39 -1.73 10.01
CA ILE C 352 -9.28 -2.64 9.70
C ILE C 352 -9.09 -3.64 10.85
N PHE C 353 -9.07 -3.13 12.08
CA PHE C 353 -8.92 -3.96 13.26
C PHE C 353 -10.06 -4.99 13.32
N ALA C 354 -11.30 -4.52 13.16
CA ALA C 354 -12.46 -5.42 13.23
C ALA C 354 -12.44 -6.51 12.18
N LYS C 355 -11.77 -6.27 11.05
CA LYS C 355 -11.71 -7.25 9.98
C LYS C 355 -10.48 -8.15 10.01
N SER C 356 -9.45 -7.73 10.73
CA SER C 356 -8.19 -8.46 10.80
C SER C 356 -8.20 -9.74 11.62
N GLY C 357 -8.93 -9.73 12.73
CA GLY C 357 -8.95 -10.90 13.59
C GLY C 357 -7.64 -10.96 14.35
N LYS C 358 -6.93 -9.83 14.41
CA LYS C 358 -5.66 -9.79 15.11
C LYS C 358 -5.67 -8.76 16.23
N LYS C 359 -4.57 -8.69 16.97
CA LYS C 359 -4.44 -7.71 18.03
C LYS C 359 -3.82 -6.48 17.38
N PHE C 360 -4.12 -5.31 17.93
CA PHE C 360 -3.59 -4.06 17.38
C PHE C 360 -2.07 -4.14 17.22
N SER C 361 -1.37 -4.57 18.27
CA SER C 361 0.08 -4.68 18.22
C SER C 361 0.57 -5.50 17.04
N GLU C 362 -0.17 -6.56 16.69
CA GLU C 362 0.19 -7.43 15.57
C GLU C 362 0.04 -6.71 14.23
N LEU C 363 -1.05 -5.96 14.08
CA LEU C 363 -1.26 -5.19 12.86
C LEU C 363 -0.06 -4.27 12.62
N ILE C 364 0.45 -3.70 13.70
CA ILE C 364 1.58 -2.79 13.59
C ILE C 364 2.90 -3.53 13.33
N ASP C 365 3.20 -4.50 14.16
CA ASP C 365 4.44 -5.26 14.04
C ASP C 365 4.58 -6.05 12.75
N GLU C 366 3.46 -6.42 12.12
CA GLU C 366 3.52 -7.16 10.87
C GLU C 366 3.94 -6.31 9.68
N LEU C 367 4.01 -5.00 9.87
CA LEU C 367 4.40 -4.09 8.81
C LEU C 367 5.91 -4.15 8.61
N PRO C 368 6.39 -3.95 7.37
CA PRO C 368 7.83 -3.98 7.09
C PRO C 368 8.54 -3.11 8.11
N LYS C 369 9.59 -3.65 8.72
CA LYS C 369 10.33 -2.93 9.76
C LYS C 369 11.40 -2.00 9.24
N TYR C 370 11.51 -0.84 9.89
CA TYR C 370 12.48 0.19 9.55
C TYR C 370 12.96 0.85 10.84
N TYR C 371 14.17 1.38 10.82
CA TYR C 371 14.74 2.04 11.98
C TYR C 371 15.18 3.43 11.54
N GLN C 372 14.90 4.44 12.37
CA GLN C 372 15.28 5.80 12.05
C GLN C 372 15.87 6.56 13.23
N ILE C 373 16.72 7.53 12.93
CA ILE C 373 17.34 8.36 13.96
C ILE C 373 17.27 9.83 13.53
N LYS C 374 17.22 10.74 14.49
CA LYS C 374 17.12 12.17 14.18
C LYS C 374 18.15 13.03 14.92
N THR C 375 18.63 14.09 14.23
CA THR C 375 19.60 15.04 14.80
C THR C 375 19.44 16.44 14.21
N LYS C 376 19.78 17.46 14.99
CA LYS C 376 19.67 18.84 14.56
C LYS C 376 20.88 19.69 14.93
N ARG C 377 21.55 20.25 13.93
CA ARG C 377 22.72 21.09 14.15
C ARG C 377 22.41 22.55 13.81
N HIS C 378 22.66 23.46 14.75
CA HIS C 378 22.40 24.89 14.54
C HIS C 378 23.31 25.48 13.46
N VAL C 379 22.72 26.14 12.49
CA VAL C 379 23.46 26.76 11.39
C VAL C 379 22.86 28.12 11.07
N GLU C 380 23.72 29.11 10.94
CA GLU C 380 23.30 30.47 10.62
C GLU C 380 23.75 30.85 9.23
N GLY C 381 23.27 31.98 8.74
CA GLY C 381 23.64 32.44 7.41
C GLY C 381 22.82 31.80 6.31
N ASP C 382 23.46 31.52 5.18
CA ASP C 382 22.78 30.90 4.04
C ASP C 382 22.56 29.41 4.31
N ARG C 383 21.98 29.14 5.48
CA ARG C 383 21.67 27.80 5.94
C ARG C 383 21.22 26.86 4.83
N HIS C 384 20.44 27.40 3.88
CA HIS C 384 19.94 26.62 2.77
C HIS C 384 21.01 26.27 1.74
N ALA C 385 21.77 27.26 1.29
CA ALA C 385 22.82 27.03 0.30
C ALA C 385 23.79 25.95 0.77
N ILE C 386 23.93 25.83 2.09
CA ILE C 386 24.81 24.82 2.67
C ILE C 386 24.33 23.43 2.28
N VAL C 387 23.04 23.18 2.45
CA VAL C 387 22.47 21.89 2.10
C VAL C 387 22.70 21.61 0.63
N ASN C 388 22.62 22.65 -0.20
CA ASN C 388 22.82 22.50 -1.63
C ASN C 388 24.23 22.01 -1.94
N LYS C 389 25.19 22.51 -1.17
CA LYS C 389 26.57 22.11 -1.35
C LYS C 389 26.68 20.62 -1.05
N VAL C 390 26.00 20.21 0.02
CA VAL C 390 25.99 18.81 0.43
C VAL C 390 25.53 17.94 -0.73
N ALA C 391 24.49 18.40 -1.42
CA ALA C 391 23.93 17.69 -2.55
C ALA C 391 24.97 17.46 -3.64
N GLU C 392 25.75 18.50 -3.95
CA GLU C 392 26.79 18.39 -4.97
C GLU C 392 27.87 17.42 -4.53
N MET C 393 28.46 17.68 -3.36
CA MET C 393 29.50 16.81 -2.84
C MET C 393 29.04 15.36 -2.89
N ALA C 394 27.81 15.14 -2.45
CA ALA C 394 27.24 13.80 -2.44
C ALA C 394 27.26 13.22 -3.84
N ARG C 395 26.79 13.99 -4.82
CA ARG C 395 26.77 13.55 -6.20
C ARG C 395 28.19 13.31 -6.69
N GLU C 396 29.08 14.27 -6.39
CA GLU C 396 30.49 14.19 -6.76
C GLU C 396 31.10 12.89 -6.25
N ARG C 397 30.71 12.53 -5.03
CA ARG C 397 31.22 11.33 -4.39
C ARG C 397 30.47 10.08 -4.84
N GLY C 398 29.76 10.19 -5.97
CA GLY C 398 29.03 9.06 -6.51
C GLY C 398 27.64 8.79 -5.94
N TYR C 399 27.26 9.56 -4.92
CA TYR C 399 25.95 9.40 -4.28
C TYR C 399 24.78 9.95 -5.09
N THR C 400 23.69 9.20 -5.12
CA THR C 400 22.48 9.61 -5.83
C THR C 400 21.66 10.43 -4.86
N VAL C 401 21.36 11.68 -5.20
CA VAL C 401 20.61 12.55 -4.31
C VAL C 401 19.33 13.12 -4.92
N ASP C 402 18.32 13.27 -4.07
CA ASP C 402 17.05 13.85 -4.46
C ASP C 402 16.99 15.23 -3.83
N THR C 403 16.82 16.25 -4.66
CA THR C 403 16.77 17.61 -4.16
C THR C 403 15.39 18.25 -4.20
N THR C 404 14.36 17.43 -4.13
CA THR C 404 12.98 17.91 -4.13
C THR C 404 12.80 18.91 -2.99
N ASP C 405 13.37 18.59 -1.83
CA ASP C 405 13.28 19.45 -0.66
C ASP C 405 14.56 19.21 0.15
N GLY C 406 15.60 19.95 -0.17
CA GLY C 406 16.86 19.78 0.53
C GLY C 406 17.68 18.71 -0.15
N ALA C 407 18.53 18.02 0.61
CA ALA C 407 19.38 16.98 0.06
C ALA C 407 19.07 15.64 0.69
N LYS C 408 18.57 14.71 -0.12
CA LYS C 408 18.24 13.39 0.38
C LYS C 408 19.07 12.35 -0.35
N ILE C 409 20.14 11.89 0.28
CA ILE C 409 21.01 10.88 -0.31
C ILE C 409 20.28 9.54 -0.26
N ILE C 410 20.16 8.91 -1.42
CA ILE C 410 19.44 7.65 -1.52
C ILE C 410 20.31 6.41 -1.63
N PHE C 411 20.03 5.43 -0.77
CA PHE C 411 20.73 4.16 -0.77
C PHE C 411 19.64 3.12 -0.98
N GLU C 412 20.01 1.96 -1.49
CA GLU C 412 19.04 0.90 -1.71
C GLU C 412 18.51 0.40 -0.36
N ASP C 413 19.33 0.53 0.67
CA ASP C 413 18.92 0.07 2.00
C ASP C 413 18.22 1.17 2.79
N GLY C 414 18.30 2.40 2.31
CA GLY C 414 17.66 3.49 3.03
C GLY C 414 18.05 4.87 2.53
N TRP C 415 18.14 5.83 3.44
CA TRP C 415 18.49 7.17 3.02
C TRP C 415 18.90 8.09 4.16
N VAL C 416 19.35 9.28 3.77
CA VAL C 416 19.77 10.32 4.70
C VAL C 416 19.22 11.64 4.18
N LEU C 417 18.49 12.35 5.02
CA LEU C 417 17.90 13.62 4.62
C LEU C 417 18.50 14.82 5.34
N VAL C 418 19.10 15.72 4.57
CA VAL C 418 19.68 16.92 5.14
C VAL C 418 18.77 18.05 4.70
N ARG C 419 18.08 18.65 5.65
CA ARG C 419 17.15 19.72 5.36
C ARG C 419 17.20 20.85 6.38
N ALA C 420 17.05 22.08 5.91
CA ALA C 420 17.09 23.25 6.77
C ALA C 420 15.67 23.70 7.13
N SER C 421 15.47 24.09 8.39
CA SER C 421 14.16 24.54 8.86
C SER C 421 13.83 25.91 8.28
N GLY C 422 12.57 26.11 7.92
CA GLY C 422 12.18 27.39 7.37
C GLY C 422 12.04 28.42 8.48
N THR C 423 12.17 27.99 9.73
CA THR C 423 12.06 28.89 10.86
C THR C 423 13.40 29.08 11.58
N GLU C 424 13.67 28.23 12.56
CA GLU C 424 14.92 28.31 13.32
C GLU C 424 16.14 27.92 12.48
N PRO C 425 17.28 28.58 12.73
CA PRO C 425 18.55 28.33 12.03
C PRO C 425 19.09 26.92 12.30
N ILE C 426 18.31 25.91 11.93
CA ILE C 426 18.68 24.52 12.12
C ILE C 426 18.82 23.81 10.77
N ILE C 427 19.51 22.69 10.76
CA ILE C 427 19.69 21.93 9.53
C ILE C 427 19.56 20.44 9.86
N ARG C 428 18.39 20.07 10.38
CA ARG C 428 18.07 18.70 10.76
C ARG C 428 18.62 17.61 9.83
N ILE C 429 18.90 16.46 10.41
CA ILE C 429 19.42 15.32 9.66
C ILE C 429 18.64 14.06 10.04
N PHE C 430 18.02 13.45 9.04
CA PHE C 430 17.22 12.24 9.23
C PHE C 430 17.81 11.10 8.45
N SER C 431 17.67 9.88 8.98
CA SER C 431 18.16 8.71 8.29
C SER C 431 17.26 7.53 8.58
N GLU C 432 17.17 6.62 7.63
CA GLU C 432 16.34 5.43 7.77
C GLU C 432 16.98 4.26 7.02
N ALA C 433 16.86 3.08 7.59
CA ALA C 433 17.41 1.87 6.98
C ALA C 433 16.69 0.65 7.53
N LYS C 434 16.98 -0.52 6.95
CA LYS C 434 16.35 -1.74 7.41
C LYS C 434 17.13 -2.39 8.56
N SER C 435 18.03 -1.62 9.15
CA SER C 435 18.85 -2.07 10.28
C SER C 435 19.44 -0.87 11.01
N LYS C 436 19.56 -0.98 12.32
CA LYS C 436 20.11 0.11 13.12
C LYS C 436 21.51 0.48 12.64
N GLU C 437 22.28 -0.53 12.25
CA GLU C 437 23.65 -0.32 11.78
C GLU C 437 23.67 0.61 10.58
N LYS C 438 22.99 0.20 9.51
CA LYS C 438 22.95 1.03 8.31
C LYS C 438 22.37 2.40 8.63
N ALA C 439 21.35 2.43 9.48
CA ALA C 439 20.71 3.69 9.86
C ALA C 439 21.73 4.63 10.48
N GLN C 440 22.60 4.07 11.31
CA GLN C 440 23.64 4.84 11.96
C GLN C 440 24.67 5.31 10.93
N GLU C 441 25.03 4.42 10.01
CA GLU C 441 25.99 4.74 8.95
C GLU C 441 25.50 5.94 8.16
N TYR C 442 24.38 5.73 7.47
CA TYR C 442 23.77 6.77 6.65
C TYR C 442 23.68 8.09 7.39
N LEU C 443 23.27 8.04 8.66
CA LEU C 443 23.14 9.26 9.44
C LEU C 443 24.49 10.00 9.46
N ASN C 444 25.55 9.28 9.82
CA ASN C 444 26.88 9.86 9.89
C ASN C 444 27.30 10.47 8.55
N LEU C 445 27.12 9.72 7.48
CA LEU C 445 27.48 10.18 6.14
C LEU C 445 26.95 11.59 5.92
N GLY C 446 25.78 11.85 6.50
CA GLY C 446 25.16 13.17 6.39
C GLY C 446 25.87 14.20 7.24
N ILE C 447 26.02 13.89 8.53
CA ILE C 447 26.70 14.80 9.44
C ILE C 447 28.09 15.15 8.90
N GLU C 448 28.67 14.20 8.17
CA GLU C 448 29.99 14.40 7.57
C GLU C 448 29.93 15.45 6.46
N LEU C 449 29.21 15.12 5.40
CA LEU C 449 29.06 16.02 4.27
C LEU C 449 28.63 17.41 4.72
N LEU C 450 27.85 17.48 5.80
CA LEU C 450 27.37 18.75 6.32
C LEU C 450 28.53 19.58 6.87
N GLU C 451 29.30 18.99 7.78
CA GLU C 451 30.44 19.68 8.38
C GLU C 451 31.44 20.15 7.34
N LYS C 452 31.78 19.27 6.40
CA LYS C 452 32.74 19.61 5.36
C LYS C 452 32.12 20.63 4.40
N ALA C 453 30.81 20.81 4.51
CA ALA C 453 30.09 21.75 3.66
C ALA C 453 30.26 23.17 4.20
N LEU C 454 30.36 23.27 5.52
CA LEU C 454 30.53 24.57 6.16
C LEU C 454 31.94 24.72 6.72
N SER C 455 32.91 24.22 5.97
CA SER C 455 34.32 24.28 6.35
C SER C 455 35.20 24.03 5.13
N MET D 1 -10.53 -34.21 -30.68
CA MET D 1 -10.57 -34.66 -29.27
C MET D 1 -11.98 -34.51 -28.66
N GLY D 2 -12.54 -35.60 -28.14
CA GLY D 2 -13.88 -35.55 -27.55
C GLY D 2 -14.85 -34.86 -28.48
N LYS D 3 -14.75 -35.20 -29.75
CA LYS D 3 -15.45 -34.61 -30.87
C LYS D 3 -14.54 -33.41 -31.00
N LEU D 4 -15.07 -32.20 -30.90
CA LEU D 4 -14.25 -30.99 -31.07
C LEU D 4 -13.03 -30.67 -30.18
N PHE D 5 -13.27 -30.19 -28.96
CA PHE D 5 -12.20 -29.81 -28.05
C PHE D 5 -11.58 -30.92 -27.19
N GLY D 6 -10.32 -30.71 -26.82
CA GLY D 6 -9.62 -31.65 -25.96
C GLY D 6 -9.74 -31.15 -24.52
N THR D 7 -8.75 -31.46 -23.69
CA THR D 7 -8.76 -31.06 -22.27
C THR D 7 -8.74 -29.54 -22.04
N PHE D 8 -7.96 -28.84 -22.85
CA PHE D 8 -7.88 -27.38 -22.78
C PHE D 8 -7.62 -26.86 -24.20
N GLY D 9 -8.69 -26.70 -24.98
CA GLY D 9 -8.56 -26.23 -26.35
C GLY D 9 -8.47 -27.39 -27.34
N VAL D 10 -8.21 -27.05 -28.59
CA VAL D 10 -8.11 -28.06 -29.62
C VAL D 10 -6.86 -27.77 -30.44
N ARG D 11 -6.21 -28.82 -30.94
CA ARG D 11 -5.04 -28.64 -31.78
C ARG D 11 -5.04 -29.63 -32.92
N GLY D 12 -4.19 -29.39 -33.90
CA GLY D 12 -4.10 -30.26 -35.05
C GLY D 12 -3.09 -29.66 -35.99
N ILE D 13 -2.92 -30.27 -37.16
CA ILE D 13 -1.95 -29.74 -38.12
C ILE D 13 -2.58 -28.57 -38.88
N ALA D 14 -1.80 -27.50 -39.04
CA ALA D 14 -2.29 -26.32 -39.76
C ALA D 14 -2.58 -26.68 -41.20
N ASN D 15 -3.71 -26.19 -41.71
CA ASN D 15 -4.19 -26.44 -43.06
C ASN D 15 -4.66 -27.86 -43.29
N GLU D 16 -4.76 -28.64 -42.21
CA GLU D 16 -5.32 -29.98 -42.34
C GLU D 16 -6.55 -29.93 -41.48
N LYS D 17 -6.41 -30.19 -40.19
CA LYS D 17 -7.56 -30.07 -39.31
C LYS D 17 -7.76 -28.59 -38.98
N ILE D 18 -6.68 -27.91 -38.65
CA ILE D 18 -6.78 -26.51 -38.27
C ILE D 18 -6.61 -25.60 -39.48
N THR D 19 -7.71 -25.42 -40.20
CA THR D 19 -7.76 -24.59 -41.39
C THR D 19 -8.31 -23.22 -40.99
N PRO D 20 -8.31 -22.27 -41.93
CA PRO D 20 -8.83 -20.93 -41.68
C PRO D 20 -10.34 -21.06 -41.47
N GLU D 21 -10.97 -21.97 -42.19
CA GLU D 21 -12.42 -22.14 -42.02
C GLU D 21 -12.69 -22.62 -40.60
N PHE D 22 -11.86 -23.53 -40.12
CA PHE D 22 -12.04 -24.07 -38.76
C PHE D 22 -11.95 -22.94 -37.73
N ALA D 23 -10.91 -22.11 -37.84
CA ALA D 23 -10.72 -21.01 -36.89
C ALA D 23 -11.86 -20.01 -36.99
N MET D 24 -12.29 -19.70 -38.21
CA MET D 24 -13.41 -18.77 -38.38
C MET D 24 -14.70 -19.31 -37.73
N LYS D 25 -15.02 -20.57 -37.95
CA LYS D 25 -16.22 -21.15 -37.35
C LYS D 25 -16.13 -21.11 -35.81
N ILE D 26 -14.94 -21.41 -35.26
CA ILE D 26 -14.78 -21.35 -33.81
C ILE D 26 -15.11 -19.92 -33.34
N GLY D 27 -14.60 -18.94 -34.07
CA GLY D 27 -14.88 -17.57 -33.67
C GLY D 27 -16.37 -17.23 -33.74
N MET D 28 -17.04 -17.69 -34.79
CA MET D 28 -18.47 -17.37 -34.91
C MET D 28 -19.29 -18.12 -33.83
N ALA D 29 -18.88 -19.35 -33.51
CA ALA D 29 -19.61 -20.12 -32.51
C ALA D 29 -19.40 -19.50 -31.12
N PHE D 30 -18.18 -19.05 -30.83
CA PHE D 30 -17.90 -18.46 -29.52
C PHE D 30 -18.64 -17.12 -29.38
N GLY D 31 -18.55 -16.30 -30.42
CA GLY D 31 -19.23 -15.02 -30.38
C GLY D 31 -20.74 -15.18 -30.25
N THR D 32 -21.31 -16.18 -30.92
CA THR D 32 -22.75 -16.41 -30.84
C THR D 32 -23.14 -16.82 -29.39
N LEU D 33 -22.35 -17.70 -28.78
CA LEU D 33 -22.60 -18.13 -27.40
C LEU D 33 -22.55 -16.90 -26.47
N LEU D 34 -21.52 -16.08 -26.64
CA LEU D 34 -21.37 -14.90 -25.79
C LEU D 34 -22.59 -14.00 -25.90
N LYS D 35 -23.14 -13.85 -27.11
CA LYS D 35 -24.33 -13.01 -27.27
C LYS D 35 -25.57 -13.67 -26.66
N ARG D 36 -25.76 -14.96 -26.93
CA ARG D 36 -26.92 -15.68 -26.40
C ARG D 36 -26.94 -15.72 -24.88
N GLU D 37 -25.78 -15.58 -24.24
CA GLU D 37 -25.73 -15.56 -22.78
C GLU D 37 -26.24 -14.21 -22.25
N GLY D 38 -26.58 -13.30 -23.15
CA GLY D 38 -27.10 -12.01 -22.72
C GLY D 38 -26.21 -10.79 -22.91
N ARG D 39 -25.27 -10.84 -23.84
CA ARG D 39 -24.42 -9.67 -24.05
C ARG D 39 -24.69 -9.11 -25.43
N LYS D 40 -25.06 -7.83 -25.48
CA LYS D 40 -25.37 -7.16 -26.74
C LYS D 40 -24.16 -7.12 -27.68
N LYS D 41 -23.02 -6.70 -27.13
CA LYS D 41 -21.79 -6.61 -27.91
C LYS D 41 -20.60 -7.10 -27.12
N PRO D 42 -20.34 -8.41 -27.18
CA PRO D 42 -19.23 -9.02 -26.47
C PRO D 42 -17.86 -8.42 -26.80
N LEU D 43 -16.96 -8.42 -25.83
CA LEU D 43 -15.60 -7.94 -26.07
C LEU D 43 -14.75 -9.18 -25.89
N VAL D 44 -13.97 -9.53 -26.91
CA VAL D 44 -13.09 -10.71 -26.86
C VAL D 44 -11.62 -10.37 -27.14
N VAL D 45 -10.74 -10.84 -26.26
CA VAL D 45 -9.29 -10.64 -26.39
C VAL D 45 -8.71 -11.83 -27.20
N VAL D 46 -7.88 -11.54 -28.19
CA VAL D 46 -7.29 -12.58 -29.02
C VAL D 46 -5.77 -12.42 -29.08
N GLY D 47 -5.06 -13.52 -28.83
CA GLY D 47 -3.62 -13.52 -28.86
C GLY D 47 -3.12 -14.81 -29.50
N ARG D 48 -1.81 -14.88 -29.70
CA ARG D 48 -1.23 -16.06 -30.32
C ARG D 48 0.23 -16.23 -29.95
N ASP D 49 0.80 -17.39 -30.27
CA ASP D 49 2.21 -17.61 -30.01
C ASP D 49 3.02 -17.29 -31.26
N THR D 50 4.25 -17.78 -31.38
CA THR D 50 5.10 -17.46 -32.54
C THR D 50 4.95 -18.34 -33.77
N ARG D 51 4.01 -19.29 -33.74
CA ARG D 51 3.83 -20.20 -34.87
C ARG D 51 3.59 -19.49 -36.20
N VAL D 52 4.17 -20.05 -37.24
CA VAL D 52 4.09 -19.51 -38.59
C VAL D 52 2.68 -19.43 -39.17
N SER D 53 1.79 -20.29 -38.71
CA SER D 53 0.41 -20.29 -39.20
C SER D 53 -0.48 -19.43 -38.30
N GLY D 54 0.10 -18.81 -37.27
CA GLY D 54 -0.68 -18.03 -36.33
C GLY D 54 -1.40 -16.80 -36.87
N GLU D 55 -0.68 -16.00 -37.65
CA GLU D 55 -1.29 -14.82 -38.23
C GLU D 55 -2.52 -15.15 -39.11
N MET D 56 -2.34 -16.12 -39.99
CA MET D 56 -3.43 -16.50 -40.87
C MET D 56 -4.65 -17.01 -40.09
N LEU D 57 -4.42 -17.76 -39.04
CA LEU D 57 -5.56 -18.28 -38.28
C LEU D 57 -6.19 -17.19 -37.41
N LYS D 58 -5.37 -16.27 -36.93
CA LYS D 58 -5.84 -15.17 -36.13
C LYS D 58 -6.77 -14.29 -36.96
N GLU D 59 -6.38 -14.01 -38.20
CA GLU D 59 -7.24 -13.20 -39.05
C GLU D 59 -8.61 -13.90 -39.26
N ALA D 60 -8.56 -15.22 -39.49
CA ALA D 60 -9.79 -16.01 -39.70
C ALA D 60 -10.67 -15.96 -38.46
N LEU D 61 -10.08 -16.19 -37.29
CA LEU D 61 -10.84 -16.17 -36.04
C LEU D 61 -11.46 -14.81 -35.79
N ILE D 62 -10.65 -13.76 -35.90
CA ILE D 62 -11.16 -12.42 -35.67
C ILE D 62 -12.25 -12.08 -36.68
N SER D 63 -12.04 -12.44 -37.94
CA SER D 63 -13.07 -12.17 -38.93
C SER D 63 -14.39 -12.80 -38.46
N GLY D 64 -14.34 -14.06 -38.04
CA GLY D 64 -15.56 -14.71 -37.58
C GLY D 64 -16.21 -13.96 -36.40
N LEU D 65 -15.41 -13.63 -35.40
CA LEU D 65 -15.90 -12.92 -34.23
C LEU D 65 -16.56 -11.58 -34.60
N LEU D 66 -15.88 -10.81 -35.44
CA LEU D 66 -16.46 -9.51 -35.83
C LEU D 66 -17.78 -9.71 -36.56
N SER D 67 -17.84 -10.72 -37.43
CA SER D 67 -19.04 -10.98 -38.23
C SER D 67 -20.25 -11.33 -37.40
N VAL D 68 -20.03 -11.83 -36.17
CA VAL D 68 -21.15 -12.12 -35.31
C VAL D 68 -21.38 -11.03 -34.26
N GLY D 69 -20.79 -9.86 -34.51
CA GLY D 69 -21.04 -8.75 -33.62
C GLY D 69 -20.19 -8.56 -32.37
N CYS D 70 -19.04 -9.21 -32.29
CA CYS D 70 -18.17 -9.01 -31.14
C CYS D 70 -17.05 -8.03 -31.47
N ASP D 71 -16.69 -7.21 -30.48
CA ASP D 71 -15.56 -6.29 -30.57
C ASP D 71 -14.36 -7.16 -30.15
N VAL D 72 -13.20 -6.87 -30.73
CA VAL D 72 -12.01 -7.65 -30.48
C VAL D 72 -10.82 -6.79 -30.12
N ILE D 73 -10.02 -7.31 -29.19
CA ILE D 73 -8.76 -6.68 -28.84
C ILE D 73 -7.71 -7.71 -29.25
N ASP D 74 -6.92 -7.37 -30.26
CA ASP D 74 -5.87 -8.25 -30.74
C ASP D 74 -4.60 -7.88 -29.95
N VAL D 75 -4.13 -8.77 -29.05
CA VAL D 75 -2.91 -8.49 -28.27
C VAL D 75 -1.64 -8.99 -28.96
N GLY D 76 -1.76 -9.40 -30.22
CA GLY D 76 -0.62 -9.87 -30.99
C GLY D 76 0.00 -11.17 -30.47
N ILE D 77 1.33 -11.21 -30.44
CA ILE D 77 2.06 -12.38 -29.95
C ILE D 77 2.40 -12.24 -28.46
N ALA D 78 1.95 -13.22 -27.66
CA ALA D 78 2.21 -13.17 -26.23
C ALA D 78 2.02 -14.55 -25.59
N PRO D 79 2.74 -14.78 -24.48
CA PRO D 79 2.59 -16.08 -23.79
C PRO D 79 1.11 -16.33 -23.50
N THR D 80 0.68 -17.58 -23.52
CA THR D 80 -0.70 -17.90 -23.21
C THR D 80 -1.19 -17.26 -21.88
N PRO D 81 -0.41 -17.38 -20.79
CA PRO D 81 -0.79 -16.77 -19.50
C PRO D 81 -0.95 -15.22 -19.65
N ALA D 82 -0.17 -14.60 -20.52
CA ALA D 82 -0.31 -13.15 -20.73
C ALA D 82 -1.66 -12.83 -21.40
N VAL D 83 -2.09 -13.71 -22.30
CA VAL D 83 -3.37 -13.50 -22.99
C VAL D 83 -4.49 -13.76 -21.98
N GLN D 84 -4.28 -14.70 -21.05
CA GLN D 84 -5.33 -14.95 -20.05
C GLN D 84 -5.40 -13.73 -19.15
N TRP D 85 -4.22 -13.24 -18.76
CA TRP D 85 -4.09 -12.06 -17.91
C TRP D 85 -4.79 -10.88 -18.56
N ALA D 86 -4.55 -10.73 -19.86
CA ALA D 86 -5.12 -9.63 -20.65
C ALA D 86 -6.63 -9.67 -20.76
N THR D 87 -7.17 -10.89 -20.88
CA THR D 87 -8.62 -11.07 -20.95
C THR D 87 -9.27 -10.47 -19.69
N LYS D 88 -8.70 -10.79 -18.52
CA LYS D 88 -9.22 -10.23 -17.28
C LYS D 88 -8.90 -8.72 -17.19
N HIS D 89 -7.69 -8.35 -17.58
CA HIS D 89 -7.25 -6.96 -17.53
C HIS D 89 -8.15 -5.99 -18.28
N PHE D 90 -8.54 -6.35 -19.50
CA PHE D 90 -9.41 -5.48 -20.30
C PHE D 90 -10.90 -5.69 -20.03
N ASN D 91 -11.22 -6.45 -19.01
CA ASN D 91 -12.62 -6.70 -18.65
C ASN D 91 -13.40 -7.27 -19.84
N ALA D 92 -12.79 -8.20 -20.54
CA ALA D 92 -13.41 -8.82 -21.71
C ALA D 92 -14.45 -9.89 -21.32
N ASP D 93 -15.30 -10.27 -22.27
CA ASP D 93 -16.30 -11.29 -21.99
C ASP D 93 -15.72 -12.67 -22.27
N GLY D 94 -14.54 -12.70 -22.89
CA GLY D 94 -13.93 -13.96 -23.18
C GLY D 94 -12.62 -13.72 -23.91
N GLY D 95 -11.88 -14.80 -24.16
CA GLY D 95 -10.62 -14.65 -24.85
C GLY D 95 -10.32 -15.88 -25.67
N ALA D 96 -9.31 -15.78 -26.53
CA ALA D 96 -8.91 -16.88 -27.40
C ALA D 96 -7.40 -16.84 -27.62
N VAL D 97 -6.76 -18.01 -27.57
CA VAL D 97 -5.33 -18.07 -27.79
C VAL D 97 -5.10 -19.00 -28.96
N ILE D 98 -4.35 -18.52 -29.98
CA ILE D 98 -4.05 -19.36 -31.14
C ILE D 98 -2.68 -19.96 -30.81
N THR D 99 -2.66 -21.24 -30.46
CA THR D 99 -1.42 -21.89 -30.07
C THR D 99 -1.57 -23.41 -30.01
N ALA D 100 -0.44 -24.11 -30.16
CA ALA D 100 -0.37 -25.58 -30.06
C ALA D 100 0.73 -25.91 -29.03
N SER D 101 1.02 -24.91 -28.20
CA SER D 101 1.94 -25.04 -27.07
C SER D 101 3.36 -25.54 -27.27
N HIS D 102 3.59 -26.84 -27.04
CA HIS D 102 4.93 -27.43 -27.15
C HIS D 102 5.09 -28.31 -28.38
N ASN D 103 4.03 -28.41 -29.18
CA ASN D 103 4.09 -29.25 -30.36
C ASN D 103 4.99 -28.75 -31.50
N PRO D 104 5.33 -29.62 -32.45
CA PRO D 104 6.18 -29.27 -33.60
C PRO D 104 5.55 -28.09 -34.37
N PRO D 105 6.37 -27.38 -35.18
CA PRO D 105 5.97 -26.22 -35.99
C PRO D 105 4.73 -26.32 -36.86
N GLU D 106 4.42 -27.52 -37.38
CA GLU D 106 3.25 -27.68 -38.25
C GLU D 106 1.93 -27.64 -37.51
N TYR D 107 1.97 -27.73 -36.20
CA TYR D 107 0.74 -27.73 -35.41
C TYR D 107 0.29 -26.35 -34.94
N ASN D 108 -1.01 -26.23 -34.72
CA ASN D 108 -1.55 -25.01 -34.14
C ASN D 108 -2.88 -25.38 -33.53
N GLY D 109 -3.54 -24.42 -32.88
CA GLY D 109 -4.80 -24.76 -32.24
C GLY D 109 -5.39 -23.52 -31.61
N ILE D 110 -6.49 -23.72 -30.90
CA ILE D 110 -7.18 -22.62 -30.26
C ILE D 110 -7.62 -23.04 -28.86
N LYS D 111 -7.45 -22.12 -27.92
CA LYS D 111 -7.90 -22.27 -26.52
C LYS D 111 -8.84 -21.12 -26.25
N LEU D 112 -10.06 -21.41 -25.76
CA LEU D 112 -11.04 -20.37 -25.44
C LEU D 112 -11.01 -20.14 -23.93
N LEU D 113 -11.26 -18.89 -23.54
CA LEU D 113 -11.18 -18.45 -22.17
C LEU D 113 -12.42 -17.79 -21.62
N GLU D 114 -12.62 -17.96 -20.31
CA GLU D 114 -13.72 -17.37 -19.53
C GLU D 114 -13.39 -15.88 -19.40
N PRO D 115 -14.35 -15.05 -18.92
CA PRO D 115 -14.14 -13.61 -18.75
C PRO D 115 -12.94 -13.31 -17.85
N ASN D 116 -12.67 -14.16 -16.87
CA ASN D 116 -11.53 -13.90 -15.97
C ASN D 116 -10.24 -14.49 -16.49
N GLY D 117 -10.24 -14.99 -17.73
CA GLY D 117 -9.03 -15.56 -18.31
C GLY D 117 -8.81 -17.06 -18.15
N MET D 118 -9.54 -17.74 -17.27
CA MET D 118 -9.30 -19.19 -17.16
C MET D 118 -9.88 -19.96 -18.33
N GLY D 119 -9.37 -21.18 -18.55
CA GLY D 119 -9.85 -22.03 -19.64
C GLY D 119 -11.37 -22.09 -19.64
N LEU D 120 -11.98 -22.10 -20.81
CA LEU D 120 -13.44 -22.11 -20.93
C LEU D 120 -14.05 -23.28 -20.14
N LYS D 121 -15.14 -23.03 -19.40
CA LYS D 121 -15.79 -24.10 -18.63
C LYS D 121 -16.40 -25.14 -19.56
N LYS D 122 -16.32 -26.41 -19.16
CA LYS D 122 -16.84 -27.50 -19.98
C LYS D 122 -18.26 -27.34 -20.48
N GLU D 123 -19.16 -26.88 -19.61
CA GLU D 123 -20.55 -26.70 -20.01
C GLU D 123 -20.71 -25.67 -21.13
N ARG D 124 -19.89 -24.62 -21.09
CA ARG D 124 -19.97 -23.59 -22.12
C ARG D 124 -19.28 -24.08 -23.38
N GLU D 125 -18.19 -24.80 -23.19
CA GLU D 125 -17.47 -25.38 -24.32
C GLU D 125 -18.37 -26.36 -25.11
N ALA D 126 -19.30 -27.03 -24.40
CA ALA D 126 -20.23 -27.98 -25.04
C ALA D 126 -21.16 -27.23 -25.99
N ILE D 127 -21.56 -26.03 -25.59
CA ILE D 127 -22.42 -25.24 -26.44
C ILE D 127 -21.62 -24.74 -27.66
N VAL D 128 -20.40 -24.28 -27.44
CA VAL D 128 -19.60 -23.82 -28.57
C VAL D 128 -19.48 -24.93 -29.61
N GLU D 129 -19.21 -26.17 -29.17
CA GLU D 129 -19.10 -27.30 -30.09
C GLU D 129 -20.39 -27.49 -30.87
N GLU D 130 -21.50 -27.45 -30.15
CA GLU D 130 -22.80 -27.63 -30.80
C GLU D 130 -23.02 -26.57 -31.87
N LEU D 131 -22.71 -25.31 -31.55
CA LEU D 131 -22.94 -24.26 -32.52
C LEU D 131 -21.99 -24.42 -33.71
N PHE D 132 -20.76 -24.84 -33.42
CA PHE D 132 -19.75 -25.07 -34.45
C PHE D 132 -20.21 -26.14 -35.42
N PHE D 133 -20.76 -27.24 -34.91
CA PHE D 133 -21.18 -28.33 -35.81
C PHE D 133 -22.42 -28.00 -36.61
N LYS D 134 -23.40 -27.39 -35.96
CA LYS D 134 -24.64 -27.02 -36.63
C LYS D 134 -24.47 -25.79 -37.49
N GLU D 135 -23.39 -25.05 -37.26
CA GLU D 135 -23.13 -23.77 -37.92
C GLU D 135 -24.32 -22.87 -37.62
N ASP D 136 -24.72 -22.87 -36.35
CA ASP D 136 -25.84 -22.06 -35.87
C ASP D 136 -25.22 -20.77 -35.31
N PHE D 137 -25.01 -19.80 -36.19
CA PHE D 137 -24.37 -18.54 -35.81
C PHE D 137 -25.32 -17.35 -35.93
N ASP D 138 -25.18 -16.38 -35.02
CA ASP D 138 -26.01 -15.17 -35.03
C ASP D 138 -25.18 -14.08 -35.74
N ARG D 139 -25.30 -14.04 -37.06
CA ARG D 139 -24.54 -13.09 -37.85
C ARG D 139 -25.05 -11.71 -37.57
N ALA D 140 -24.12 -10.78 -37.39
CA ALA D 140 -24.53 -9.42 -37.11
C ALA D 140 -25.14 -8.70 -38.29
N LYS D 141 -26.04 -7.76 -38.00
CA LYS D 141 -26.60 -6.90 -39.03
C LYS D 141 -25.40 -6.02 -39.43
N TRP D 142 -25.41 -5.46 -40.63
CA TRP D 142 -24.28 -4.65 -41.09
C TRP D 142 -23.81 -3.56 -40.12
N TYR D 143 -24.76 -2.86 -39.49
CA TYR D 143 -24.39 -1.80 -38.58
C TYR D 143 -24.05 -2.27 -37.16
N GLU D 144 -24.00 -3.58 -36.95
CA GLU D 144 -23.63 -4.15 -35.65
C GLU D 144 -22.35 -5.03 -35.76
N ILE D 145 -21.70 -5.01 -36.93
CA ILE D 145 -20.48 -5.79 -37.08
C ILE D 145 -19.48 -5.25 -36.07
N GLY D 146 -18.71 -6.13 -35.42
CA GLY D 146 -17.75 -5.70 -34.42
C GLY D 146 -16.54 -4.95 -34.98
N GLU D 147 -15.79 -4.33 -34.07
CA GLU D 147 -14.59 -3.59 -34.43
C GLU D 147 -13.41 -4.20 -33.72
N VAL D 148 -12.22 -4.00 -34.27
CA VAL D 148 -11.05 -4.56 -33.65
C VAL D 148 -10.00 -3.48 -33.44
N ARG D 149 -9.23 -3.62 -32.36
CA ARG D 149 -8.13 -2.70 -32.12
C ARG D 149 -6.99 -3.56 -31.57
N ARG D 150 -5.79 -3.06 -31.69
CA ARG D 150 -4.61 -3.74 -31.20
C ARG D 150 -4.16 -3.14 -29.87
N GLU D 151 -3.63 -3.99 -29.01
CA GLU D 151 -3.09 -3.59 -27.72
C GLU D 151 -1.78 -4.35 -27.51
N ASP D 152 -0.75 -3.64 -27.06
CA ASP D 152 0.54 -4.25 -26.75
C ASP D 152 0.47 -4.48 -25.24
N ILE D 153 0.56 -5.72 -24.81
CA ILE D 153 0.44 -6.04 -23.39
C ILE D 153 1.73 -6.51 -22.70
N ILE D 154 2.82 -6.56 -23.45
CA ILE D 154 4.08 -7.02 -22.89
C ILE D 154 4.50 -6.27 -21.63
N LYS D 155 4.60 -4.94 -21.69
CA LYS D 155 5.01 -4.19 -20.50
C LYS D 155 3.99 -4.29 -19.36
N PRO D 156 2.70 -4.10 -19.66
CA PRO D 156 1.71 -4.19 -18.59
C PRO D 156 1.76 -5.57 -17.89
N TYR D 157 1.97 -6.63 -18.67
CA TYR D 157 2.03 -7.98 -18.13
C TYR D 157 3.26 -8.14 -17.23
N ILE D 158 4.41 -7.68 -17.72
CA ILE D 158 5.63 -7.75 -16.93
C ILE D 158 5.48 -6.95 -15.63
N GLU D 159 4.94 -5.74 -15.72
CA GLU D 159 4.75 -4.92 -14.53
C GLU D 159 3.81 -5.61 -13.54
N ALA D 160 2.78 -6.28 -14.04
CA ALA D 160 1.84 -6.98 -13.15
C ALA D 160 2.55 -8.09 -12.35
N ILE D 161 3.50 -8.77 -13.00
CA ILE D 161 4.25 -9.81 -12.33
C ILE D 161 5.21 -9.16 -11.30
N LYS D 162 6.00 -8.18 -11.73
CA LYS D 162 6.92 -7.51 -10.82
C LYS D 162 6.27 -6.99 -9.54
N SER D 163 5.06 -6.47 -9.64
CA SER D 163 4.37 -5.92 -8.49
C SER D 163 4.10 -6.96 -7.41
N LYS D 164 4.26 -8.22 -7.76
CA LYS D 164 4.01 -9.31 -6.84
C LYS D 164 5.21 -9.75 -6.03
N VAL D 165 6.39 -9.39 -6.47
CA VAL D 165 7.58 -9.83 -5.76
C VAL D 165 8.47 -8.72 -5.20
N ASP D 166 9.40 -9.10 -4.33
CA ASP D 166 10.33 -8.18 -3.68
C ASP D 166 11.49 -7.86 -4.61
N VAL D 167 11.29 -6.88 -5.48
CA VAL D 167 12.31 -6.50 -6.44
C VAL D 167 13.59 -5.98 -5.80
N GLU D 168 13.47 -5.22 -4.73
CA GLU D 168 14.67 -4.69 -4.06
C GLU D 168 15.51 -5.83 -3.55
N ALA D 169 14.87 -6.85 -2.99
CA ALA D 169 15.61 -8.00 -2.48
C ALA D 169 16.37 -8.70 -3.62
N ILE D 170 15.70 -8.84 -4.76
CA ILE D 170 16.31 -9.50 -5.91
C ILE D 170 17.48 -8.68 -6.47
N LYS D 171 17.28 -7.36 -6.61
CA LYS D 171 18.32 -6.48 -7.13
C LYS D 171 19.53 -6.52 -6.21
N LYS D 172 19.29 -6.63 -4.91
CA LYS D 172 20.38 -6.69 -3.94
C LYS D 172 21.23 -7.94 -4.15
N ARG D 173 20.59 -9.09 -4.33
CA ARG D 173 21.31 -10.35 -4.55
C ARG D 173 21.89 -10.44 -5.99
N LYS D 174 21.15 -9.91 -6.96
CA LYS D 174 21.56 -9.96 -8.36
C LYS D 174 21.80 -11.40 -8.83
N PRO D 175 20.79 -12.26 -8.74
CA PRO D 175 21.04 -13.63 -9.19
C PRO D 175 21.41 -13.71 -10.68
N PHE D 176 22.18 -14.73 -11.03
CA PHE D 176 22.63 -14.93 -12.40
C PHE D 176 21.81 -16.09 -12.95
N VAL D 177 20.84 -15.76 -13.82
CA VAL D 177 19.97 -16.78 -14.38
C VAL D 177 20.16 -16.93 -15.87
N VAL D 178 20.17 -18.17 -16.34
CA VAL D 178 20.29 -18.45 -17.77
C VAL D 178 18.91 -18.94 -18.19
N VAL D 179 18.37 -18.42 -19.30
CA VAL D 179 17.03 -18.78 -19.72
C VAL D 179 16.92 -19.21 -21.18
N ASP D 180 16.17 -20.28 -21.43
CA ASP D 180 15.95 -20.77 -22.79
C ASP D 180 14.45 -20.65 -23.03
N THR D 181 14.04 -19.81 -23.99
CA THR D 181 12.63 -19.60 -24.29
C THR D 181 12.15 -20.37 -25.50
N SER D 182 13.03 -21.23 -26.00
CA SER D 182 12.70 -22.13 -27.10
C SER D 182 12.06 -21.43 -28.31
N ASN D 183 12.60 -20.28 -28.70
CA ASN D 183 12.06 -19.52 -29.83
C ASN D 183 10.56 -19.23 -29.69
N GLY D 184 10.03 -19.33 -28.47
CA GLY D 184 8.61 -19.10 -28.30
C GLY D 184 8.13 -17.74 -27.81
N ALA D 185 6.86 -17.70 -27.44
CA ALA D 185 6.25 -16.46 -26.97
C ALA D 185 6.94 -15.87 -25.76
N GLY D 186 7.55 -16.72 -24.93
CA GLY D 186 8.25 -16.26 -23.75
C GLY D 186 9.50 -15.48 -24.11
N SER D 187 9.92 -15.54 -25.38
CA SER D 187 11.11 -14.81 -25.79
C SER D 187 10.85 -13.32 -25.68
N LEU D 188 9.58 -12.93 -25.69
CA LEU D 188 9.21 -11.52 -25.61
C LEU D 188 9.03 -11.00 -24.21
N THR D 189 9.02 -11.90 -23.23
CA THR D 189 8.76 -11.50 -21.84
C THR D 189 9.79 -11.89 -20.78
N LEU D 190 10.00 -13.19 -20.61
CA LEU D 190 10.89 -13.66 -19.54
C LEU D 190 12.28 -13.02 -19.43
N PRO D 191 13.04 -12.88 -20.53
CA PRO D 191 14.38 -12.27 -20.45
C PRO D 191 14.33 -10.84 -19.90
N TYR D 192 13.27 -10.12 -20.26
CA TYR D 192 13.08 -8.73 -19.86
C TYR D 192 12.64 -8.65 -18.40
N LEU D 193 11.72 -9.54 -18.02
CA LEU D 193 11.22 -9.61 -16.65
C LEU D 193 12.39 -9.85 -15.71
N LEU D 194 13.21 -10.83 -16.07
CA LEU D 194 14.35 -11.18 -15.24
C LEU D 194 15.33 -10.02 -15.09
N ARG D 195 15.58 -9.30 -16.18
CA ARG D 195 16.53 -8.19 -16.11
C ARG D 195 15.95 -7.09 -15.23
N GLU D 196 14.66 -6.82 -15.37
CA GLU D 196 14.02 -5.78 -14.58
C GLU D 196 13.91 -6.13 -13.11
N LEU D 197 13.86 -7.42 -12.79
CA LEU D 197 13.78 -7.85 -11.40
C LEU D 197 15.12 -7.59 -10.73
N GLY D 198 16.17 -7.43 -11.53
CA GLY D 198 17.50 -7.21 -11.00
C GLY D 198 18.48 -8.34 -11.27
N CYS D 199 18.12 -9.30 -12.13
CA CYS D 199 19.05 -10.40 -12.41
C CYS D 199 20.06 -10.11 -13.52
N LYS D 200 21.12 -10.90 -13.53
CA LYS D 200 22.12 -10.84 -14.60
C LYS D 200 21.51 -11.92 -15.50
N VAL D 201 21.24 -11.59 -16.76
CA VAL D 201 20.59 -12.55 -17.67
C VAL D 201 21.34 -12.91 -18.95
N ILE D 202 21.39 -14.20 -19.23
CA ILE D 202 21.99 -14.74 -20.44
C ILE D 202 20.85 -15.56 -21.05
N THR D 203 20.66 -15.50 -22.36
CA THR D 203 19.57 -16.24 -22.95
C THR D 203 20.03 -17.19 -24.04
N VAL D 204 19.26 -18.27 -24.22
CA VAL D 204 19.49 -19.28 -25.23
C VAL D 204 18.18 -19.39 -26.06
N ASN D 205 18.30 -19.30 -27.39
CA ASN D 205 17.14 -19.41 -28.25
C ASN D 205 16.01 -18.41 -27.94
N ALA D 206 16.37 -17.16 -27.65
CA ALA D 206 15.39 -16.13 -27.31
C ALA D 206 14.94 -15.27 -28.48
N GLN D 207 15.23 -15.69 -29.71
CA GLN D 207 14.73 -14.94 -30.85
C GLN D 207 13.42 -15.66 -31.20
N PRO D 208 12.31 -14.92 -31.26
CA PRO D 208 11.00 -15.52 -31.59
C PRO D 208 11.09 -16.10 -32.99
N ASP D 209 10.74 -17.38 -33.16
CA ASP D 209 10.83 -17.98 -34.49
C ASP D 209 9.94 -19.21 -34.53
N GLY D 210 8.79 -19.08 -35.20
CA GLY D 210 7.83 -20.16 -35.30
C GLY D 210 8.37 -21.43 -35.95
N TYR D 211 9.54 -21.35 -36.56
CA TYR D 211 10.15 -22.53 -37.16
C TYR D 211 10.78 -23.39 -36.04
N PHE D 212 10.88 -22.82 -34.84
CA PHE D 212 11.49 -23.52 -33.71
C PHE D 212 12.81 -24.19 -34.11
N PRO D 213 13.78 -23.41 -34.60
CA PRO D 213 15.11 -23.88 -35.04
C PRO D 213 15.84 -24.72 -33.99
N ALA D 214 15.77 -24.32 -32.72
CA ALA D 214 16.49 -25.04 -31.69
C ALA D 214 15.96 -26.46 -31.51
N ARG D 215 14.64 -26.65 -31.47
CA ARG D 215 14.06 -27.99 -31.28
C ARG D 215 12.60 -27.78 -31.03
N ASN D 216 11.82 -28.86 -31.06
CA ASN D 216 10.40 -28.75 -30.78
C ASN D 216 10.39 -28.08 -29.44
N PRO D 217 9.52 -27.11 -29.23
CA PRO D 217 9.41 -26.33 -28.01
C PRO D 217 8.79 -27.02 -26.77
N GLU D 218 9.40 -28.13 -26.38
CA GLU D 218 8.97 -28.91 -25.22
C GLU D 218 10.18 -29.04 -24.31
N PRO D 219 10.12 -28.43 -23.12
CA PRO D 219 11.21 -28.45 -22.14
C PRO D 219 11.35 -29.71 -21.29
N ASN D 220 11.35 -30.90 -21.89
CA ASN D 220 11.56 -32.12 -21.10
C ASN D 220 13.07 -32.30 -20.90
N GLU D 221 13.44 -33.13 -19.92
CA GLU D 221 14.85 -33.34 -19.63
C GLU D 221 15.69 -33.74 -20.84
N GLU D 222 15.17 -34.62 -21.68
CA GLU D 222 15.89 -35.05 -22.88
C GLU D 222 16.29 -33.87 -23.77
N ASN D 223 15.34 -33.00 -24.07
CA ASN D 223 15.59 -31.85 -24.92
C ASN D 223 16.52 -30.80 -24.31
N LEU D 224 16.61 -30.78 -22.99
CA LEU D 224 17.44 -29.78 -22.31
C LEU D 224 18.83 -30.27 -21.95
N LYS D 225 19.23 -31.40 -22.53
CA LYS D 225 20.54 -31.97 -22.23
C LYS D 225 21.65 -30.93 -22.41
N GLU D 226 21.67 -30.27 -23.57
CA GLU D 226 22.66 -29.23 -23.86
C GLU D 226 22.47 -28.01 -22.95
N PHE D 227 21.21 -27.58 -22.77
CA PHE D 227 20.95 -26.42 -21.92
C PHE D 227 21.53 -26.64 -20.52
N MET D 228 21.28 -27.82 -19.95
CA MET D 228 21.79 -28.15 -18.61
C MET D 228 23.31 -27.97 -18.56
N GLU D 229 24.00 -28.43 -19.60
CA GLU D 229 25.45 -28.29 -19.64
C GLU D 229 25.84 -26.82 -19.65
N ILE D 230 25.12 -26.03 -20.43
CA ILE D 230 25.36 -24.60 -20.54
C ILE D 230 25.17 -23.87 -19.21
N VAL D 231 24.17 -24.28 -18.45
CA VAL D 231 23.91 -23.68 -17.13
C VAL D 231 25.15 -23.83 -16.23
N LYS D 232 25.72 -25.03 -16.26
CA LYS D 232 26.89 -25.35 -15.44
C LYS D 232 28.15 -24.68 -16.01
N ALA D 233 28.28 -24.67 -17.32
CA ALA D 233 29.43 -24.06 -17.96
C ALA D 233 29.52 -22.55 -17.66
N LEU D 234 28.39 -21.88 -17.72
CA LEU D 234 28.36 -20.44 -17.46
C LEU D 234 28.54 -20.11 -15.97
N GLY D 235 28.37 -21.12 -15.11
CA GLY D 235 28.49 -20.86 -13.70
C GLY D 235 27.30 -20.05 -13.19
N ALA D 236 26.13 -20.27 -13.78
CA ALA D 236 24.92 -19.55 -13.37
C ALA D 236 24.34 -20.11 -12.06
N ASP D 237 23.59 -19.29 -11.33
CA ASP D 237 22.96 -19.70 -10.08
C ASP D 237 21.90 -20.76 -10.39
N PHE D 238 21.31 -20.66 -11.58
CA PHE D 238 20.33 -21.63 -12.03
C PHE D 238 19.81 -21.28 -13.43
N GLY D 239 19.13 -22.23 -14.06
CA GLY D 239 18.61 -21.97 -15.39
C GLY D 239 17.12 -22.22 -15.42
N VAL D 240 16.47 -21.63 -16.41
CA VAL D 240 15.03 -21.80 -16.58
C VAL D 240 14.71 -21.97 -18.07
N ALA D 241 13.84 -22.92 -18.39
CA ALA D 241 13.44 -23.15 -19.78
C ALA D 241 11.93 -23.13 -19.85
N GLN D 242 11.37 -22.54 -20.91
CA GLN D 242 9.93 -22.51 -21.07
C GLN D 242 9.53 -23.25 -22.34
N ASP D 243 8.25 -23.61 -22.42
CA ASP D 243 7.73 -24.25 -23.62
C ASP D 243 7.31 -23.15 -24.63
N GLY D 244 6.81 -23.60 -25.78
CA GLY D 244 6.42 -22.71 -26.86
C GLY D 244 5.53 -21.53 -26.54
N ASP D 245 4.43 -21.77 -25.84
CA ASP D 245 3.53 -20.66 -25.51
C ASP D 245 3.80 -20.08 -24.14
N ALA D 246 4.90 -20.51 -23.53
CA ALA D 246 5.35 -20.01 -22.24
C ALA D 246 4.42 -20.07 -21.00
N ASP D 247 3.58 -21.09 -20.91
CA ASP D 247 2.80 -21.24 -19.70
C ASP D 247 3.65 -22.08 -18.72
N ARG D 248 4.56 -22.89 -19.23
CA ARG D 248 5.40 -23.72 -18.38
C ARG D 248 6.80 -23.13 -18.14
N ALA D 249 7.39 -23.50 -17.00
CA ALA D 249 8.77 -23.10 -16.64
C ALA D 249 9.42 -24.30 -15.98
N VAL D 250 10.56 -24.71 -16.51
CA VAL D 250 11.31 -25.84 -15.98
C VAL D 250 12.62 -25.30 -15.43
N PHE D 251 12.99 -25.73 -14.22
CA PHE D 251 14.22 -25.26 -13.56
C PHE D 251 15.38 -26.25 -13.54
N ILE D 252 16.60 -25.72 -13.62
CA ILE D 252 17.85 -26.47 -13.63
C ILE D 252 18.76 -25.79 -12.59
N ASP D 253 19.27 -26.56 -11.60
CA ASP D 253 20.13 -25.98 -10.56
C ASP D 253 21.55 -25.69 -11.06
N GLU D 254 22.36 -25.06 -10.20
CA GLU D 254 23.73 -24.69 -10.56
C GLU D 254 24.62 -25.83 -10.99
N ASN D 255 24.20 -27.06 -10.69
CA ASN D 255 25.00 -28.21 -11.07
C ASN D 255 24.52 -28.83 -12.36
N GLY D 256 23.57 -28.17 -13.02
CA GLY D 256 23.06 -28.70 -14.27
C GLY D 256 22.07 -29.81 -14.04
N ARG D 257 21.51 -29.87 -12.84
CA ARG D 257 20.54 -30.91 -12.51
C ARG D 257 19.11 -30.46 -12.83
N PHE D 258 18.36 -31.33 -13.49
CA PHE D 258 16.98 -31.07 -13.85
C PHE D 258 16.12 -31.21 -12.61
N ILE D 259 15.42 -30.15 -12.21
CA ILE D 259 14.56 -30.21 -11.01
C ILE D 259 13.13 -30.53 -11.37
N GLN D 260 12.54 -31.47 -10.64
CA GLN D 260 11.17 -31.88 -10.89
C GLN D 260 10.20 -30.76 -10.54
N GLY D 261 9.18 -30.58 -11.38
CA GLY D 261 8.20 -29.52 -11.19
C GLY D 261 7.58 -29.41 -9.80
N ASP D 262 7.26 -30.56 -9.21
CA ASP D 262 6.66 -30.57 -7.88
C ASP D 262 7.53 -29.93 -6.80
N LYS D 263 8.85 -29.96 -6.99
CA LYS D 263 9.79 -29.36 -6.03
C LYS D 263 9.70 -27.85 -6.04
N THR D 264 9.72 -27.24 -7.24
CA THR D 264 9.62 -25.77 -7.31
C THR D 264 8.21 -25.35 -6.90
N PHE D 265 7.22 -26.20 -7.18
CA PHE D 265 5.84 -25.94 -6.74
C PHE D 265 5.87 -25.91 -5.18
N ALA D 266 6.51 -26.89 -4.56
CA ALA D 266 6.58 -26.93 -3.09
C ALA D 266 7.30 -25.68 -2.54
N LEU D 267 8.39 -25.32 -3.22
CA LEU D 267 9.21 -24.19 -2.85
C LEU D 267 8.38 -22.91 -2.85
N VAL D 268 7.54 -22.75 -3.87
CA VAL D 268 6.69 -21.58 -3.96
C VAL D 268 5.55 -21.64 -2.97
N ALA D 269 4.94 -22.80 -2.83
CA ALA D 269 3.81 -22.95 -1.92
C ALA D 269 4.25 -22.64 -0.48
N ASP D 270 5.46 -23.07 -0.14
CA ASP D 270 6.03 -22.86 1.19
C ASP D 270 6.05 -21.36 1.48
N ALA D 271 6.59 -20.60 0.53
CA ALA D 271 6.68 -19.16 0.71
C ALA D 271 5.29 -18.51 0.78
N VAL D 272 4.43 -18.86 -0.16
CA VAL D 272 3.08 -18.29 -0.24
C VAL D 272 2.23 -18.59 0.99
N LEU D 273 2.18 -19.86 1.39
CA LEU D 273 1.41 -20.26 2.55
C LEU D 273 1.93 -19.62 3.85
N LYS D 274 3.24 -19.38 3.91
CA LYS D 274 3.85 -18.77 5.09
C LYS D 274 3.38 -17.32 5.17
N GLU D 275 3.38 -16.66 4.02
CA GLU D 275 2.94 -15.27 3.91
C GLU D 275 1.51 -15.09 4.37
N LYS D 276 0.62 -16.00 3.94
CA LYS D 276 -0.79 -15.91 4.33
C LYS D 276 -1.05 -16.49 5.71
N GLY D 277 -0.08 -17.26 6.22
CA GLY D 277 -0.23 -17.87 7.53
C GLY D 277 -1.36 -18.89 7.48
N GLY D 278 -1.35 -19.70 6.42
CA GLY D 278 -2.38 -20.71 6.27
C GLY D 278 -2.98 -20.61 4.89
N GLY D 279 -4.26 -20.96 4.76
CA GLY D 279 -4.90 -20.89 3.48
C GLY D 279 -5.30 -22.25 2.95
N LEU D 280 -5.42 -22.35 1.64
CA LEU D 280 -5.81 -23.61 0.99
C LEU D 280 -4.95 -23.90 -0.23
N LEU D 281 -4.30 -25.06 -0.22
CA LEU D 281 -3.47 -25.48 -1.35
C LEU D 281 -4.26 -26.47 -2.15
N VAL D 282 -4.37 -26.27 -3.45
CA VAL D 282 -5.13 -27.16 -4.30
C VAL D 282 -4.22 -27.87 -5.29
N THR D 283 -4.34 -29.19 -5.37
CA THR D 283 -3.52 -29.95 -6.29
C THR D 283 -4.26 -31.23 -6.63
N THR D 284 -3.61 -32.15 -7.34
CA THR D 284 -4.29 -33.38 -7.72
C THR D 284 -3.91 -34.57 -6.84
N VAL D 285 -4.64 -35.67 -7.02
CA VAL D 285 -4.37 -36.87 -6.24
C VAL D 285 -3.01 -37.49 -6.61
N ALA D 286 -2.46 -37.10 -7.76
CA ALA D 286 -1.17 -37.63 -8.21
C ALA D 286 0.05 -36.81 -7.76
N THR D 287 -0.18 -35.72 -7.06
CA THR D 287 0.93 -34.89 -6.59
C THR D 287 1.59 -35.47 -5.32
N SER D 288 2.89 -35.25 -5.20
CA SER D 288 3.68 -35.75 -4.07
C SER D 288 3.17 -35.32 -2.70
N ASN D 289 3.39 -36.17 -1.69
CA ASN D 289 2.97 -35.87 -0.33
C ASN D 289 3.78 -34.68 0.19
N LEU D 290 4.88 -34.37 -0.51
CA LEU D 290 5.69 -33.23 -0.15
C LEU D 290 4.80 -31.99 0.01
N LEU D 291 3.82 -31.85 -0.87
CA LEU D 291 2.93 -30.71 -0.82
C LEU D 291 2.05 -30.75 0.43
N ASP D 292 1.68 -31.94 0.88
CA ASP D 292 0.89 -32.03 2.11
C ASP D 292 1.77 -31.53 3.25
N ASP D 293 3.04 -31.93 3.24
CA ASP D 293 3.96 -31.50 4.29
C ASP D 293 4.08 -29.98 4.36
N ILE D 294 4.18 -29.36 3.19
CA ILE D 294 4.33 -27.91 3.15
C ILE D 294 3.09 -27.25 3.70
N ALA D 295 1.94 -27.76 3.31
CA ALA D 295 0.67 -27.22 3.76
C ALA D 295 0.52 -27.35 5.28
N LYS D 296 0.78 -28.55 5.80
CA LYS D 296 0.69 -28.82 7.24
C LYS D 296 1.57 -27.84 8.00
N LYS D 297 2.80 -27.70 7.51
CA LYS D 297 3.79 -26.80 8.09
C LYS D 297 3.27 -25.40 8.38
N HIS D 298 2.33 -24.92 7.58
CA HIS D 298 1.77 -23.59 7.74
C HIS D 298 0.31 -23.60 8.17
N GLY D 299 -0.18 -24.79 8.52
CA GLY D 299 -1.56 -24.92 8.94
C GLY D 299 -2.58 -24.68 7.83
N ALA D 300 -2.20 -24.96 6.59
CA ALA D 300 -3.11 -24.74 5.47
C ALA D 300 -3.81 -26.05 5.12
N LYS D 301 -5.03 -25.95 4.59
CA LYS D 301 -5.77 -27.12 4.19
C LYS D 301 -5.29 -27.54 2.78
N VAL D 302 -5.57 -28.78 2.42
CA VAL D 302 -5.19 -29.29 1.11
C VAL D 302 -6.41 -29.91 0.43
N MET D 303 -6.57 -29.65 -0.86
CA MET D 303 -7.68 -30.21 -1.62
C MET D 303 -7.05 -31.00 -2.75
N ARG D 304 -7.42 -32.28 -2.87
CA ARG D 304 -6.90 -33.19 -3.88
C ARG D 304 -7.97 -33.45 -4.92
N THR D 305 -7.78 -32.93 -6.13
CA THR D 305 -8.78 -33.10 -7.18
C THR D 305 -8.37 -34.22 -8.11
N LYS D 306 -9.23 -34.47 -9.11
CA LYS D 306 -8.94 -35.48 -10.11
C LYS D 306 -7.82 -34.91 -10.97
N VAL D 307 -7.15 -35.78 -11.72
CA VAL D 307 -6.07 -35.34 -12.59
C VAL D 307 -6.68 -34.82 -13.88
N GLY D 308 -6.09 -33.77 -14.44
CA GLY D 308 -6.62 -33.22 -15.67
C GLY D 308 -6.47 -31.72 -15.76
N ASP D 309 -6.46 -31.22 -16.99
CA ASP D 309 -6.31 -29.79 -17.24
C ASP D 309 -7.51 -28.98 -16.76
N LEU D 310 -7.22 -27.80 -16.22
CA LEU D 310 -8.24 -26.87 -15.74
C LEU D 310 -8.93 -27.28 -14.44
N ILE D 311 -8.76 -28.54 -14.04
CA ILE D 311 -9.44 -28.97 -12.82
C ILE D 311 -8.93 -28.21 -11.61
N VAL D 312 -7.61 -28.13 -11.47
CA VAL D 312 -7.03 -27.43 -10.34
C VAL D 312 -7.38 -25.96 -10.37
N ALA D 313 -7.33 -25.35 -11.55
CA ALA D 313 -7.65 -23.92 -11.68
C ALA D 313 -9.10 -23.69 -11.32
N ARG D 314 -9.97 -24.58 -11.78
CA ARG D 314 -11.38 -24.47 -11.51
C ARG D 314 -11.67 -24.62 -10.01
N ALA D 315 -10.94 -25.53 -9.35
CA ALA D 315 -11.13 -25.73 -7.92
C ALA D 315 -10.64 -24.51 -7.13
N LEU D 316 -9.46 -24.00 -7.50
CA LEU D 316 -8.89 -22.83 -6.84
C LEU D 316 -9.88 -21.68 -6.86
N TYR D 317 -10.51 -21.53 -8.01
CA TYR D 317 -11.50 -20.47 -8.23
C TYR D 317 -12.78 -20.67 -7.41
N GLU D 318 -13.38 -21.84 -7.51
CA GLU D 318 -14.61 -22.15 -6.79
C GLU D 318 -14.45 -22.15 -5.27
N ASN D 319 -13.24 -22.40 -4.77
CA ASN D 319 -13.00 -22.47 -3.33
C ASN D 319 -12.13 -21.34 -2.79
N ASN D 320 -11.88 -20.35 -3.62
CA ASN D 320 -11.05 -19.24 -3.23
C ASN D 320 -9.72 -19.74 -2.64
N GLY D 321 -9.10 -20.71 -3.32
CA GLY D 321 -7.85 -21.28 -2.86
C GLY D 321 -6.74 -20.26 -2.82
N THR D 322 -5.64 -20.61 -2.16
CA THR D 322 -4.51 -19.71 -2.01
C THR D 322 -3.46 -19.91 -3.07
N ILE D 323 -3.11 -21.17 -3.32
CA ILE D 323 -2.09 -21.51 -4.29
C ILE D 323 -2.48 -22.88 -4.84
N GLY D 324 -2.14 -23.12 -6.12
CA GLY D 324 -2.46 -24.38 -6.77
C GLY D 324 -1.31 -24.90 -7.62
N GLY D 325 -1.37 -26.19 -7.95
CA GLY D 325 -0.34 -26.78 -8.78
C GLY D 325 -0.64 -28.22 -9.06
N GLU D 326 0.26 -28.88 -9.77
CA GLU D 326 0.08 -30.28 -10.10
C GLU D 326 1.37 -31.11 -10.10
N GLU D 327 1.25 -32.38 -10.47
CA GLU D 327 2.39 -33.30 -10.51
C GLU D 327 3.67 -32.70 -11.09
N ASN D 328 3.56 -32.13 -12.28
CA ASN D 328 4.71 -31.54 -12.95
C ASN D 328 4.97 -30.09 -12.60
N GLY D 329 4.29 -29.59 -11.58
CA GLY D 329 4.48 -28.20 -11.19
C GLY D 329 3.29 -27.35 -11.65
N GLY D 330 3.47 -26.59 -12.72
CA GLY D 330 2.39 -25.77 -13.20
C GLY D 330 1.69 -25.00 -12.07
N VAL D 331 2.42 -24.08 -11.45
CA VAL D 331 1.84 -23.33 -10.35
C VAL D 331 0.84 -22.27 -10.83
N ILE D 332 -0.25 -22.14 -10.08
CA ILE D 332 -1.29 -21.19 -10.36
C ILE D 332 -1.39 -20.21 -9.21
N PHE D 333 -1.23 -18.94 -9.52
CA PHE D 333 -1.30 -17.85 -8.54
C PHE D 333 -2.64 -17.13 -8.78
N PRO D 334 -3.65 -17.48 -7.98
CA PRO D 334 -5.00 -16.93 -8.06
C PRO D 334 -5.10 -15.42 -8.20
N GLU D 335 -4.22 -14.68 -7.51
CA GLU D 335 -4.25 -13.22 -7.55
C GLU D 335 -3.68 -12.61 -8.83
N HIS D 336 -2.97 -13.46 -9.58
CA HIS D 336 -2.33 -13.07 -10.83
C HIS D 336 -3.23 -13.50 -12.00
N VAL D 337 -3.33 -14.81 -12.23
CA VAL D 337 -4.21 -15.35 -13.27
C VAL D 337 -4.58 -16.81 -12.92
N LEU D 338 -5.85 -17.14 -13.08
CA LEU D 338 -6.35 -18.48 -12.78
C LEU D 338 -5.94 -19.46 -13.89
N GLY D 339 -4.63 -19.57 -14.05
CA GLY D 339 -4.06 -20.45 -15.05
C GLY D 339 -2.59 -20.58 -14.72
N ARG D 340 -1.97 -21.62 -15.25
CA ARG D 340 -0.56 -21.87 -15.01
C ARG D 340 0.27 -20.75 -15.68
N ASP D 341 1.18 -20.14 -14.93
CA ASP D 341 2.00 -19.07 -15.50
C ASP D 341 3.44 -19.23 -15.06
N GLY D 342 4.23 -19.88 -15.91
CA GLY D 342 5.62 -20.08 -15.58
C GLY D 342 6.42 -18.82 -15.34
N ALA D 343 6.08 -17.70 -15.97
CA ALA D 343 6.85 -16.48 -15.73
C ALA D 343 6.64 -15.99 -14.29
N MET D 344 5.42 -16.11 -13.78
CA MET D 344 5.13 -15.69 -12.42
C MET D 344 5.87 -16.63 -11.46
N THR D 345 5.88 -17.91 -11.80
CA THR D 345 6.58 -18.90 -10.98
C THR D 345 8.07 -18.55 -10.93
N VAL D 346 8.66 -18.24 -12.07
CA VAL D 346 10.07 -17.89 -12.12
C VAL D 346 10.34 -16.66 -11.26
N ALA D 347 9.46 -15.67 -11.35
CA ALA D 347 9.66 -14.45 -10.57
C ALA D 347 9.67 -14.77 -9.07
N LYS D 348 8.73 -15.61 -8.65
CA LYS D 348 8.60 -16.00 -7.25
C LYS D 348 9.81 -16.81 -6.78
N VAL D 349 10.24 -17.76 -7.60
CA VAL D 349 11.41 -18.56 -7.28
C VAL D 349 12.66 -17.67 -7.20
N VAL D 350 12.77 -16.69 -8.11
CA VAL D 350 13.91 -15.76 -8.09
C VAL D 350 13.91 -14.97 -6.77
N GLU D 351 12.73 -14.55 -6.34
CA GLU D 351 12.62 -13.83 -5.07
C GLU D 351 13.06 -14.74 -3.91
N ILE D 352 12.53 -15.95 -3.88
CA ILE D 352 12.87 -16.90 -2.82
C ILE D 352 14.38 -17.12 -2.78
N PHE D 353 14.98 -17.34 -3.95
CA PHE D 353 16.42 -17.53 -4.04
C PHE D 353 17.18 -16.33 -3.49
N ALA D 354 16.77 -15.14 -3.94
CA ALA D 354 17.42 -13.92 -3.51
C ALA D 354 17.36 -13.68 -2.01
N LYS D 355 16.31 -14.20 -1.35
CA LYS D 355 16.13 -14.01 0.08
C LYS D 355 16.70 -15.15 0.93
N SER D 356 16.94 -16.29 0.32
CA SER D 356 17.43 -17.48 1.03
C SER D 356 18.91 -17.43 1.44
N GLY D 357 19.75 -16.82 0.61
CA GLY D 357 21.17 -16.77 0.91
C GLY D 357 21.77 -18.16 0.73
N LYS D 358 21.10 -19.00 -0.06
CA LYS D 358 21.56 -20.36 -0.30
C LYS D 358 21.75 -20.61 -1.78
N LYS D 359 22.20 -21.81 -2.12
CA LYS D 359 22.37 -22.17 -3.52
C LYS D 359 21.06 -22.82 -3.97
N PHE D 360 20.75 -22.71 -5.26
CA PHE D 360 19.50 -23.28 -5.74
C PHE D 360 19.36 -24.76 -5.37
N SER D 361 20.45 -25.50 -5.54
CA SER D 361 20.44 -26.94 -5.21
C SER D 361 20.07 -27.19 -3.76
N GLU D 362 20.54 -26.31 -2.87
CA GLU D 362 20.25 -26.44 -1.44
C GLU D 362 18.75 -26.22 -1.14
N LEU D 363 18.16 -25.21 -1.80
CA LEU D 363 16.76 -24.92 -1.59
C LEU D 363 15.93 -26.15 -1.93
N ILE D 364 16.35 -26.86 -2.98
CA ILE D 364 15.63 -28.06 -3.40
C ILE D 364 15.88 -29.26 -2.47
N ASP D 365 17.14 -29.52 -2.18
CA ASP D 365 17.51 -30.66 -1.34
C ASP D 365 17.03 -30.56 0.08
N GLU D 366 16.85 -29.34 0.58
CA GLU D 366 16.38 -29.15 1.95
C GLU D 366 14.91 -29.50 2.13
N LEU D 367 14.21 -29.73 1.03
CA LEU D 367 12.80 -30.09 1.10
C LEU D 367 12.64 -31.55 1.50
N PRO D 368 11.55 -31.89 2.20
CA PRO D 368 11.34 -33.29 2.62
C PRO D 368 11.56 -34.23 1.44
N LYS D 369 12.36 -35.27 1.66
CA LYS D 369 12.68 -36.22 0.61
C LYS D 369 11.64 -37.33 0.41
N TYR D 370 11.36 -37.61 -0.86
CA TYR D 370 10.41 -38.64 -1.26
C TYR D 370 10.96 -39.34 -2.50
N TYR D 371 10.58 -40.60 -2.69
CA TYR D 371 11.04 -41.36 -3.85
C TYR D 371 9.80 -41.90 -4.55
N GLN D 372 9.79 -41.84 -5.88
CA GLN D 372 8.65 -42.33 -6.64
C GLN D 372 9.05 -43.12 -7.88
N ILE D 373 8.17 -44.04 -8.28
CA ILE D 373 8.39 -44.87 -9.45
C ILE D 373 7.11 -44.91 -10.28
N LYS D 374 7.27 -45.06 -11.59
CA LYS D 374 6.13 -45.08 -12.49
C LYS D 374 6.19 -46.24 -13.48
N THR D 375 5.02 -46.64 -13.99
CA THR D 375 4.93 -47.72 -14.97
C THR D 375 3.64 -47.57 -15.75
N LYS D 376 3.64 -48.09 -16.98
CA LYS D 376 2.44 -48.01 -17.81
C LYS D 376 2.20 -49.36 -18.46
N ARG D 377 0.99 -49.88 -18.31
CA ARG D 377 0.64 -51.17 -18.88
C ARG D 377 -0.55 -51.01 -19.82
N HIS D 378 -0.40 -51.48 -21.06
CA HIS D 378 -1.46 -51.39 -22.06
C HIS D 378 -2.68 -52.20 -21.64
N VAL D 379 -3.85 -51.57 -21.68
CA VAL D 379 -5.09 -52.23 -21.32
C VAL D 379 -6.23 -51.81 -22.24
N GLU D 380 -6.99 -52.79 -22.72
CA GLU D 380 -8.11 -52.53 -23.61
C GLU D 380 -9.41 -52.87 -22.90
N GLY D 381 -10.53 -52.60 -23.57
CA GLY D 381 -11.83 -52.90 -22.98
C GLY D 381 -12.25 -51.88 -21.94
N ASP D 382 -12.94 -52.34 -20.91
CA ASP D 382 -13.40 -51.45 -19.84
C ASP D 382 -12.24 -51.15 -18.89
N ARG D 383 -11.14 -50.67 -19.48
CA ARG D 383 -9.94 -50.31 -18.76
C ARG D 383 -10.22 -49.60 -17.44
N HIS D 384 -11.34 -48.88 -17.39
CA HIS D 384 -11.72 -48.18 -16.18
C HIS D 384 -12.31 -49.12 -15.15
N ALA D 385 -13.14 -50.05 -15.60
CA ALA D 385 -13.78 -51.01 -14.70
C ALA D 385 -12.70 -51.89 -14.07
N ILE D 386 -11.56 -51.99 -14.76
CA ILE D 386 -10.44 -52.78 -14.29
C ILE D 386 -9.87 -52.15 -13.03
N VAL D 387 -9.70 -50.82 -13.05
CA VAL D 387 -9.17 -50.10 -11.90
C VAL D 387 -10.11 -50.20 -10.70
N ASN D 388 -11.41 -50.21 -10.98
CA ASN D 388 -12.43 -50.31 -9.93
C ASN D 388 -12.29 -51.62 -9.17
N LYS D 389 -12.02 -52.69 -9.91
CA LYS D 389 -11.84 -54.00 -9.29
C LYS D 389 -10.61 -53.95 -8.39
N VAL D 390 -9.56 -53.30 -8.88
CA VAL D 390 -8.33 -53.17 -8.11
C VAL D 390 -8.62 -52.52 -6.76
N ALA D 391 -9.58 -51.60 -6.74
CA ALA D 391 -9.97 -50.90 -5.52
C ALA D 391 -10.65 -51.84 -4.53
N GLU D 392 -11.65 -52.57 -5.01
CA GLU D 392 -12.39 -53.52 -4.19
C GLU D 392 -11.42 -54.48 -3.51
N MET D 393 -10.60 -55.16 -4.31
CA MET D 393 -9.63 -56.12 -3.78
C MET D 393 -8.80 -55.48 -2.68
N ALA D 394 -8.10 -54.41 -3.02
CA ALA D 394 -7.28 -53.71 -2.06
C ALA D 394 -8.05 -53.48 -0.77
N ARG D 395 -9.29 -52.98 -0.91
CA ARG D 395 -10.15 -52.73 0.25
C ARG D 395 -10.42 -54.03 1.00
N GLU D 396 -10.69 -55.09 0.24
CA GLU D 396 -10.98 -56.41 0.81
C GLU D 396 -9.75 -56.97 1.53
N ARG D 397 -8.57 -56.50 1.13
CA ARG D 397 -7.32 -56.95 1.72
C ARG D 397 -6.86 -56.02 2.85
N GLY D 398 -7.78 -55.19 3.33
CA GLY D 398 -7.48 -54.28 4.41
C GLY D 398 -6.68 -53.06 4.02
N TYR D 399 -6.72 -52.71 2.74
CA TYR D 399 -5.99 -51.55 2.22
C TYR D 399 -6.86 -50.30 2.12
N THR D 400 -6.35 -49.19 2.62
CA THR D 400 -7.05 -47.91 2.55
C THR D 400 -6.91 -47.38 1.13
N VAL D 401 -8.03 -47.33 0.41
CA VAL D 401 -8.03 -46.88 -0.96
C VAL D 401 -8.82 -45.59 -1.14
N ASP D 402 -8.27 -44.69 -1.96
CA ASP D 402 -8.90 -43.41 -2.25
C ASP D 402 -9.27 -43.43 -3.74
N THR D 403 -10.58 -43.46 -4.02
CA THR D 403 -11.05 -43.51 -5.41
C THR D 403 -11.49 -42.18 -6.02
N THR D 404 -10.83 -41.09 -5.62
CA THR D 404 -11.15 -39.78 -6.17
C THR D 404 -10.93 -39.81 -7.68
N ASP D 405 -9.80 -40.37 -8.08
CA ASP D 405 -9.45 -40.50 -9.49
C ASP D 405 -8.63 -41.77 -9.63
N GLY D 406 -9.31 -42.89 -9.85
CA GLY D 406 -8.62 -44.15 -9.98
C GLY D 406 -8.43 -44.73 -8.59
N ALA D 407 -7.57 -45.74 -8.48
CA ALA D 407 -7.31 -46.39 -7.21
C ALA D 407 -5.98 -45.94 -6.60
N LYS D 408 -6.04 -45.38 -5.40
CA LYS D 408 -4.85 -44.91 -4.72
C LYS D 408 -4.76 -45.51 -3.32
N ILE D 409 -3.95 -46.55 -3.18
CA ILE D 409 -3.76 -47.23 -1.90
C ILE D 409 -2.91 -46.33 -1.02
N ILE D 410 -3.45 -45.96 0.13
CA ILE D 410 -2.76 -45.06 1.04
C ILE D 410 -2.07 -45.72 2.21
N PHE D 411 -0.78 -45.46 2.34
CA PHE D 411 0.03 -45.97 3.43
C PHE D 411 0.52 -44.76 4.22
N GLU D 412 0.90 -44.96 5.48
CA GLU D 412 1.38 -43.86 6.29
C GLU D 412 2.73 -43.39 5.80
N ASP D 413 3.39 -44.23 5.02
CA ASP D 413 4.72 -43.95 4.49
C ASP D 413 4.68 -43.48 3.04
N GLY D 414 3.55 -43.68 2.36
CA GLY D 414 3.44 -43.27 0.98
C GLY D 414 2.14 -43.72 0.37
N TRP D 415 2.17 -44.07 -0.91
CA TRP D 415 0.97 -44.53 -1.62
C TRP D 415 1.27 -45.09 -2.99
N VAL D 416 0.23 -45.69 -3.58
CA VAL D 416 0.34 -46.26 -4.91
C VAL D 416 -0.86 -45.82 -5.71
N LEU D 417 -0.63 -45.38 -6.93
CA LEU D 417 -1.73 -44.93 -7.78
C LEU D 417 -1.88 -45.74 -9.06
N VAL D 418 -3.08 -46.30 -9.24
CA VAL D 418 -3.42 -47.08 -10.41
C VAL D 418 -4.57 -46.31 -11.04
N ARG D 419 -4.28 -45.61 -12.12
CA ARG D 419 -5.28 -44.79 -12.79
C ARG D 419 -5.30 -45.11 -14.27
N ALA D 420 -6.48 -45.03 -14.86
CA ALA D 420 -6.64 -45.31 -16.27
C ALA D 420 -6.60 -44.00 -17.07
N SER D 421 -5.81 -43.99 -18.12
CA SER D 421 -5.69 -42.82 -18.98
C SER D 421 -7.06 -42.52 -19.58
N GLY D 422 -7.39 -41.24 -19.76
CA GLY D 422 -8.66 -40.89 -20.34
C GLY D 422 -8.59 -40.81 -21.85
N THR D 423 -7.43 -41.14 -22.41
CA THR D 423 -7.24 -41.08 -23.85
C THR D 423 -6.62 -42.37 -24.39
N GLU D 424 -5.41 -42.66 -23.93
CA GLU D 424 -4.70 -43.86 -24.37
C GLU D 424 -5.11 -45.10 -23.59
N PRO D 425 -5.10 -46.27 -24.26
CA PRO D 425 -5.47 -47.55 -23.63
C PRO D 425 -4.42 -48.00 -22.62
N ILE D 426 -4.15 -47.15 -21.63
CA ILE D 426 -3.15 -47.45 -20.60
C ILE D 426 -3.77 -47.35 -19.22
N ILE D 427 -3.08 -47.92 -18.23
CA ILE D 427 -3.56 -47.89 -16.86
C ILE D 427 -2.35 -47.69 -15.94
N ARG D 428 -1.67 -46.57 -16.13
CA ARG D 428 -0.48 -46.18 -15.37
C ARG D 428 -0.44 -46.56 -13.89
N ILE D 429 0.77 -46.74 -13.38
CA ILE D 429 1.01 -47.10 -11.99
C ILE D 429 2.05 -46.18 -11.38
N PHE D 430 1.63 -45.38 -10.40
CA PHE D 430 2.52 -44.44 -9.72
C PHE D 430 2.66 -44.82 -8.25
N SER D 431 3.87 -44.67 -7.72
CA SER D 431 4.11 -44.99 -6.32
C SER D 431 5.08 -43.99 -5.69
N GLU D 432 4.92 -43.75 -4.40
CA GLU D 432 5.79 -42.83 -3.69
C GLU D 432 5.93 -43.26 -2.25
N ALA D 433 7.12 -43.08 -1.70
CA ALA D 433 7.42 -43.45 -0.31
C ALA D 433 8.65 -42.67 0.13
N LYS D 434 9.06 -42.86 1.38
CA LYS D 434 10.23 -42.14 1.86
C LYS D 434 11.55 -42.89 1.65
N SER D 435 11.47 -44.02 0.94
CA SER D 435 12.64 -44.84 0.66
C SER D 435 12.36 -45.63 -0.62
N LYS D 436 13.40 -45.85 -1.43
CA LYS D 436 13.25 -46.59 -2.69
C LYS D 436 12.64 -47.95 -2.44
N GLU D 437 12.94 -48.54 -1.28
CA GLU D 437 12.43 -49.86 -0.93
C GLU D 437 10.91 -49.83 -0.89
N LYS D 438 10.37 -49.02 0.02
CA LYS D 438 8.93 -48.92 0.13
C LYS D 438 8.30 -48.47 -1.18
N ALA D 439 8.99 -47.59 -1.91
CA ALA D 439 8.51 -47.10 -3.19
C ALA D 439 8.32 -48.27 -4.14
N GLN D 440 9.32 -49.14 -4.19
CA GLN D 440 9.29 -50.30 -5.07
C GLN D 440 8.18 -51.26 -4.63
N GLU D 441 8.11 -51.51 -3.33
CA GLU D 441 7.11 -52.40 -2.76
C GLU D 441 5.72 -51.94 -3.20
N TYR D 442 5.39 -50.71 -2.81
CA TYR D 442 4.09 -50.13 -3.13
C TYR D 442 3.80 -50.22 -4.62
N LEU D 443 4.84 -50.01 -5.44
CA LEU D 443 4.68 -50.09 -6.89
C LEU D 443 4.25 -51.51 -7.26
N ASN D 444 5.03 -52.48 -6.81
CA ASN D 444 4.74 -53.88 -7.09
C ASN D 444 3.34 -54.27 -6.61
N LEU D 445 2.95 -53.76 -5.45
CA LEU D 445 1.62 -54.04 -4.90
C LEU D 445 0.58 -53.67 -5.95
N GLY D 446 0.80 -52.54 -6.61
CA GLY D 446 -0.12 -52.06 -7.64
C GLY D 446 -0.13 -52.98 -8.84
N ILE D 447 1.05 -53.36 -9.30
CA ILE D 447 1.17 -54.24 -10.45
C ILE D 447 0.52 -55.59 -10.12
N GLU D 448 0.71 -56.06 -8.90
CA GLU D 448 0.14 -57.32 -8.45
C GLU D 448 -1.37 -57.30 -8.59
N LEU D 449 -2.01 -56.35 -7.91
CA LEU D 449 -3.45 -56.21 -7.94
C LEU D 449 -3.95 -56.02 -9.36
N LEU D 450 -3.22 -55.24 -10.15
CA LEU D 450 -3.60 -54.96 -11.52
C LEU D 450 -3.76 -56.26 -12.31
N GLU D 451 -2.72 -57.07 -12.29
CA GLU D 451 -2.72 -58.33 -13.00
C GLU D 451 -3.80 -59.29 -12.54
N LYS D 452 -3.93 -59.48 -11.22
CA LYS D 452 -4.96 -60.38 -10.70
C LYS D 452 -6.33 -59.87 -11.10
N ALA D 453 -6.43 -58.55 -11.29
CA ALA D 453 -7.69 -57.92 -11.67
C ALA D 453 -8.04 -58.24 -13.11
N LEU D 454 -7.06 -58.14 -13.99
CA LEU D 454 -7.28 -58.43 -15.40
C LEU D 454 -7.04 -59.90 -15.70
N SER D 455 -6.98 -60.24 -16.99
CA SER D 455 -6.76 -61.62 -17.43
C SER D 455 -7.74 -62.60 -16.81
#